data_9HAN
#
_entry.id   9HAN
#
_cell.length_a   1.00
_cell.length_b   1.00
_cell.length_c   1.00
_cell.angle_alpha   90.00
_cell.angle_beta   90.00
_cell.angle_gamma   90.00
#
_symmetry.space_group_name_H-M   'P 1'
#
loop_
_entity.id
_entity.type
_entity.pdbx_description
1 polymer 'Collagen type VI alpha 3 chain'
2 polymer 'Collagen type VI alpha 1 chain'
3 polymer 'Collagen type VI alpha 2 chain'
4 branched 2-acetamido-2-deoxy-beta-D-glucopyranose-(1-4)-[alpha-L-fucopyranose-(1-6)]2-acetamido-2-deoxy-beta-D-glucopyranose
5 branched 2-acetamido-2-deoxy-beta-D-glucopyranose-(1-4)-2-acetamido-2-deoxy-beta-D-glucopyranose
6 branched beta-D-mannopyranose-(1-4)-2-acetamido-2-deoxy-beta-D-glucopyranose-(1-4)-2-acetamido-2-deoxy-beta-D-glucopyranose
7 non-polymer 2-acetamido-2-deoxy-beta-D-glucopyranose
#
loop_
_entity_poly.entity_id
_entity_poly.type
_entity_poly.pdbx_seq_one_letter_code
_entity_poly.pdbx_strand_id
1 'polypeptide(L)'
;MRKHRHLPLVAILCLFFSGFSFTRGQQQPENYTSLHDIVGNLVACVRSSMAPERAGGTEIPKDITAQDSADIIFLIDGSN
NTGSVNFAVILDFLVNLLERLSIGTQQIRVGVVQYSDEPRTMFSLNSYSTKAQVLDAVKALGFIGGELANVGLALDFVVE
NHFTRAGGSRAEEGVPQVLVLISAGPSSDEIRDGVVALKQASVFSFGLGAQAASKAELQHIATNDNLVFTVPEFRSLGDV
QEQLLPYIVGVAQRHIVLQPPTIVTQVIEVNKRDIVFLVDGSSKLGLTNFNAIRDFIAKVIQRLEIRQDLIQVAVAQYAD
TVRPEFYFNTYPSKREVINAVRKMKALDGSALYTGSALDFVRNNLFTEAAGYRAAEGVPKLLVLVTGGKSLDAVSQPAQE
LKRSGILAFAVGNKVADQAELEEIAFDSSLVFTATEFRPAPLQGVLPGLLGPLRTLTGTTEVRVNKRDIIFLLDGSSNVG
ETNFPYVRDFVMNLVNSLDVGSDHIRVGLVQFSDTPVTEFSLNTYPTKSELLAHLRQMQLQGGSVLNTGAALSYVHANHF
TEAGGSRIQDHVPQLLLLLTAGQSEDSYLQAANALARAGILTFCVGTSQADRAELEEIAFNPGLVYLMDDFSSLPALPQQ
LIQPLTTYVSGGVEEVPLAQPESKRDILFLFDGSANLMGQFTAARDFLYKVIDELDVKPEGTRVAVAQFSDDVKVESRFD
QHQNKPEILNLVKRMKLKTGKALNLGYALDYAQRYIFVKSAGSRIEDGVLQFLVLLVAGKSSDRVDTPALNLKQSGVVPF
ILQAKNADPAELELIVPSPAFILVAESLPKIGDLQPQIVNLLKSVQNGAPAPVSVEKDVVFLIDGSEGVRSGFPLLKEFV
QRVVESLDVGPDRVRVAVVQYSDRTRPEFYLNSYMDQQSVVGAIRGLTLLGGPAPNTGAALEFVLRNILVGSAGSRIAEG
VPQLLIVLTADRSGDDVRGPSVVLRRGGAVPIGIGIGNADITEMQTLSFVPDFAVVIPTFRQLGTIQQVISERVTQLSRE
ELSRLQASVTPLTTPVVSSKRDVVFLIDGSQSAGPEFQYIRTLIERLVDYLDVGFDTTRVAVIQFSDDPRVEFLLNVHSS
KDEVQNAVRRLRPKGGRQVNVGGALEYVARNIFKRPLGSRIEEGVPQFLVLISSGKSDDEVEDSAIELKQFGVAPLTIAR
NVDQEELVKISLSPEYVFSVNTFRELPSLEQKLLTPLTTLTAGQIQQLLASTRYPPPAVESDAADIVFLIDSSDGVKPDG
IAHIRDFVIRIVRRLNVGPNKVRIGVLQFSNDVFPEFQLKTYKSQASVLDAIRRLRFKGGSPLNTGKALEFVARNYFVKS
AGSRIEDGVPQHLVLFLGGKSQDDISRYSQVIKSAGIASLGVGDRNIDRTELQTITSDPRLVFTVREFRDLPSIEERMVN
SFGSSGVTPAPPGVDTPSPSRPEKKKADIVFLLDGSINFRRDSFQEVLRFVSEIVDTVYEGGDSIQVGLVQYNSDPTDEF
FLKDFPTKQQIIDAINKVVYKGGRHANTKVGLEHLRRNHFVPEAGSRLDQRVPQIAFVITGGKSVEDAQEASMALTQRGV
KVFAVGVRNIDSEEVGKIASNSATAFRVGNVQELSELSEQVLETLHDAMHETLCPGVTDVSKACNLDVILGFDGSGDQNV
FVAQKGLEPKVDTILRRISQMQKISCSGSQLPTVRVSVVALTPSGPVEAFDFAEYQPELFEKFQNMRAQHPYVLTADTLK
LYQNKFRQASMDNVKVVIHFTDGVDGDLADLQRASEELRQEGVRALILVGLERVANLEQLMQLEFGRGFTYNRPLRLNLL
DLDYELAEQLDNIAEKACCGIPCKCSGQRGDRGPIGSIGPKGIPGEDGYRGYPGDEGGPGERGPPGVNGTQGFQGCPGQR
GVKGSRGFPGEKGELGEIGLDGLDGEDGDKGLPGTSGEKGSPGRRGDKGPKGDKGERGDVGIRGDPGNSGQDSQQRGAKG
ETGDIGPVGLPGRDGVSGGPGEPGKSGGFGRRGPAGAKGNQGGPGQQGPVGEQGTRGAQGPPGPTGPPGLIGEQGIPGPR
GGGGTAGAPGERGRTGPLGRKGEPGDPGPKGSIGNRGPRGETGDDGRDGVGSEGRIGKKGERGFPGYPGPKGNPGEPGTD
GPPGPKGIRGRRGNSGPPGIAGQKGDPGYPGPSGYKGSRGDSMDQCALVQSIKDKCPCCYGPLECPVFPTELAFALDTSE
GVTQDRFSQMREVVLKILDDLTIAESNCPRGARVAVVTYNNEVTTEIRFADSKKKSVLLDKIKNLQVSLTSKQQSLETAM
SFVARNTFKRVRSGFLMRKVAVFFSNKPTRATPQLREAVLKLSDAGITPLFLTSQEDRQLINALQINNTAVGHALVLPAG
GDLTDFLKNVLTCHVCLDICNIDPSCGFGSWRPSFRDRRAAGSDVDIDMAFILDSSESTTPFQFNEMRKYIEYLVRQLDV
SPDPKASQHFARVAVVQHAPYEAVDNASVPPVKVEFSLTDYGSKEKLLAFLGSRMTQLQGTRALGRAIDYTIENIFESAP
NPRDLKIVVLMLTGEVQKQQLEEAQRAILQAKCKGYFFVILGIGRKVNVKELYSSASEPNDVFFKLVDKSTELNEEPLMR
FGRLLPSFVSSKDAFYLSPDIRKQCDWFQADQPAKNLVQFGYKQINVPNNVTSSPTSKLVTTTKPVITTTKPITVVNLPA
SKPAATRPVDERPAAGRSVATKMDSARPVATKTEATKPVATKTEATKTEAAKPVVTKAEAAKPTATKTEATKTEAAKLMA
TKTEATKPVAARPEAAKTATARPAAAAKPAAAKPAPARPPTAARSMATRSEAPRPQAVKLAASRPGAAKPVVKAPREIHV
SEVTENSAKLHWERPEPPSPYLYNLTVTSAHDQAVVLKQNLTVTDRVIGGLLPGQTYHVTVTCSLRSQVRAIYQGSFSTK
KIQPPPPQTERSASSATINLVVSADRLAGSKADICKLPKDGGTCREFVLKWYYDSVTENCARFWYGGCGGNENRFNSQDE
CEKVCPPVPIKQPGVIAAMGT
;
C,F
2 'polypeptide(L)'
;MRLPRALLPLLLQACWASAQDDPVASRAIAFQDCPVDLFFVLDTSESVALRLKPYGALVDKVKSFTKRFIDNLNDRYYRC
DRNLVWNAGALHYSDEVEIIRGLTRMPSGRDELKSSVDAVKYFGKGTYTDCAIKKGLEELLVGGSHLKENKYLVVVTDGH
PLEGYKEPCGGLEDAVNEAKHLGIKVFSVAITPDHLEPRLSIIATDHTYRRNFTAADWGQSRDAEEVISQTIDTITDMIK
NNVEQVCCSFECQPARGPPGPRGDPGYEGERGKPGLPGEKGEAGDPGRPGDLGPVGYQGMKGEKGSRGEKGSRGPKGYKG
EKGKRGMDGVDGMKGETGFPGLPGCKGSPGFDGIQGPPGPKGDPGAFGLKGQKGEPGADGEPGRPGSTGPPGDEGEPGEP
GPPGEKGEAGDEGNAGPDGAPGERGGPGERGPRGTPGARGPRGDPGEAGPQGDQGREGPVGVPGDPGEAGPIGPKGYRGD
EGPPGTEGPKGAPGPAGPPGDPGLMGERGEDGPPGNGTEGFPGFPGYPGSRGPPGINGTKGYPGLKGDEGEAGDPGEDNN
DIAARGAKGAKGYRGPEGPQGPPGHVGPPGPDECEILDIIMKMCSCCECKCGPIDILFVLDSSESIGLQNFEIAKDFIVK
VIDRLSKDELVKFEPGQSHAGVVQYSHNQMQEHVDLRDPNIRNAQDLKEAIKKLQWMGGGTFTGEALQYTRSRLLPPTPN
NRIALVITDGRSDTQRDTTPLSVLCGPDIQVVSVGIKDVFGLAAGSDQLNVISCQGLAPQGRPGISLVKENYAELLDDGF
LKNITAQICIDKKCPDYSCPITFSSPADITILLDGSASVGSHNFDITKRFAKRLAERFLTASRTDPGQDVRVAVVQYSGT
GQQRPERAALQFLQNYTVLANTVDSMDFFNDATDVMDALGYVTRFYREASSNAAKKRLLLFSDGNSQGATPAAIEKAVQE
AQRAGVEIFAVVVGRQVNEPHVRVLVTGKAAEYDVVFGERHLFRVPSYQALLRGVFYQTVSRKVALD
;
A,D
3 'polypeptide(L)'
;MLRRKGAAKMLRSPCSALLLWGLLGAVHAQQQEVISPGPSDRNSCPEKADCPVHVYFVLDTSESITMQSPTDSLLYHMQQ
FVLQFISQLQDELYLDQVALSWRYGGLHFSDLVEVFSPPGSDRASFTKSLQSISSFRRGTFTDCMLANMTQEVRRHVGKG
VVNFAVVITDGHVTGSPCGGIKLQAERAREEGIRLFAVPPNLKLNEQGLRDIANTPHELYRNNYATMRPDSTEIDQDTIN
RIIKVMKHEAYGECYKVSCLEIPGPPGPKGYRGQKGAKGNMGEPGEPGQKGRQGDPGIEGPIGFPGPKGVPGFKGEKGEF
GADGRKGAPGLAGKNGTDGQKGKLGRIGPPGCKGDTGDRGPDGYVGEAGSPGERGDQGSKGDPGRPGRRGPPGENGAKGS
KGYQGNNGAPGSPGLKGAKGGPGPRGPKGEPGRRGDPGTKGGPGSDGPKGEKGDPGPEGPRGLAGEVGNKGAKANRGLPG
PRGPQGTVGEPGKQGSRGDPGDAGPRGDSGQPGPKGDPGRPGFSYPGPRGAPGDKGEPGPPGPEGGRGDFGSKGEPGRKG
QKGEPADPGPPGEPGPRGQRGAPGPEGEPGPPGDPGLTECDVMTYVRETCGCCDCEKRCGALDVVFVIDSSESIGYTNFT
LEKNFVINVVNRLGAIAKDPKSETGTRVGVVQYSHEGTFEAIQLDDERIDSLSSFKEAVKNLEWIAGGTWTPSALKFAYN
KLIKESRRQKTRVFAVVITDGRHDPRDDDLNLRALCNHEVTVTAIGIGDMFHEKHESENLYSIACDKPQQVRNMTLFSDL
VAEKFIDDMEDVLCPDPQIVCPDLPCQTELYVAQCTQRPVDIVFLLDGSERLGEQNFHKVRRFVEEVSRRLTLARKDDDP
LNARVALLQFGGPREQQVAFPLTSNLTVIQEALASARYLNSFSHVGTGIVQAINQVVQGARAGARRHAELSFVFLTDGVT
GNDSLDEAVHSMRKQNVVPTVVAVGSDVDTDVLSKISLGDPAAVFREKDYDSLAQPGFFDRFIRWIC
;
B,E
#
loop_
_chem_comp.id
_chem_comp.type
_chem_comp.name
_chem_comp.formula
BMA D-saccharide, beta linking beta-D-mannopyranose 'C6 H12 O6'
FUC L-saccharide, alpha linking alpha-L-fucopyranose 'C6 H12 O5'
NAG D-saccharide, beta linking 2-acetamido-2-deoxy-beta-D-glucopyranose 'C8 H15 N O6'
#
# COMPACT_ATOMS: atom_id res chain seq x y z
N SER A 2193 -14.07 -26.08 10.59
CA SER A 2193 -12.93 -26.75 9.99
C SER A 2193 -11.89 -27.12 11.05
N GLY A 2194 -10.99 -28.05 10.71
CA GLY A 2194 -9.94 -28.42 11.62
C GLY A 2194 -8.83 -27.40 11.68
N TYR A 2195 -7.99 -27.54 12.69
CA TYR A 2195 -6.89 -26.59 12.88
C TYR A 2195 -5.77 -26.87 11.89
N LYS A 2196 -4.81 -25.94 11.85
CA LYS A 2196 -3.74 -26.02 10.86
C LYS A 2196 -2.96 -27.31 11.02
N GLY A 2197 -2.56 -27.89 9.88
CA GLY A 2197 -1.82 -29.12 9.90
C GLY A 2197 -0.42 -28.95 10.46
N SER A 2198 0.22 -30.07 10.74
CA SER A 2198 1.50 -30.05 11.41
C SER A 2198 2.58 -29.45 10.51
N ARG A 2199 3.56 -28.84 11.17
CA ARG A 2199 4.71 -28.26 10.45
C ARG A 2199 5.47 -29.43 9.87
N GLY A 2200 5.84 -29.33 8.60
CA GLY A 2200 6.50 -30.38 7.86
C GLY A 2200 7.96 -30.60 8.27
N ASP A 2201 8.69 -31.22 7.35
CA ASP A 2201 10.03 -31.75 7.64
C ASP A 2201 11.08 -30.65 7.50
N SER A 2202 12.35 -31.05 7.63
CA SER A 2202 13.46 -30.13 7.55
C SER A 2202 14.72 -30.91 7.17
N MET A 2203 15.75 -30.16 6.76
CA MET A 2203 17.04 -30.73 6.40
C MET A 2203 18.04 -30.72 7.55
N ASP A 2204 17.55 -30.87 8.78
CA ASP A 2204 18.40 -30.79 9.97
C ASP A 2204 19.00 -29.40 10.09
N GLN A 2205 19.68 -29.12 11.21
CA GLN A 2205 20.22 -27.80 11.48
C GLN A 2205 21.66 -27.64 10.99
N CYS A 2206 22.53 -28.59 11.36
CA CYS A 2206 23.94 -28.48 11.00
C CYS A 2206 24.21 -28.78 9.54
N ALA A 2207 23.84 -29.97 9.07
CA ALA A 2207 24.30 -30.40 7.76
C ALA A 2207 23.90 -29.43 6.66
N LEU A 2208 22.77 -28.74 6.81
CA LEU A 2208 22.44 -27.67 5.86
C LEU A 2208 23.51 -26.59 5.89
N VAL A 2209 24.04 -26.28 7.06
CA VAL A 2209 25.11 -25.29 7.15
C VAL A 2209 26.36 -25.81 6.46
N GLN A 2210 26.68 -27.09 6.63
CA GLN A 2210 27.79 -27.68 5.88
C GLN A 2210 27.61 -27.45 4.39
N SER A 2211 26.43 -27.80 3.87
CA SER A 2211 26.15 -27.64 2.45
C SER A 2211 26.35 -26.18 2.01
N ILE A 2212 25.61 -25.26 2.64
CA ILE A 2212 25.67 -23.87 2.24
C ILE A 2212 27.10 -23.34 2.39
N LYS A 2213 27.86 -23.89 3.33
CA LYS A 2213 29.22 -23.42 3.57
C LYS A 2213 30.13 -23.80 2.41
N ASP A 2214 30.09 -25.06 1.99
CA ASP A 2214 30.95 -25.46 0.88
C ASP A 2214 30.61 -24.66 -0.37
N LYS A 2215 29.37 -24.20 -0.47
CA LYS A 2215 28.84 -23.64 -1.71
C LYS A 2215 28.87 -22.12 -1.78
N CYS A 2216 29.28 -21.43 -0.72
CA CYS A 2216 29.26 -19.96 -0.73
C CYS A 2216 30.69 -19.45 -0.85
N PRO A 2217 31.12 -18.96 -2.02
CA PRO A 2217 32.55 -18.70 -2.22
C PRO A 2217 33.17 -17.81 -1.15
N CYS A 2218 34.40 -18.14 -0.78
CA CYS A 2218 35.21 -17.34 0.13
C CYS A 2218 34.77 -17.50 1.58
N CYS A 2219 33.67 -18.22 1.80
CA CYS A 2219 33.19 -18.48 3.15
C CYS A 2219 33.68 -19.81 3.71
N TYR A 2220 34.42 -20.59 2.90
CA TYR A 2220 35.07 -21.80 3.37
C TYR A 2220 36.58 -21.71 3.22
N GLY A 2221 37.11 -20.50 3.14
CA GLY A 2221 38.54 -20.29 3.03
C GLY A 2221 39.14 -19.88 4.36
N PRO A 2222 39.37 -18.59 4.56
CA PRO A 2222 39.94 -18.11 5.83
C PRO A 2222 38.88 -18.05 6.92
N LEU A 2223 39.00 -18.94 7.90
CA LEU A 2223 38.07 -18.94 9.02
C LEU A 2223 38.38 -17.79 9.96
N GLU A 2224 37.33 -17.26 10.59
CA GLU A 2224 37.47 -16.21 11.60
C GLU A 2224 36.44 -16.45 12.69
N CYS A 2225 36.91 -16.60 13.92
CA CYS A 2225 35.99 -16.82 15.02
C CYS A 2225 35.27 -15.53 15.37
N PRO A 2226 34.04 -15.61 15.88
CA PRO A 2226 33.30 -16.82 16.23
C PRO A 2226 32.77 -17.54 15.00
N VAL A 2227 32.53 -18.85 15.08
CA VAL A 2227 32.08 -19.60 13.91
C VAL A 2227 30.75 -19.03 13.42
N PHE A 2228 29.87 -18.70 14.35
CA PHE A 2228 28.62 -18.03 14.03
C PHE A 2228 28.44 -16.84 14.96
N PRO A 2229 27.69 -15.82 14.54
CA PRO A 2229 27.49 -14.66 15.41
C PRO A 2229 26.97 -15.09 16.77
N THR A 2230 27.58 -14.53 17.82
CA THR A 2230 27.29 -14.97 19.17
C THR A 2230 27.41 -13.79 20.12
N GLU A 2231 26.76 -13.91 21.26
CA GLU A 2231 26.92 -12.98 22.36
C GLU A 2231 27.90 -13.56 23.35
N LEU A 2232 28.80 -12.72 23.84
CA LEU A 2232 29.77 -13.11 24.86
C LEU A 2232 29.66 -12.14 26.01
N ALA A 2233 29.48 -12.67 27.22
CA ALA A 2233 29.25 -11.87 28.41
C ALA A 2233 30.38 -12.12 29.41
N PHE A 2234 31.31 -11.19 29.50
CA PHE A 2234 32.34 -11.21 30.53
C PHE A 2234 31.77 -10.64 31.83
N ALA A 2235 32.03 -11.31 32.93
CA ALA A 2235 31.63 -10.81 34.25
C ALA A 2235 32.81 -10.98 35.19
N LEU A 2236 33.40 -9.88 35.61
CA LEU A 2236 34.54 -9.89 36.51
C LEU A 2236 34.08 -9.88 37.96
N ASP A 2237 34.99 -10.24 38.85
CA ASP A 2237 34.72 -10.35 40.27
C ASP A 2237 35.70 -9.51 41.06
N THR A 2238 35.18 -8.80 42.06
CA THR A 2238 35.98 -7.94 42.92
C THR A 2238 35.83 -8.35 44.38
N SER A 2239 35.60 -9.64 44.62
CA SER A 2239 35.38 -10.10 45.98
C SER A 2239 36.63 -9.89 46.82
N GLU A 2240 36.43 -9.62 48.11
CA GLU A 2240 37.53 -9.32 49.02
C GLU A 2240 38.64 -10.35 48.89
N GLY A 2241 39.88 -9.88 48.98
CA GLY A 2241 41.04 -10.73 48.83
C GLY A 2241 41.51 -10.93 47.42
N VAL A 2242 40.75 -10.47 46.43
CA VAL A 2242 41.16 -10.57 45.03
C VAL A 2242 42.40 -9.70 44.84
N THR A 2243 43.54 -10.33 44.58
CA THR A 2243 44.78 -9.57 44.41
C THR A 2243 44.73 -8.74 43.14
N GLN A 2244 45.26 -7.53 43.22
CA GLN A 2244 45.24 -6.64 42.06
C GLN A 2244 46.00 -7.24 40.89
N ASP A 2245 47.09 -7.94 41.16
CA ASP A 2245 47.84 -8.59 40.09
C ASP A 2245 46.99 -9.66 39.41
N ARG A 2246 46.21 -10.41 40.21
CA ARG A 2246 45.29 -11.38 39.61
C ARG A 2246 44.24 -10.67 38.76
N PHE A 2247 43.80 -9.49 39.20
CA PHE A 2247 42.88 -8.72 38.37
C PHE A 2247 43.53 -8.34 37.06
N SER A 2248 44.81 -7.97 37.10
CA SER A 2248 45.53 -7.67 35.86
C SER A 2248 45.59 -8.90 34.96
N GLN A 2249 45.83 -10.07 35.56
CA GLN A 2249 45.90 -11.29 34.78
C GLN A 2249 44.58 -11.56 34.07
N MET A 2250 43.46 -11.42 34.81
CA MET A 2250 42.17 -11.63 34.17
C MET A 2250 41.90 -10.56 33.12
N ARG A 2251 42.36 -9.33 33.36
CA ARG A 2251 42.23 -8.28 32.35
C ARG A 2251 42.95 -8.66 31.06
N GLU A 2252 44.17 -9.18 31.19
CA GLU A 2252 44.90 -9.63 30.02
C GLU A 2252 44.18 -10.78 29.32
N VAL A 2253 43.63 -11.72 30.10
CA VAL A 2253 42.93 -12.85 29.51
C VAL A 2253 41.74 -12.36 28.69
N VAL A 2254 40.95 -11.46 29.26
CA VAL A 2254 39.78 -10.95 28.54
C VAL A 2254 40.21 -10.17 27.31
N LEU A 2255 41.27 -9.37 27.43
CA LEU A 2255 41.73 -8.59 26.28
C LEU A 2255 42.17 -9.51 25.15
N LYS A 2256 42.93 -10.56 25.48
CA LYS A 2256 43.35 -11.51 24.45
C LYS A 2256 42.14 -12.17 23.80
N ILE A 2257 41.17 -12.59 24.61
CA ILE A 2257 39.99 -13.25 24.05
C ILE A 2257 39.28 -12.31 23.09
N LEU A 2258 39.10 -11.05 23.49
CA LEU A 2258 38.46 -10.08 22.60
C LEU A 2258 39.24 -9.95 21.30
N ASP A 2259 40.56 -9.78 21.38
CA ASP A 2259 41.32 -9.53 20.15
C ASP A 2259 41.26 -10.72 19.22
N ASP A 2260 41.29 -11.94 19.76
CA ASP A 2260 41.21 -13.13 18.92
C ASP A 2260 39.87 -13.24 18.21
N LEU A 2261 38.85 -12.52 18.65
CA LEU A 2261 37.51 -12.58 18.08
C LEU A 2261 37.18 -11.30 17.35
N THR A 2262 36.46 -11.42 16.24
CA THR A 2262 35.94 -10.27 15.53
C THR A 2262 34.66 -9.78 16.23
N ILE A 2263 33.97 -8.83 15.62
CA ILE A 2263 32.73 -8.30 16.17
C ILE A 2263 31.80 -7.95 15.02
N ALA A 2264 30.52 -7.76 15.35
CA ALA A 2264 29.50 -7.35 14.38
C ALA A 2264 29.21 -5.87 14.60
N GLU A 2265 30.02 -5.02 13.99
CA GLU A 2265 29.85 -3.58 14.18
C GLU A 2265 28.49 -3.13 13.66
N SER A 2266 28.09 -3.61 12.49
CA SER A 2266 26.85 -3.20 11.87
C SER A 2266 25.70 -4.07 12.37
N ASN A 2267 24.55 -3.96 11.72
CA ASN A 2267 23.39 -4.77 12.06
C ASN A 2267 23.34 -6.08 11.29
N CYS A 2268 24.35 -6.38 10.50
CA CYS A 2268 24.38 -7.64 9.77
C CYS A 2268 24.53 -8.79 10.76
N PRO A 2269 23.67 -9.81 10.70
CA PRO A 2269 23.78 -10.91 11.68
C PRO A 2269 25.01 -11.75 11.45
N ARG A 2270 26.18 -11.19 11.73
CA ARG A 2270 27.44 -11.91 11.57
C ARG A 2270 28.50 -11.19 12.39
N GLY A 2271 29.06 -11.89 13.36
CA GLY A 2271 30.07 -11.33 14.25
C GLY A 2271 29.65 -11.44 15.71
N ALA A 2272 30.59 -11.05 16.57
CA ALA A 2272 30.44 -11.21 18.01
C ALA A 2272 29.99 -9.92 18.67
N ARG A 2273 28.99 -10.03 19.53
CA ARG A 2273 28.60 -8.94 20.41
C ARG A 2273 29.15 -9.23 21.81
N VAL A 2274 29.43 -8.16 22.56
CA VAL A 2274 30.11 -8.27 23.83
C VAL A 2274 29.33 -7.53 24.91
N ALA A 2275 29.45 -8.01 26.13
CA ALA A 2275 28.84 -7.35 27.29
C ALA A 2275 29.71 -7.61 28.50
N VAL A 2276 30.17 -6.54 29.16
CA VAL A 2276 31.11 -6.66 30.27
C VAL A 2276 30.45 -6.10 31.52
N VAL A 2277 30.49 -6.87 32.61
CA VAL A 2277 29.88 -6.51 33.88
C VAL A 2277 30.84 -6.87 35.01
N THR A 2278 30.58 -6.30 36.18
CA THR A 2278 31.29 -6.66 37.40
C THR A 2278 30.28 -7.06 38.45
N TYR A 2279 30.60 -8.08 39.24
CA TYR A 2279 29.65 -8.61 40.20
C TYR A 2279 30.31 -8.87 41.54
N ASN A 2280 29.51 -8.74 42.59
CA ASN A 2280 29.86 -9.05 43.96
C ASN A 2280 28.56 -9.47 44.65
N ASN A 2281 28.51 -9.38 45.98
CA ASN A 2281 27.23 -9.53 46.66
C ASN A 2281 26.14 -8.74 45.95
N GLU A 2282 26.51 -7.66 45.25
CA GLU A 2282 25.65 -6.95 44.32
C GLU A 2282 26.25 -7.04 42.92
N VAL A 2283 25.65 -6.29 41.99
CA VAL A 2283 26.11 -6.28 40.60
C VAL A 2283 26.10 -4.84 40.10
N THR A 2284 26.91 -4.58 39.06
CA THR A 2284 26.99 -3.25 38.47
C THR A 2284 27.37 -3.42 37.00
N THR A 2285 26.43 -3.12 36.11
CA THR A 2285 26.71 -3.19 34.67
C THR A 2285 27.77 -2.16 34.29
N GLU A 2286 28.64 -2.53 33.37
CA GLU A 2286 29.69 -1.64 32.87
C GLU A 2286 29.48 -1.29 31.41
N ILE A 2287 29.39 -2.28 30.53
CA ILE A 2287 29.05 -2.06 29.12
C ILE A 2287 28.08 -3.15 28.69
N ARG A 2288 27.02 -2.76 28.01
CA ARG A 2288 25.94 -3.66 27.66
C ARG A 2288 26.01 -4.03 26.18
N PHE A 2289 24.99 -4.77 25.73
CA PHE A 2289 24.98 -5.28 24.37
C PHE A 2289 24.93 -4.19 23.31
N ALA A 2290 24.59 -2.96 23.68
CA ALA A 2290 24.29 -1.90 22.71
C ALA A 2290 25.43 -0.92 22.53
N ASP A 2291 26.14 -0.56 23.61
CA ASP A 2291 27.13 0.51 23.51
C ASP A 2291 28.25 0.14 22.54
N SER A 2292 28.74 -1.09 22.60
CA SER A 2292 29.88 -1.49 21.78
C SER A 2292 29.50 -1.45 20.30
N LYS A 2293 30.32 -0.76 19.51
CA LYS A 2293 30.12 -0.71 18.06
C LYS A 2293 31.39 -0.90 17.24
N LYS A 2294 32.57 -0.66 17.79
CA LYS A 2294 33.82 -0.88 17.07
C LYS A 2294 34.79 -1.61 18.00
N LYS A 2295 35.67 -2.42 17.39
CA LYS A 2295 36.57 -3.24 18.19
C LYS A 2295 37.54 -2.37 18.98
N SER A 2296 38.08 -1.34 18.34
CA SER A 2296 39.06 -0.49 19.03
C SER A 2296 38.44 0.19 20.24
N VAL A 2297 37.23 0.70 20.11
CA VAL A 2297 36.60 1.39 21.24
C VAL A 2297 36.30 0.40 22.35
N LEU A 2298 35.87 -0.81 22.00
CA LEU A 2298 35.61 -1.83 23.03
C LEU A 2298 36.88 -2.18 23.77
N LEU A 2299 37.98 -2.38 23.05
CA LEU A 2299 39.26 -2.69 23.70
C LEU A 2299 39.70 -1.54 24.59
N ASP A 2300 39.55 -0.31 24.11
CA ASP A 2300 39.93 0.85 24.92
C ASP A 2300 39.09 0.92 26.19
N LYS A 2301 37.79 0.70 26.08
CA LYS A 2301 36.93 0.73 27.25
C LYS A 2301 37.33 -0.34 28.26
N ILE A 2302 37.56 -1.56 27.77
CA ILE A 2302 37.90 -2.65 28.68
C ILE A 2302 39.24 -2.40 29.35
N LYS A 2303 40.23 -1.93 28.59
CA LYS A 2303 41.53 -1.64 29.17
C LYS A 2303 41.43 -0.52 30.20
N ASN A 2304 40.63 0.51 29.89
CA ASN A 2304 40.45 1.64 30.79
C ASN A 2304 39.35 1.41 31.80
N LEU A 2305 38.73 0.24 31.81
CA LEU A 2305 37.66 -0.05 32.76
C LEU A 2305 38.17 0.19 34.19
N GLN A 2306 37.36 0.91 34.97
CA GLN A 2306 37.72 1.16 36.36
C GLN A 2306 37.90 -0.14 37.11
N VAL A 2307 38.94 -0.22 37.93
CA VAL A 2307 39.15 -1.32 38.86
C VAL A 2307 38.57 -0.90 40.20
N SER A 2308 37.64 -1.68 40.71
CA SER A 2308 36.89 -1.33 41.92
C SER A 2308 37.34 -2.25 43.05
N LEU A 2309 38.41 -1.86 43.74
CA LEU A 2309 38.78 -2.53 44.97
C LEU A 2309 37.65 -2.40 45.98
N THR A 2310 37.35 -3.50 46.68
CA THR A 2310 36.26 -3.50 47.64
C THR A 2310 36.50 -4.63 48.64
N SER A 2311 35.54 -4.83 49.54
CA SER A 2311 35.65 -5.82 50.59
C SER A 2311 34.39 -6.66 50.77
N LYS A 2312 33.33 -6.39 50.02
CA LYS A 2312 32.10 -7.16 50.18
C LYS A 2312 32.36 -8.63 49.84
N GLN A 2313 31.71 -9.52 50.59
CA GLN A 2313 31.96 -10.94 50.46
C GLN A 2313 31.33 -11.50 49.18
N GLN A 2314 31.92 -12.57 48.68
CA GLN A 2314 31.48 -13.14 47.40
C GLN A 2314 30.14 -13.84 47.53
N SER A 2315 29.33 -13.73 46.48
CA SER A 2315 28.13 -14.56 46.34
C SER A 2315 27.91 -14.77 44.83
N LEU A 2316 28.44 -15.88 44.31
CA LEU A 2316 28.40 -16.12 42.88
C LEU A 2316 26.98 -16.37 42.38
N GLU A 2317 26.10 -16.87 43.25
CA GLU A 2317 24.75 -17.19 42.81
C GLU A 2317 23.99 -15.94 42.38
N THR A 2318 24.23 -14.82 43.07
CA THR A 2318 23.60 -13.57 42.67
C THR A 2318 24.01 -13.17 41.27
N ALA A 2319 25.30 -13.29 40.95
CA ALA A 2319 25.75 -12.99 39.60
C ALA A 2319 25.15 -13.98 38.59
N MET A 2320 25.06 -15.24 38.98
CA MET A 2320 24.42 -16.23 38.10
C MET A 2320 23.03 -15.77 37.71
N SER A 2321 22.21 -15.45 38.72
CA SER A 2321 20.84 -15.02 38.44
C SER A 2321 20.82 -13.72 37.65
N PHE A 2322 21.71 -12.78 38.00
CA PHE A 2322 21.75 -11.50 37.31
C PHE A 2322 21.98 -11.72 35.82
N VAL A 2323 23.02 -12.47 35.47
CA VAL A 2323 23.30 -12.74 34.06
C VAL A 2323 22.13 -13.49 33.43
N ALA A 2324 21.51 -14.39 34.20
CA ALA A 2324 20.43 -15.20 33.65
C ALA A 2324 19.23 -14.34 33.26
N ARG A 2325 18.91 -13.32 34.05
CA ARG A 2325 17.66 -12.61 33.90
C ARG A 2325 17.81 -11.12 33.66
N ASN A 2326 19.03 -10.57 33.63
CA ASN A 2326 19.23 -9.16 33.32
C ASN A 2326 20.04 -8.96 32.04
N THR A 2327 21.25 -9.52 31.96
CA THR A 2327 22.09 -9.27 30.78
C THR A 2327 21.43 -9.80 29.52
N PHE A 2328 20.87 -11.01 29.60
CA PHE A 2328 20.22 -11.64 28.45
C PHE A 2328 18.75 -11.28 28.34
N LYS A 2329 18.32 -10.20 29.00
CA LYS A 2329 16.94 -9.77 28.84
C LYS A 2329 16.62 -9.49 27.38
N ARG A 2330 17.63 -9.12 26.59
CA ARG A 2330 17.44 -8.88 25.16
C ARG A 2330 18.71 -9.29 24.43
N VAL A 2331 18.58 -10.11 23.40
CA VAL A 2331 19.71 -10.58 22.60
C VAL A 2331 19.34 -10.50 21.13
N ARG A 2332 20.35 -10.43 20.29
CA ARG A 2332 20.12 -10.36 18.85
C ARG A 2332 19.48 -11.65 18.36
N SER A 2333 18.70 -11.53 17.28
CA SER A 2333 18.01 -12.67 16.71
C SER A 2333 19.00 -13.54 15.93
N GLY A 2334 18.47 -14.61 15.32
CA GLY A 2334 19.27 -15.53 14.55
C GLY A 2334 18.95 -16.97 14.87
N PHE A 2335 18.63 -17.76 13.85
CA PHE A 2335 18.21 -19.14 14.07
C PHE A 2335 19.29 -19.96 14.76
N LEU A 2336 20.56 -19.60 14.57
CA LEU A 2336 21.68 -20.32 15.16
C LEU A 2336 22.43 -19.47 16.17
N MET A 2337 21.73 -18.55 16.83
CA MET A 2337 22.37 -17.67 17.81
C MET A 2337 23.03 -18.50 18.90
N ARG A 2338 24.26 -18.14 19.25
CA ARG A 2338 24.97 -18.73 20.37
C ARG A 2338 25.20 -17.67 21.45
N LYS A 2339 25.09 -18.09 22.71
CA LYS A 2339 25.24 -17.19 23.84
C LYS A 2339 26.17 -17.85 24.85
N VAL A 2340 27.20 -17.12 25.27
CA VAL A 2340 28.20 -17.66 26.19
C VAL A 2340 28.51 -16.62 27.25
N ALA A 2341 28.71 -17.09 28.48
CA ALA A 2341 29.06 -16.23 29.60
C ALA A 2341 30.32 -16.77 30.27
N VAL A 2342 31.23 -15.86 30.61
CA VAL A 2342 32.48 -16.18 31.28
C VAL A 2342 32.52 -15.40 32.59
N PHE A 2343 32.89 -16.08 33.67
CA PHE A 2343 32.80 -15.54 35.01
C PHE A 2343 34.15 -15.63 35.71
N PHE A 2344 34.18 -15.34 37.01
CA PHE A 2344 35.42 -15.41 37.78
C PHE A 2344 35.09 -15.74 39.22
N SER A 2345 36.12 -16.16 39.97
CA SER A 2345 35.96 -16.44 41.38
C SER A 2345 37.32 -16.55 42.06
N ASN A 2346 37.53 -15.76 43.11
CA ASN A 2346 38.74 -15.86 43.93
C ASN A 2346 38.51 -16.74 45.16
N LYS A 2347 37.51 -17.61 45.12
CA LYS A 2347 37.20 -18.51 46.23
C LYS A 2347 36.22 -19.57 45.75
N PRO A 2348 36.43 -20.84 46.10
CA PRO A 2348 35.48 -21.88 45.66
C PRO A 2348 34.07 -21.59 46.15
N THR A 2349 33.10 -21.91 45.31
CA THR A 2349 31.70 -21.68 45.63
C THR A 2349 31.24 -22.67 46.70
N ARG A 2350 30.24 -22.25 47.47
CA ARG A 2350 29.64 -23.14 48.46
C ARG A 2350 28.76 -24.18 47.75
N ALA A 2351 28.14 -25.05 48.54
CA ALA A 2351 27.29 -26.12 48.04
C ALA A 2351 25.89 -25.93 48.63
N THR A 2352 25.04 -25.23 47.90
CA THR A 2352 23.71 -24.87 48.37
C THR A 2352 22.69 -25.10 47.26
N PRO A 2353 21.41 -25.20 47.61
CA PRO A 2353 20.38 -25.32 46.56
C PRO A 2353 20.31 -24.12 45.64
N GLN A 2354 20.65 -22.93 46.12
CA GLN A 2354 20.46 -21.74 45.31
C GLN A 2354 21.28 -21.81 44.03
N LEU A 2355 22.52 -22.28 44.11
CA LEU A 2355 23.36 -22.32 42.93
C LEU A 2355 22.86 -23.33 41.90
N ARG A 2356 22.41 -24.50 42.36
CA ARG A 2356 21.89 -25.48 41.41
C ARG A 2356 20.62 -24.96 40.75
N GLU A 2357 19.74 -24.31 41.51
CA GLU A 2357 18.57 -23.69 40.90
C GLU A 2357 18.97 -22.61 39.91
N ALA A 2358 19.98 -21.82 40.26
CA ALA A 2358 20.43 -20.75 39.37
C ALA A 2358 20.95 -21.32 38.06
N VAL A 2359 21.77 -22.37 38.12
CA VAL A 2359 22.31 -22.94 36.89
C VAL A 2359 21.20 -23.59 36.09
N LEU A 2360 20.20 -24.17 36.75
CA LEU A 2360 19.03 -24.64 36.03
C LEU A 2360 18.38 -23.51 35.26
N LYS A 2361 18.22 -22.34 35.90
CA LYS A 2361 17.65 -21.19 35.22
C LYS A 2361 18.52 -20.76 34.04
N LEU A 2362 19.83 -20.73 34.24
CA LEU A 2362 20.75 -20.41 33.14
C LEU A 2362 20.51 -21.34 31.95
N SER A 2363 20.50 -22.65 32.20
CA SER A 2363 20.27 -23.60 31.13
C SER A 2363 18.94 -23.33 30.45
N ASP A 2364 17.89 -23.09 31.23
CA ASP A 2364 16.60 -22.78 30.66
C ASP A 2364 16.64 -21.52 29.82
N ALA A 2365 17.58 -20.62 30.08
CA ALA A 2365 17.68 -19.37 29.35
C ALA A 2365 18.44 -19.50 28.03
N GLY A 2366 19.02 -20.66 27.74
CA GLY A 2366 19.76 -20.85 26.52
C GLY A 2366 21.24 -20.52 26.61
N ILE A 2367 21.71 -20.05 27.77
CA ILE A 2367 23.11 -19.74 27.92
C ILE A 2367 23.94 -21.02 27.86
N THR A 2368 25.23 -20.87 27.59
CA THR A 2368 26.18 -21.97 27.55
C THR A 2368 27.40 -21.59 28.38
N PRO A 2369 27.25 -21.55 29.70
CA PRO A 2369 28.30 -20.94 30.53
C PRO A 2369 29.60 -21.72 30.51
N LEU A 2370 30.70 -20.96 30.65
CA LEU A 2370 32.06 -21.52 30.76
C LEU A 2370 32.72 -20.82 31.95
N PHE A 2371 32.56 -21.37 33.15
CA PHE A 2371 33.16 -20.74 34.31
C PHE A 2371 34.68 -20.94 34.32
N LEU A 2372 35.35 -20.03 35.01
CA LEU A 2372 36.80 -20.08 35.17
C LEU A 2372 37.12 -19.80 36.63
N THR A 2373 37.97 -20.65 37.21
CA THR A 2373 38.30 -20.49 38.62
C THR A 2373 39.64 -21.16 38.90
N SER A 2374 40.27 -20.74 40.00
CA SER A 2374 41.64 -21.18 40.28
C SER A 2374 41.72 -22.68 40.44
N GLN A 2375 40.80 -23.27 41.19
CA GLN A 2375 40.89 -24.67 41.58
C GLN A 2375 39.55 -25.37 41.39
N GLU A 2376 39.61 -26.68 41.20
CA GLU A 2376 38.44 -27.47 40.89
C GLU A 2376 37.63 -27.76 42.15
N ASP A 2377 36.42 -28.25 41.94
CA ASP A 2377 35.56 -28.68 43.04
C ASP A 2377 34.58 -29.71 42.47
N ARG A 2378 34.76 -30.98 42.83
CA ARG A 2378 33.88 -32.01 42.31
C ARG A 2378 32.42 -31.65 42.58
N GLN A 2379 32.17 -31.02 43.73
CA GLN A 2379 30.82 -30.52 44.01
C GLN A 2379 30.40 -29.49 42.97
N LEU A 2380 31.32 -28.62 42.55
CA LEU A 2380 30.98 -27.62 41.55
C LEU A 2380 30.64 -28.28 40.23
N ILE A 2381 31.42 -29.29 39.82
CA ILE A 2381 31.14 -29.99 38.57
C ILE A 2381 29.79 -30.69 38.66
N ASN A 2382 29.52 -31.35 39.78
CA ASN A 2382 28.27 -32.07 39.93
C ASN A 2382 27.08 -31.11 39.90
N ALA A 2383 27.17 -30.00 40.64
CA ALA A 2383 26.08 -29.04 40.66
C ALA A 2383 25.86 -28.45 39.27
N LEU A 2384 26.94 -28.08 38.59
CA LEU A 2384 26.82 -27.57 37.23
C LEU A 2384 26.14 -28.59 36.33
N GLN A 2385 26.79 -29.72 36.09
CA GLN A 2385 26.14 -30.78 35.34
C GLN A 2385 24.89 -31.24 36.08
N ILE A 2386 24.10 -32.06 35.40
CA ILE A 2386 22.88 -32.59 36.01
C ILE A 2386 22.53 -33.88 35.29
N ASN A 2387 22.05 -34.86 36.07
CA ASN A 2387 21.58 -36.15 35.59
C ASN A 2387 22.38 -36.62 34.39
N ASN A 2388 23.71 -36.65 34.53
CA ASN A 2388 24.61 -37.03 33.46
C ASN A 2388 24.48 -36.10 32.25
N THR A 2389 24.17 -34.84 32.50
CA THR A 2389 24.00 -33.83 31.46
C THR A 2389 24.83 -32.62 31.84
N ALA A 2390 25.90 -32.37 31.08
CA ALA A 2390 26.79 -31.26 31.37
C ALA A 2390 26.16 -29.94 30.93
N VAL A 2391 26.34 -28.90 31.74
CA VAL A 2391 25.88 -27.57 31.41
C VAL A 2391 27.05 -26.68 30.97
N GLY A 2392 28.20 -26.83 31.60
CA GLY A 2392 29.37 -26.05 31.30
C GLY A 2392 30.53 -26.43 32.20
N HIS A 2393 31.71 -26.59 31.63
CA HIS A 2393 32.86 -27.03 32.40
C HIS A 2393 33.37 -25.90 33.31
N ALA A 2394 34.30 -26.28 34.19
CA ALA A 2394 34.97 -25.35 35.11
C ALA A 2394 36.47 -25.54 34.92
N LEU A 2395 37.09 -24.66 34.14
CA LEU A 2395 38.50 -24.79 33.78
C LEU A 2395 39.36 -24.30 34.94
N VAL A 2396 40.65 -24.13 34.68
CA VAL A 2396 41.60 -23.66 35.68
C VAL A 2396 42.52 -22.63 35.04
N LEU A 2397 42.83 -21.57 35.77
CA LEU A 2397 43.73 -20.52 35.34
C LEU A 2397 44.94 -20.42 36.25
N PRO A 2398 46.04 -19.87 35.77
CA PRO A 2398 47.30 -19.92 36.52
C PRO A 2398 47.51 -18.71 37.41
N ALA A 2399 48.33 -18.93 38.44
CA ALA A 2399 48.83 -17.85 39.28
C ALA A 2399 50.15 -17.29 38.76
N GLY A 2400 50.39 -17.39 37.45
CA GLY A 2400 51.63 -16.94 36.85
C GLY A 2400 52.28 -18.03 36.02
N GLY A 2401 52.85 -17.65 34.88
CA GLY A 2401 53.54 -18.58 34.00
C GLY A 2401 52.90 -18.65 32.63
N ASP A 2402 53.00 -19.83 32.02
CA ASP A 2402 52.44 -20.03 30.69
C ASP A 2402 50.93 -19.90 30.69
N LEU A 2403 50.39 -19.39 29.59
CA LEU A 2403 48.95 -19.28 29.41
C LEU A 2403 48.46 -19.80 28.07
N THR A 2404 49.33 -19.94 27.08
CA THR A 2404 48.86 -20.24 25.72
C THR A 2404 48.14 -21.58 25.66
N ASP A 2405 48.46 -22.52 26.55
CA ASP A 2405 47.84 -23.84 26.48
C ASP A 2405 46.34 -23.76 26.74
N PHE A 2406 45.96 -23.36 27.95
CA PHE A 2406 44.54 -23.28 28.27
C PHE A 2406 43.83 -22.18 27.50
N LEU A 2407 44.54 -21.09 27.21
CA LEU A 2407 43.98 -20.04 26.35
C LEU A 2407 43.61 -20.61 24.99
N LYS A 2408 44.49 -21.44 24.42
CA LYS A 2408 44.19 -22.10 23.16
C LYS A 2408 43.00 -23.03 23.30
N ASN A 2409 42.97 -23.81 24.38
CA ASN A 2409 41.85 -24.72 24.61
C ASN A 2409 40.53 -23.95 24.54
N VAL A 2410 40.43 -22.86 25.32
CA VAL A 2410 39.19 -22.12 25.39
C VAL A 2410 38.88 -21.47 24.04
N LEU A 2411 39.88 -20.87 23.39
CA LEU A 2411 39.58 -20.15 22.16
C LEU A 2411 39.09 -21.10 21.08
N THR A 2412 39.69 -22.29 20.98
CA THR A 2412 39.27 -23.21 19.93
C THR A 2412 37.94 -23.89 20.27
N CYS A 2413 37.88 -24.66 21.35
CA CYS A 2413 36.76 -25.58 21.53
C CYS A 2413 35.73 -25.12 22.55
N HIS A 2414 35.84 -23.91 23.08
CA HIS A 2414 34.80 -23.37 23.97
C HIS A 2414 34.17 -22.09 23.45
N VAL A 2415 34.96 -21.07 23.15
CA VAL A 2415 34.38 -19.77 22.82
C VAL A 2415 33.80 -19.78 21.40
N CYS A 2416 34.55 -20.32 20.45
CA CYS A 2416 34.14 -20.34 19.04
C CYS A 2416 34.23 -21.75 18.48
N LEU A 2417 33.67 -22.69 19.22
CA LEU A 2417 33.53 -24.05 18.70
C LEU A 2417 32.48 -24.06 17.60
N ASP A 2418 32.83 -24.61 16.44
CA ASP A 2418 31.83 -24.79 15.37
C ASP A 2418 30.76 -25.71 15.94
N ILE A 2419 29.49 -25.31 15.86
CA ILE A 2419 28.38 -26.16 16.35
C ILE A 2419 28.39 -27.48 15.57
N CYS A 2420 29.01 -27.52 14.40
CA CYS A 2420 29.02 -28.73 13.52
C CYS A 2420 30.28 -29.61 13.70
N ASN A 2421 31.48 -29.10 13.49
CA ASN A 2421 32.71 -29.94 13.48
C ASN A 2421 33.47 -29.84 14.81
N ILE A 2422 32.94 -30.46 15.88
CA ILE A 2422 33.57 -30.42 17.19
C ILE A 2422 34.88 -31.20 17.13
N ASP A 2423 35.89 -30.65 17.81
CA ASP A 2423 37.22 -31.25 17.77
C ASP A 2423 37.20 -32.63 18.43
N PRO A 2424 38.17 -33.49 18.08
CA PRO A 2424 38.12 -34.87 18.57
C PRO A 2424 38.07 -34.99 20.09
N SER A 2425 39.05 -34.42 20.79
CA SER A 2425 39.16 -34.59 22.23
C SER A 2425 39.60 -33.30 22.89
N CYS A 2426 39.00 -32.17 22.50
CA CYS A 2426 39.28 -30.88 23.12
C CYS A 2426 38.36 -30.73 24.33
N GLY A 2427 38.87 -31.10 25.50
CA GLY A 2427 38.10 -31.01 26.72
C GLY A 2427 37.38 -32.31 27.06
N PHE A 2428 37.78 -32.96 28.15
CA PHE A 2428 37.14 -34.19 28.56
C PHE A 2428 35.67 -33.93 28.90
N GLY A 2429 34.81 -34.80 28.40
CA GLY A 2429 33.38 -34.66 28.63
C GLY A 2429 32.60 -35.17 27.43
N SER A 2430 31.43 -34.56 27.22
CA SER A 2430 30.54 -34.96 26.14
C SER A 2430 30.03 -33.81 25.30
N TRP A 2431 30.35 -32.56 25.66
CA TRP A 2431 29.87 -31.41 24.90
C TRP A 2431 28.35 -31.38 24.87
N ARG A 2432 27.78 -30.33 24.27
CA ARG A 2432 26.34 -30.25 24.12
C ARG A 2432 25.97 -29.25 23.03
N PRO A 2433 26.36 -29.50 21.79
CA PRO A 2433 26.09 -28.53 20.72
C PRO A 2433 24.60 -28.23 20.60
N SER A 2434 24.30 -26.98 20.28
CA SER A 2434 22.93 -26.48 20.08
C SER A 2434 22.31 -26.10 21.41
N PHE A 2435 21.15 -25.45 21.37
CA PHE A 2435 20.50 -25.01 22.60
C PHE A 2435 20.24 -26.19 23.52
N ARG A 2436 19.94 -25.87 24.77
CA ARG A 2436 19.75 -26.86 25.80
C ARG A 2436 18.37 -26.76 26.43
N GLY B 581 -13.13 -29.99 12.85
CA GLY B 581 -12.72 -31.09 12.00
C GLY B 581 -11.29 -31.53 12.24
N PRO B 582 -10.86 -32.59 11.55
CA PRO B 582 -9.49 -33.06 11.73
C PRO B 582 -8.49 -32.05 11.18
N PRO B 583 -7.28 -32.03 11.70
CA PRO B 583 -6.27 -31.09 11.18
C PRO B 583 -5.83 -31.47 9.78
N GLY B 584 -5.33 -30.47 9.05
CA GLY B 584 -4.88 -30.70 7.70
C GLY B 584 -3.62 -31.52 7.64
N HIS B 585 -3.37 -32.09 6.46
CA HIS B 585 -2.19 -32.92 6.27
C HIS B 585 -0.92 -32.08 6.36
N VAL B 586 0.18 -32.75 6.68
CA VAL B 586 1.45 -32.06 6.81
C VAL B 586 1.79 -31.36 5.51
N GLY B 587 2.31 -30.14 5.62
CA GLY B 587 2.65 -29.33 4.48
C GLY B 587 3.87 -29.85 3.75
N PRO B 588 4.18 -29.26 2.60
CA PRO B 588 5.31 -29.72 1.79
C PRO B 588 6.62 -29.62 2.56
N PRO B 589 7.52 -30.58 2.39
CA PRO B 589 8.85 -30.43 3.02
C PRO B 589 9.62 -29.25 2.46
N GLY B 590 10.81 -29.03 2.99
CA GLY B 590 11.55 -27.81 2.71
C GLY B 590 12.18 -27.78 1.34
N PRO B 591 12.74 -26.62 0.99
CA PRO B 591 13.47 -26.50 -0.28
C PRO B 591 14.50 -27.62 -0.43
N ASP B 592 14.54 -28.21 -1.62
CA ASP B 592 15.52 -29.25 -1.92
C ASP B 592 16.86 -28.59 -2.28
N GLU B 593 17.80 -29.39 -2.78
CA GLU B 593 19.15 -28.91 -3.02
C GLU B 593 19.18 -27.80 -4.06
N CYS B 594 18.36 -27.90 -5.09
CA CYS B 594 18.57 -27.09 -6.28
C CYS B 594 18.11 -25.64 -6.05
N GLU B 595 17.02 -25.45 -5.32
CA GLU B 595 16.60 -24.08 -5.02
C GLU B 595 17.44 -23.45 -3.90
N ILE B 596 17.94 -24.22 -2.93
CA ILE B 596 18.93 -23.63 -2.03
C ILE B 596 20.16 -23.24 -2.83
N LEU B 597 20.48 -24.01 -3.86
CA LEU B 597 21.60 -23.67 -4.73
C LEU B 597 21.39 -22.33 -5.41
N ASP B 598 20.24 -22.13 -6.05
CA ASP B 598 20.11 -20.86 -6.77
C ASP B 598 19.95 -19.69 -5.79
N ILE B 599 19.35 -19.94 -4.62
CA ILE B 599 19.23 -18.84 -3.65
C ILE B 599 20.60 -18.41 -3.16
N ILE B 600 21.50 -19.36 -2.89
CA ILE B 600 22.85 -18.98 -2.49
C ILE B 600 23.56 -18.28 -3.65
N MET B 601 23.43 -18.81 -4.86
CA MET B 601 24.10 -18.20 -6.00
C MET B 601 23.58 -16.80 -6.32
N LYS B 602 22.36 -16.47 -5.88
CA LYS B 602 21.80 -15.17 -6.19
C LYS B 602 22.66 -14.04 -5.63
N MET B 603 23.14 -14.18 -4.38
CA MET B 603 23.87 -13.10 -3.73
C MET B 603 25.30 -13.47 -3.35
N CYS B 604 25.53 -14.64 -2.76
CA CYS B 604 26.87 -14.98 -2.30
C CYS B 604 27.88 -14.78 -3.42
N SER B 605 28.80 -13.84 -3.24
CA SER B 605 29.79 -13.50 -4.26
C SER B 605 31.19 -13.50 -3.67
N PRO B 815 33.55 -23.93 -7.40
CA PRO B 815 32.20 -24.17 -6.88
C PRO B 815 31.16 -24.37 -7.99
N ASP B 816 30.52 -25.54 -8.00
CA ASP B 816 29.59 -25.88 -9.06
C ASP B 816 28.27 -25.14 -8.89
N TYR B 817 27.57 -24.96 -10.00
CA TYR B 817 26.27 -24.31 -10.01
C TYR B 817 25.44 -24.93 -11.14
N SER B 818 24.41 -24.21 -11.58
CA SER B 818 23.36 -24.77 -12.43
C SER B 818 22.49 -25.69 -11.57
N CYS B 819 22.39 -26.96 -11.91
CA CYS B 819 21.66 -27.88 -11.05
C CYS B 819 21.95 -29.31 -11.50
N PRO B 820 23.14 -29.84 -11.18
CA PRO B 820 23.60 -31.07 -11.84
C PRO B 820 22.72 -32.28 -11.55
N ILE B 821 22.71 -33.21 -12.51
CA ILE B 821 21.91 -34.43 -12.42
C ILE B 821 22.76 -35.62 -12.85
N THR B 822 22.35 -36.80 -12.42
CA THR B 822 22.99 -38.05 -12.84
C THR B 822 21.94 -39.14 -12.90
N PHE B 823 21.73 -39.71 -14.09
CA PHE B 823 20.76 -40.79 -14.27
C PHE B 823 21.38 -42.07 -13.72
N SER B 824 21.19 -42.29 -12.41
CA SER B 824 21.87 -43.40 -11.73
C SER B 824 21.65 -44.71 -12.46
N SER B 825 20.42 -44.97 -12.92
CA SER B 825 20.11 -46.18 -13.64
C SER B 825 19.31 -45.86 -14.89
N PRO B 826 19.42 -46.67 -15.93
CA PRO B 826 18.67 -46.39 -17.16
C PRO B 826 17.17 -46.40 -16.90
N ALA B 827 16.45 -45.52 -17.59
CA ALA B 827 15.01 -45.38 -17.43
C ALA B 827 14.49 -44.51 -18.58
N ASP B 828 13.20 -44.18 -18.52
CA ASP B 828 12.55 -43.38 -19.54
C ASP B 828 11.64 -42.38 -18.86
N ILE B 829 11.29 -41.33 -19.61
CA ILE B 829 10.28 -40.37 -19.16
C ILE B 829 9.53 -39.86 -20.39
N THR B 830 8.24 -39.61 -20.21
CA THR B 830 7.39 -39.10 -21.29
C THR B 830 6.48 -38.03 -20.70
N ILE B 831 6.93 -36.77 -20.76
CA ILE B 831 6.16 -35.67 -20.18
C ILE B 831 4.88 -35.47 -20.99
N LEU B 832 3.74 -35.48 -20.29
CA LEU B 832 2.44 -35.29 -20.91
C LEU B 832 2.01 -33.85 -20.76
N LEU B 833 1.47 -33.29 -21.84
CA LEU B 833 1.13 -31.87 -21.91
C LEU B 833 -0.36 -31.71 -22.09
N ASP B 834 -0.96 -30.82 -21.30
CA ASP B 834 -2.37 -30.53 -21.40
C ASP B 834 -2.69 -29.81 -22.71
N GLY B 835 -3.86 -30.10 -23.25
CA GLY B 835 -4.32 -29.46 -24.47
C GLY B 835 -5.77 -29.05 -24.41
N SER B 836 -6.40 -29.24 -23.25
CA SER B 836 -7.78 -28.83 -23.07
C SER B 836 -7.88 -27.32 -22.98
N ALA B 837 -9.08 -26.81 -23.29
CA ALA B 837 -9.29 -25.37 -23.30
C ALA B 837 -8.91 -24.73 -21.97
N SER B 838 -9.02 -25.48 -20.86
CA SER B 838 -8.70 -24.93 -19.56
C SER B 838 -7.32 -24.28 -19.52
N VAL B 839 -6.44 -24.63 -20.47
CA VAL B 839 -5.12 -24.03 -20.53
C VAL B 839 -5.19 -22.75 -21.35
N GLY B 840 -5.53 -22.87 -22.62
CA GLY B 840 -5.60 -21.74 -23.52
C GLY B 840 -4.37 -21.63 -24.42
N SER B 841 -4.44 -20.67 -25.34
CA SER B 841 -3.39 -20.53 -26.34
C SER B 841 -2.04 -20.21 -25.71
N HIS B 842 -1.94 -19.05 -25.05
CA HIS B 842 -0.66 -18.63 -24.50
C HIS B 842 -0.19 -19.57 -23.40
N ASN B 843 -1.12 -20.04 -22.56
CA ASN B 843 -0.76 -21.00 -21.54
C ASN B 843 -0.26 -22.30 -22.17
N PHE B 844 -0.91 -22.75 -23.24
CA PHE B 844 -0.42 -23.94 -23.93
C PHE B 844 0.99 -23.70 -24.49
N ASP B 845 1.24 -22.50 -25.01
CA ASP B 845 2.55 -22.21 -25.57
C ASP B 845 3.64 -22.20 -24.49
N ILE B 846 3.35 -21.60 -23.33
CA ILE B 846 4.34 -21.59 -22.26
C ILE B 846 4.54 -22.99 -21.72
N THR B 847 3.48 -23.81 -21.69
CA THR B 847 3.64 -25.20 -21.31
C THR B 847 4.54 -25.93 -22.31
N LYS B 848 4.37 -25.63 -23.60
CA LYS B 848 5.24 -26.23 -24.61
C LYS B 848 6.68 -25.84 -24.38
N ARG B 849 6.93 -24.57 -24.06
CA ARG B 849 8.29 -24.13 -23.79
C ARG B 849 8.87 -24.86 -22.57
N PHE B 850 8.08 -24.98 -21.51
CA PHE B 850 8.56 -25.68 -20.32
C PHE B 850 8.85 -27.13 -20.63
N ALA B 851 7.99 -27.78 -21.42
CA ALA B 851 8.22 -29.16 -21.80
C ALA B 851 9.50 -29.28 -22.62
N LYS B 852 9.72 -28.35 -23.55
CA LYS B 852 10.94 -28.38 -24.35
C LYS B 852 12.17 -28.27 -23.46
N ARG B 853 12.13 -27.35 -22.49
CA ARG B 853 13.26 -27.19 -21.58
C ARG B 853 13.47 -28.44 -20.75
N LEU B 854 12.39 -29.05 -20.25
CA LEU B 854 12.51 -30.28 -19.48
C LEU B 854 13.17 -31.36 -20.29
N ALA B 855 12.70 -31.56 -21.53
CA ALA B 855 13.25 -32.61 -22.36
C ALA B 855 14.71 -32.37 -22.67
N GLU B 856 15.07 -31.13 -23.01
CA GLU B 856 16.47 -30.83 -23.32
C GLU B 856 17.36 -31.06 -22.10
N ARG B 857 16.90 -30.62 -20.92
CA ARG B 857 17.70 -30.82 -19.72
C ARG B 857 17.88 -32.31 -19.45
N PHE B 858 16.82 -33.09 -19.56
CA PHE B 858 16.92 -34.52 -19.29
C PHE B 858 17.87 -35.20 -20.27
N LEU B 859 17.76 -34.85 -21.56
CA LEU B 859 18.58 -35.52 -22.57
C LEU B 859 20.04 -35.12 -22.44
N THR B 860 20.31 -33.85 -22.11
CA THR B 860 21.70 -33.41 -22.02
C THR B 860 22.39 -33.95 -20.78
N ALA B 861 21.63 -34.25 -19.72
CA ALA B 861 22.23 -34.76 -18.50
C ALA B 861 23.15 -35.94 -18.81
N SER B 862 24.40 -35.83 -18.37
CA SER B 862 25.39 -36.84 -18.68
C SER B 862 24.90 -38.22 -18.26
N ARG B 863 24.71 -39.09 -19.25
CA ARG B 863 24.28 -40.44 -18.97
C ARG B 863 25.26 -41.12 -18.02
N THR B 864 24.74 -41.82 -17.03
CA THR B 864 25.60 -42.52 -16.08
C THR B 864 26.29 -43.73 -16.70
N ASP B 865 25.91 -44.13 -17.90
CA ASP B 865 26.52 -45.29 -18.53
C ASP B 865 26.44 -45.19 -20.05
N PRO B 866 27.57 -45.09 -20.75
CA PRO B 866 27.51 -45.22 -22.22
C PRO B 866 27.00 -46.57 -22.65
N GLY B 867 27.28 -47.63 -21.88
CA GLY B 867 26.74 -48.94 -22.19
C GLY B 867 25.24 -49.01 -22.16
N GLN B 868 24.59 -48.04 -21.49
CA GLN B 868 23.15 -47.93 -21.43
C GLN B 868 22.72 -46.58 -22.01
N ASP B 869 21.43 -46.27 -21.93
CA ASP B 869 20.87 -45.10 -22.54
C ASP B 869 20.15 -44.22 -21.51
N VAL B 870 19.92 -42.98 -21.89
CA VAL B 870 19.01 -42.07 -21.20
C VAL B 870 17.93 -41.67 -22.20
N ARG B 871 16.68 -41.86 -21.83
CA ARG B 871 15.58 -41.86 -22.78
C ARG B 871 14.47 -40.92 -22.33
N VAL B 872 13.95 -40.13 -23.26
CA VAL B 872 12.85 -39.21 -23.00
C VAL B 872 11.96 -39.15 -24.23
N ALA B 873 10.72 -38.68 -24.03
CA ALA B 873 9.76 -38.54 -25.11
C ALA B 873 8.71 -37.51 -24.71
N VAL B 874 7.96 -37.05 -25.70
CA VAL B 874 6.92 -36.04 -25.49
C VAL B 874 5.70 -36.41 -26.31
N VAL B 875 4.51 -36.20 -25.73
CA VAL B 875 3.25 -36.41 -26.43
C VAL B 875 2.21 -35.48 -25.82
N GLN B 876 1.22 -35.13 -26.63
CA GLN B 876 0.14 -34.23 -26.23
C GLN B 876 -1.15 -35.02 -26.09
N TYR B 877 -1.86 -34.81 -24.98
CA TYR B 877 -3.13 -35.47 -24.72
C TYR B 877 -4.26 -34.46 -24.71
N SER B 878 -5.42 -34.91 -25.13
CA SER B 878 -6.61 -34.06 -25.26
C SER B 878 -7.84 -34.94 -25.01
N GLY B 879 -9.00 -34.48 -25.47
CA GLY B 879 -10.21 -35.26 -25.33
C GLY B 879 -10.02 -36.70 -25.76
N THR B 880 -10.94 -37.57 -25.35
CA THR B 880 -10.80 -39.01 -25.57
C THR B 880 -10.27 -39.32 -26.97
N GLY B 881 -9.32 -40.24 -27.04
CA GLY B 881 -8.78 -40.67 -28.32
C GLY B 881 -8.07 -39.58 -29.08
N GLN B 882 -7.29 -38.74 -28.38
CA GLN B 882 -6.54 -37.66 -29.01
C GLN B 882 -5.16 -37.60 -28.33
N GLN B 883 -4.20 -38.34 -28.89
CA GLN B 883 -2.87 -38.44 -28.29
C GLN B 883 -1.86 -38.61 -29.41
N ARG B 884 -1.27 -37.49 -29.83
CA ARG B 884 -0.24 -37.54 -30.86
C ARG B 884 1.08 -38.02 -30.26
N PRO B 885 1.96 -38.64 -31.06
CA PRO B 885 1.81 -39.02 -32.47
C PRO B 885 1.18 -40.40 -32.62
N GLU B 886 1.36 -41.02 -33.79
CA GLU B 886 0.94 -42.40 -34.00
C GLU B 886 1.54 -43.28 -32.92
N ARG B 887 0.93 -44.44 -32.68
CA ARG B 887 1.44 -45.36 -31.67
C ARG B 887 2.91 -45.70 -31.93
N ALA B 888 3.17 -46.32 -33.08
CA ALA B 888 4.53 -46.73 -33.41
C ALA B 888 5.44 -45.56 -33.75
N ALA B 889 4.89 -44.35 -33.89
CA ALA B 889 5.70 -43.21 -34.30
C ALA B 889 6.80 -42.93 -33.30
N LEU B 890 6.44 -42.58 -32.07
CA LEU B 890 7.40 -42.06 -31.10
C LEU B 890 7.99 -43.21 -30.29
N GLN B 891 9.31 -43.31 -30.31
CA GLN B 891 10.07 -44.23 -29.47
C GLN B 891 10.93 -43.40 -28.52
N PHE B 892 11.66 -44.08 -27.64
CA PHE B 892 12.61 -43.39 -26.80
C PHE B 892 13.72 -42.81 -27.67
N LEU B 893 14.14 -41.58 -27.35
CA LEU B 893 14.98 -40.80 -28.24
C LEU B 893 16.26 -40.35 -27.54
N GLN B 894 17.37 -40.44 -28.27
CA GLN B 894 18.63 -39.84 -27.85
C GLN B 894 18.93 -38.53 -28.57
N ASN B 895 18.51 -38.39 -29.82
CA ASN B 895 18.72 -37.17 -30.58
C ASN B 895 17.69 -36.12 -30.15
N TYR B 896 17.57 -35.04 -30.91
CA TYR B 896 16.65 -33.98 -30.56
C TYR B 896 15.79 -33.53 -31.74
N THR B 897 16.02 -34.05 -32.94
CA THR B 897 15.26 -33.62 -34.12
C THR B 897 13.77 -33.90 -33.99
N VAL B 898 13.40 -35.18 -33.95
CA VAL B 898 11.98 -35.54 -33.93
C VAL B 898 11.32 -34.98 -32.68
N LEU B 899 12.00 -35.10 -31.53
CA LEU B 899 11.42 -34.59 -30.29
C LEU B 899 11.19 -33.09 -30.36
N ALA B 900 12.19 -32.34 -30.84
CA ALA B 900 12.05 -30.88 -30.90
C ALA B 900 10.96 -30.48 -31.87
N ASN B 901 10.94 -31.09 -33.06
CA ASN B 901 9.92 -30.74 -34.05
C ASN B 901 8.53 -31.07 -33.54
N THR B 902 8.35 -32.23 -32.92
CA THR B 902 7.05 -32.57 -32.36
C THR B 902 6.66 -31.60 -31.24
N VAL B 903 7.64 -31.21 -30.42
CA VAL B 903 7.35 -30.30 -29.32
C VAL B 903 6.89 -28.95 -29.87
N ASP B 904 7.56 -28.44 -30.89
CA ASP B 904 7.26 -27.12 -31.43
C ASP B 904 6.20 -27.14 -32.52
N SER B 905 5.67 -28.31 -32.88
CA SER B 905 4.72 -28.43 -33.97
C SER B 905 3.34 -28.92 -33.56
N MET B 906 3.16 -29.36 -32.31
CA MET B 906 1.84 -29.82 -31.90
C MET B 906 0.86 -28.65 -31.90
N ASP B 907 -0.43 -28.98 -31.96
CA ASP B 907 -1.50 -28.01 -32.08
C ASP B 907 -2.48 -28.15 -30.93
N PHE B 908 -3.00 -27.03 -30.46
CA PHE B 908 -4.06 -27.04 -29.47
C PHE B 908 -5.31 -27.68 -30.07
N PHE B 909 -6.07 -28.38 -29.23
CA PHE B 909 -7.20 -29.17 -29.70
C PHE B 909 -8.57 -28.54 -29.45
N ASN B 910 -8.71 -27.74 -28.40
CA ASN B 910 -9.99 -27.10 -28.08
C ASN B 910 -11.06 -28.16 -27.77
N ASP B 911 -10.80 -28.93 -26.71
CA ASP B 911 -11.76 -29.94 -26.27
C ASP B 911 -11.61 -30.13 -24.76
N ALA B 912 -12.67 -30.65 -24.15
CA ALA B 912 -12.68 -30.85 -22.71
C ALA B 912 -11.60 -31.85 -22.29
N THR B 913 -11.07 -31.65 -21.09
CA THR B 913 -10.00 -32.51 -20.60
C THR B 913 -10.49 -33.95 -20.50
N ASP B 914 -9.68 -34.88 -21.00
CA ASP B 914 -9.97 -36.30 -20.94
C ASP B 914 -8.71 -37.02 -20.46
N VAL B 915 -8.79 -37.63 -19.29
CA VAL B 915 -7.63 -38.24 -18.66
C VAL B 915 -7.64 -39.75 -18.86
N MET B 916 -8.84 -40.33 -18.93
CA MET B 916 -8.97 -41.78 -19.00
C MET B 916 -8.20 -42.33 -20.19
N ASP B 917 -8.60 -41.97 -21.40
CA ASP B 917 -7.97 -42.50 -22.59
C ASP B 917 -6.50 -42.11 -22.66
N ALA B 918 -6.15 -40.92 -22.16
CA ALA B 918 -4.75 -40.52 -22.15
C ALA B 918 -3.93 -41.45 -21.29
N LEU B 919 -4.42 -41.74 -20.07
CA LEU B 919 -3.69 -42.66 -19.19
C LEU B 919 -3.61 -44.04 -19.80
N GLY B 920 -4.70 -44.52 -20.40
CA GLY B 920 -4.66 -45.82 -21.05
C GLY B 920 -3.64 -45.87 -22.17
N TYR B 921 -3.60 -44.82 -23.00
CA TYR B 921 -2.62 -44.75 -24.07
C TYR B 921 -1.20 -44.80 -23.51
N VAL B 922 -0.94 -44.00 -22.47
CA VAL B 922 0.40 -43.96 -21.90
C VAL B 922 0.80 -45.31 -21.36
N THR B 923 -0.10 -45.94 -20.59
CA THR B 923 0.26 -47.20 -19.95
C THR B 923 0.44 -48.31 -20.97
N ARG B 924 -0.43 -48.37 -21.98
CA ARG B 924 -0.27 -49.41 -22.99
C ARG B 924 1.00 -49.19 -23.81
N PHE B 925 1.32 -47.92 -24.12
CA PHE B 925 2.55 -47.65 -24.85
C PHE B 925 3.76 -48.09 -24.04
N TYR B 926 3.78 -47.78 -22.74
CA TYR B 926 4.86 -48.28 -21.90
C TYR B 926 4.91 -49.80 -21.94
N ARG B 927 3.76 -50.44 -21.72
CA ARG B 927 3.72 -51.90 -21.66
C ARG B 927 4.32 -52.52 -22.90
N GLU B 928 3.96 -52.00 -24.07
CA GLU B 928 4.44 -52.60 -25.31
C GLU B 928 5.89 -52.24 -25.59
N ALA B 929 6.30 -51.00 -25.27
CA ALA B 929 7.54 -50.44 -25.81
C ALA B 929 8.73 -50.61 -24.88
N SER B 930 8.67 -50.05 -23.68
CA SER B 930 9.87 -49.92 -22.86
C SER B 930 10.45 -51.29 -22.53
N SER B 931 11.77 -51.36 -22.51
CA SER B 931 12.44 -52.62 -22.25
C SER B 931 12.10 -53.11 -20.85
N ASN B 932 12.11 -54.45 -20.69
CA ASN B 932 11.61 -55.05 -19.46
C ASN B 932 12.41 -54.60 -18.25
N ALA B 933 13.74 -54.57 -18.37
CA ALA B 933 14.59 -54.28 -17.22
C ALA B 933 14.34 -52.87 -16.69
N ALA B 934 14.24 -51.89 -17.59
CA ALA B 934 14.23 -50.50 -17.18
C ALA B 934 13.08 -50.20 -16.23
N LYS B 935 13.37 -49.40 -15.21
CA LYS B 935 12.36 -48.87 -14.29
C LYS B 935 12.17 -47.40 -14.64
N LYS B 936 11.01 -47.07 -15.19
CA LYS B 936 10.78 -45.80 -15.85
C LYS B 936 10.13 -44.80 -14.91
N ARG B 937 9.80 -43.63 -15.45
CA ARG B 937 9.11 -42.58 -14.70
C ARG B 937 8.24 -41.79 -15.67
N LEU B 938 7.41 -40.91 -15.12
CA LEU B 938 6.44 -40.18 -15.92
C LEU B 938 6.07 -38.89 -15.21
N LEU B 939 5.60 -37.92 -15.99
CA LEU B 939 5.05 -36.67 -15.48
C LEU B 939 3.73 -36.39 -16.18
N LEU B 940 2.95 -35.47 -15.60
CA LEU B 940 1.61 -35.20 -16.10
C LEU B 940 1.11 -33.85 -15.61
N PHE B 941 0.57 -33.07 -16.53
CA PHE B 941 -0.25 -31.91 -16.19
C PHE B 941 -1.69 -32.36 -16.04
N SER B 942 -2.37 -31.86 -15.01
CA SER B 942 -3.72 -32.30 -14.74
C SER B 942 -4.48 -31.22 -13.98
N ASP B 943 -5.80 -31.34 -13.99
CA ASP B 943 -6.67 -30.50 -13.19
C ASP B 943 -7.73 -31.29 -12.45
N GLY B 944 -7.72 -32.62 -12.54
CA GLY B 944 -8.72 -33.43 -11.88
C GLY B 944 -10.12 -33.25 -12.37
N ASN B 945 -10.30 -32.63 -13.54
CA ASN B 945 -11.62 -32.37 -14.10
C ASN B 945 -11.69 -32.96 -15.49
N SER B 946 -12.75 -33.72 -15.76
CA SER B 946 -12.95 -34.33 -17.06
C SER B 946 -14.35 -34.91 -17.12
N GLN B 947 -15.00 -34.73 -18.28
CA GLN B 947 -16.37 -35.19 -18.43
C GLN B 947 -16.46 -36.70 -18.22
N GLY B 948 -17.52 -37.12 -17.54
CA GLY B 948 -17.69 -38.54 -17.25
C GLY B 948 -16.60 -39.11 -16.37
N ALA B 949 -16.19 -38.37 -15.35
CA ALA B 949 -15.12 -38.77 -14.44
C ALA B 949 -15.68 -38.99 -13.05
N THR B 950 -15.41 -40.16 -12.49
CA THR B 950 -15.78 -40.50 -11.13
C THR B 950 -14.58 -41.08 -10.41
N PRO B 951 -14.48 -40.89 -9.09
CA PRO B 951 -13.24 -41.31 -8.40
C PRO B 951 -12.88 -42.77 -8.61
N ALA B 952 -13.87 -43.66 -8.62
CA ALA B 952 -13.56 -45.09 -8.75
C ALA B 952 -12.88 -45.39 -10.07
N ALA B 953 -13.32 -44.76 -11.15
CA ALA B 953 -12.74 -45.04 -12.46
C ALA B 953 -11.27 -44.63 -12.51
N ILE B 954 -10.94 -43.46 -11.96
CA ILE B 954 -9.54 -43.04 -11.93
C ILE B 954 -8.74 -43.93 -10.99
N GLU B 955 -9.34 -44.36 -9.87
CA GLU B 955 -8.69 -45.35 -9.03
C GLU B 955 -8.28 -46.57 -9.85
N LYS B 956 -9.23 -47.10 -10.63
CA LYS B 956 -8.94 -48.29 -11.42
C LYS B 956 -7.88 -48.02 -12.47
N ALA B 957 -7.94 -46.86 -13.13
CA ALA B 957 -6.97 -46.54 -14.16
C ALA B 957 -5.56 -46.44 -13.58
N VAL B 958 -5.42 -45.74 -12.44
CA VAL B 958 -4.10 -45.62 -11.83
C VAL B 958 -3.64 -46.98 -11.32
N GLN B 959 -4.56 -47.83 -10.87
CA GLN B 959 -4.17 -49.18 -10.48
C GLN B 959 -3.63 -49.95 -11.67
N GLU B 960 -4.26 -49.80 -12.84
CA GLU B 960 -3.74 -50.43 -14.04
C GLU B 960 -2.35 -49.89 -14.37
N ALA B 961 -2.16 -48.58 -14.24
CA ALA B 961 -0.85 -48.00 -14.51
C ALA B 961 0.21 -48.57 -13.56
N GLN B 962 -0.13 -48.66 -12.27
CA GLN B 962 0.80 -49.25 -11.31
C GLN B 962 1.11 -50.70 -11.66
N ARG B 963 0.09 -51.46 -12.03
CA ARG B 963 0.31 -52.83 -12.49
C ARG B 963 1.30 -52.85 -13.64
N ALA B 964 1.22 -51.86 -14.54
CA ALA B 964 2.24 -51.72 -15.55
C ALA B 964 3.62 -51.57 -14.92
N GLY B 965 3.69 -50.98 -13.73
CA GLY B 965 4.92 -50.95 -12.96
C GLY B 965 5.73 -49.68 -13.12
N VAL B 966 5.05 -48.53 -13.15
CA VAL B 966 5.70 -47.24 -13.27
C VAL B 966 5.17 -46.31 -12.20
N GLU B 967 6.07 -45.72 -11.42
CA GLU B 967 5.68 -44.67 -10.50
C GLU B 967 5.31 -43.40 -11.27
N ILE B 968 4.47 -42.57 -10.66
CA ILE B 968 3.94 -41.38 -11.32
C ILE B 968 4.16 -40.17 -10.43
N PHE B 969 4.27 -39.01 -11.07
CA PHE B 969 4.37 -37.73 -10.39
C PHE B 969 3.41 -36.75 -11.02
N ALA B 970 2.83 -35.88 -10.19
CA ALA B 970 1.83 -34.92 -10.63
C ALA B 970 2.36 -33.50 -10.45
N VAL B 971 2.22 -32.70 -11.49
CA VAL B 971 2.59 -31.29 -11.45
C VAL B 971 1.39 -30.50 -11.98
N VAL B 972 0.94 -29.52 -11.22
CA VAL B 972 -0.28 -28.80 -11.57
C VAL B 972 -0.07 -27.31 -11.36
N VAL B 973 -0.86 -26.53 -12.10
CA VAL B 973 -0.77 -25.07 -12.10
C VAL B 973 -2.15 -24.50 -11.78
N GLY B 974 -2.17 -23.50 -10.90
CA GLY B 974 -3.42 -22.88 -10.50
C GLY B 974 -4.13 -23.64 -9.40
N ARG B 975 -5.17 -23.02 -8.86
CA ARG B 975 -5.94 -23.59 -7.77
C ARG B 975 -7.38 -23.89 -8.16
N GLN B 976 -7.78 -23.69 -9.41
CA GLN B 976 -9.11 -24.06 -9.86
C GLN B 976 -9.13 -25.55 -10.20
N VAL B 977 -8.70 -26.38 -9.26
CA VAL B 977 -8.47 -27.80 -9.49
C VAL B 977 -9.27 -28.59 -8.47
N ASN B 978 -9.88 -29.68 -8.91
CA ASN B 978 -10.62 -30.57 -8.02
C ASN B 978 -9.59 -31.31 -7.15
N GLU B 979 -9.42 -30.83 -5.92
CA GLU B 979 -8.37 -31.37 -5.06
C GLU B 979 -8.51 -32.87 -4.85
N PRO B 980 -9.69 -33.43 -4.54
CA PRO B 980 -9.77 -34.88 -4.33
C PRO B 980 -9.29 -35.69 -5.53
N HIS B 981 -9.62 -35.25 -6.76
CA HIS B 981 -9.25 -36.04 -7.92
C HIS B 981 -7.75 -36.05 -8.15
N VAL B 982 -7.10 -34.90 -8.00
CA VAL B 982 -5.65 -34.85 -8.17
C VAL B 982 -4.96 -35.62 -7.06
N ARG B 983 -5.49 -35.54 -5.84
CA ARG B 983 -4.93 -36.34 -4.76
C ARG B 983 -5.03 -37.82 -5.08
N VAL B 984 -6.18 -38.26 -5.59
CA VAL B 984 -6.35 -39.65 -6.01
C VAL B 984 -5.31 -40.01 -7.06
N LEU B 985 -5.19 -39.19 -8.10
CA LEU B 985 -4.24 -39.46 -9.16
C LEU B 985 -2.84 -39.63 -8.60
N VAL B 986 -2.45 -38.77 -7.66
CA VAL B 986 -1.11 -38.85 -7.08
C VAL B 986 -0.95 -40.14 -6.29
N THR B 987 -1.92 -40.45 -5.43
CA THR B 987 -1.75 -41.53 -4.45
C THR B 987 -2.08 -42.91 -5.02
N GLY B 988 -3.29 -43.07 -5.54
CA GLY B 988 -3.82 -44.36 -5.89
C GLY B 988 -4.69 -45.00 -4.83
N LYS B 989 -4.61 -44.51 -3.59
CA LYS B 989 -5.46 -44.97 -2.50
C LYS B 989 -6.03 -43.73 -1.82
N ALA B 990 -7.28 -43.40 -2.13
CA ALA B 990 -7.89 -42.18 -1.58
C ALA B 990 -7.98 -42.25 -0.06
N ALA B 991 -8.41 -43.40 0.46
CA ALA B 991 -8.59 -43.53 1.91
C ALA B 991 -7.28 -43.30 2.66
N GLU B 992 -6.19 -43.88 2.16
CA GLU B 992 -4.87 -43.76 2.77
C GLU B 992 -4.02 -42.88 1.86
N TYR B 993 -4.05 -41.57 2.10
CA TYR B 993 -3.21 -40.62 1.37
C TYR B 993 -1.90 -40.50 2.14
N ASP B 994 -0.91 -41.30 1.74
CA ASP B 994 0.38 -41.26 2.41
C ASP B 994 0.98 -39.86 2.29
N VAL B 995 1.41 -39.31 3.43
CA VAL B 995 1.99 -37.98 3.42
C VAL B 995 3.28 -37.97 2.60
N VAL B 996 4.13 -38.97 2.80
CA VAL B 996 5.41 -39.02 2.10
C VAL B 996 5.19 -39.12 0.60
N PHE B 997 4.34 -40.05 0.17
CA PHE B 997 4.07 -40.20 -1.26
C PHE B 997 3.39 -38.93 -1.79
N GLY B 998 2.46 -38.38 -1.03
CA GLY B 998 1.74 -37.20 -1.46
C GLY B 998 2.64 -36.00 -1.73
N GLU B 999 3.30 -35.51 -0.68
CA GLU B 999 4.09 -34.29 -0.83
C GLU B 999 5.16 -34.46 -1.89
N ARG B 1000 5.84 -35.61 -1.91
CA ARG B 1000 6.93 -35.81 -2.85
C ARG B 1000 6.42 -35.79 -4.29
N HIS B 1001 5.27 -36.41 -4.54
CA HIS B 1001 4.79 -36.62 -5.90
C HIS B 1001 4.02 -35.43 -6.46
N LEU B 1002 3.75 -34.40 -5.66
CA LEU B 1002 2.93 -33.28 -6.11
C LEU B 1002 3.77 -32.01 -6.15
N PHE B 1003 3.71 -31.31 -7.29
CA PHE B 1003 4.28 -29.97 -7.42
C PHE B 1003 3.15 -29.01 -7.76
N ARG B 1004 3.13 -27.87 -7.10
CA ARG B 1004 2.08 -26.87 -7.24
C ARG B 1004 2.66 -25.59 -7.84
N VAL B 1005 1.90 -24.94 -8.70
CA VAL B 1005 2.30 -23.67 -9.27
C VAL B 1005 1.12 -22.70 -9.21
N PRO B 1006 1.32 -21.44 -8.80
CA PRO B 1006 0.19 -20.49 -8.79
C PRO B 1006 -0.29 -20.12 -10.18
N SER B 1007 0.64 -19.74 -11.06
CA SER B 1007 0.29 -19.20 -12.36
C SER B 1007 1.17 -19.83 -13.44
N TYR B 1008 0.64 -19.83 -14.67
CA TYR B 1008 1.39 -20.39 -15.78
C TYR B 1008 2.70 -19.67 -15.99
N GLN B 1009 2.69 -18.33 -15.90
CA GLN B 1009 3.93 -17.57 -16.08
C GLN B 1009 4.96 -17.96 -15.03
N ALA B 1010 4.54 -18.12 -13.78
CA ALA B 1010 5.47 -18.49 -12.72
C ALA B 1010 6.15 -19.82 -12.98
N LEU B 1011 5.54 -20.69 -13.77
CA LEU B 1011 6.12 -22.02 -14.01
C LEU B 1011 7.49 -21.90 -14.63
N LEU B 1012 7.62 -21.04 -15.66
CA LEU B 1012 8.89 -20.90 -16.36
C LEU B 1012 9.90 -20.07 -15.57
N ARG B 1013 9.42 -19.11 -14.78
CA ARG B 1013 10.33 -18.24 -14.05
C ARG B 1013 11.13 -19.03 -13.03
N GLY B 1014 12.32 -18.52 -12.71
CA GLY B 1014 13.16 -19.19 -11.73
C GLY B 1014 13.79 -20.45 -12.29
N VAL B 1015 14.22 -21.30 -11.36
CA VAL B 1015 14.88 -22.56 -11.73
C VAL B 1015 13.97 -23.72 -11.36
N PHE B 1016 12.66 -23.48 -11.31
CA PHE B 1016 11.72 -24.54 -10.97
C PHE B 1016 11.94 -25.74 -11.88
N TYR B 1017 12.20 -25.49 -13.17
CA TYR B 1017 12.42 -26.59 -14.10
C TYR B 1017 13.60 -27.44 -13.65
N GLN B 1018 14.67 -26.80 -13.19
CA GLN B 1018 15.82 -27.53 -12.67
C GLN B 1018 15.39 -28.42 -11.51
N THR B 1019 14.61 -27.87 -10.58
CA THR B 1019 14.22 -28.61 -9.39
C THR B 1019 13.39 -29.82 -9.76
N VAL B 1020 12.39 -29.63 -10.62
CA VAL B 1020 11.51 -30.74 -11.00
C VAL B 1020 12.31 -31.81 -11.72
N SER B 1021 13.19 -31.42 -12.64
CA SER B 1021 13.97 -32.40 -13.36
C SER B 1021 14.88 -33.18 -12.42
N ARG B 1022 15.55 -32.48 -11.51
CA ARG B 1022 16.43 -33.16 -10.56
C ARG B 1022 15.65 -34.12 -9.68
N LYS B 1023 14.47 -33.71 -9.21
CA LYS B 1023 13.65 -34.60 -8.40
C LYS B 1023 13.23 -35.82 -9.20
N VAL B 1024 12.88 -35.63 -10.47
CA VAL B 1024 12.57 -36.77 -11.33
C VAL B 1024 13.78 -37.69 -11.40
N ALA B 1025 14.98 -37.11 -11.46
CA ALA B 1025 16.18 -37.92 -11.59
C ALA B 1025 16.38 -38.81 -10.36
N LEU B 1026 16.34 -38.23 -9.17
CA LEU B 1026 16.61 -38.99 -7.96
C LEU B 1026 15.63 -40.16 -7.85
N ASP B 1027 16.18 -41.33 -7.52
CA ASP B 1027 15.37 -42.53 -7.43
C ASP B 1027 14.50 -42.51 -6.18
N GLY C 587 -16.32 -30.52 11.19
CA GLY C 587 -16.25 -29.77 9.95
C GLY C 587 -15.28 -30.39 8.95
N GLU C 588 -14.83 -29.57 8.00
CA GLU C 588 -13.89 -30.05 6.99
C GLU C 588 -12.50 -30.19 7.59
N PRO C 589 -11.63 -30.97 6.94
CA PRO C 589 -10.26 -31.10 7.43
C PRO C 589 -9.52 -29.77 7.39
N GLY C 590 -8.55 -29.62 8.29
CA GLY C 590 -7.77 -28.41 8.37
C GLY C 590 -6.93 -28.20 7.13
N PRO C 591 -6.39 -27.00 6.96
CA PRO C 591 -5.57 -26.70 5.77
C PRO C 591 -4.16 -27.27 5.92
N PRO C 592 -3.41 -27.34 4.82
CA PRO C 592 -2.06 -27.89 4.90
C PRO C 592 -1.14 -27.03 5.74
N GLY C 593 -0.11 -27.66 6.31
CA GLY C 593 0.79 -26.99 7.23
C GLY C 593 1.81 -26.10 6.55
N ASP C 594 2.64 -25.48 7.39
CA ASP C 594 3.63 -24.51 6.91
C ASP C 594 4.76 -25.24 6.17
N PRO C 595 5.19 -24.75 5.00
CA PRO C 595 6.26 -25.45 4.27
C PRO C 595 7.54 -25.64 5.08
N GLY C 596 8.48 -26.41 4.53
CA GLY C 596 9.58 -26.94 5.32
C GLY C 596 10.59 -25.94 5.83
N LEU C 597 11.45 -25.42 4.96
CA LEU C 597 12.29 -24.28 5.30
C LEU C 597 11.86 -23.16 4.37
N THR C 598 10.83 -22.45 4.79
CA THR C 598 10.16 -21.47 3.93
C THR C 598 11.20 -20.52 3.35
N GLU C 599 10.90 -19.94 2.18
CA GLU C 599 11.85 -19.07 1.50
C GLU C 599 12.58 -18.17 2.48
N CYS C 600 11.84 -17.57 3.41
CA CYS C 600 12.47 -16.75 4.45
C CYS C 600 13.40 -17.57 5.33
N ASP C 601 13.03 -18.83 5.61
CA ASP C 601 13.86 -19.66 6.48
C ASP C 601 15.24 -19.89 5.86
N VAL C 602 15.28 -20.34 4.61
CA VAL C 602 16.57 -20.53 3.94
C VAL C 602 17.26 -19.18 3.77
N MET C 603 16.49 -18.11 3.52
CA MET C 603 17.07 -16.79 3.37
C MET C 603 17.87 -16.42 4.61
N THR C 604 17.25 -16.53 5.79
CA THR C 604 17.93 -16.20 7.04
C THR C 604 19.09 -17.16 7.27
N TYR C 605 18.91 -18.44 6.96
CA TYR C 605 20.00 -19.39 7.16
C TYR C 605 21.23 -18.97 6.37
N VAL C 606 21.06 -18.67 5.08
CA VAL C 606 22.20 -18.31 4.25
C VAL C 606 22.80 -16.99 4.74
N ARG C 607 21.96 -15.99 5.04
CA ARG C 607 22.49 -14.73 5.53
C ARG C 607 23.29 -14.93 6.80
N GLU C 608 22.89 -15.90 7.62
CA GLU C 608 23.58 -16.16 8.88
C GLU C 608 24.91 -16.87 8.63
N THR C 609 24.94 -17.80 7.68
CA THR C 609 26.11 -18.65 7.52
C THR C 609 27.36 -17.84 7.20
N CYS C 610 27.25 -16.88 6.29
CA CYS C 610 28.40 -16.08 5.88
C CYS C 610 28.11 -14.59 5.94
N GLY C 611 26.86 -14.20 5.72
CA GLY C 611 26.50 -12.80 5.72
C GLY C 611 27.08 -12.06 4.52
N THR C 828 15.12 -3.99 12.58
CA THR C 828 14.86 -5.43 12.64
C THR C 828 14.17 -5.79 13.94
N GLU C 829 14.10 -7.09 14.24
CA GLU C 829 13.46 -7.60 15.44
C GLU C 829 14.49 -8.25 16.34
N LEU C 830 14.32 -8.08 17.65
CA LEU C 830 15.20 -8.67 18.65
C LEU C 830 14.42 -9.68 19.46
N TYR C 831 15.00 -10.87 19.65
CA TYR C 831 14.37 -11.90 20.45
C TYR C 831 14.60 -11.62 21.93
N VAL C 832 13.53 -11.64 22.71
CA VAL C 832 13.58 -11.46 24.15
C VAL C 832 12.81 -12.59 24.80
N ALA C 833 13.45 -13.26 25.76
CA ALA C 833 12.76 -14.30 26.51
C ALA C 833 11.53 -13.71 27.18
N GLN C 834 10.40 -14.41 27.05
CA GLN C 834 9.15 -13.89 27.57
C GLN C 834 9.26 -13.65 29.08
N CYS C 835 8.31 -12.88 29.60
CA CYS C 835 8.34 -12.51 31.00
C CYS C 835 8.38 -13.76 31.88
N THR C 836 9.26 -13.75 32.87
CA THR C 836 9.37 -14.86 33.81
C THR C 836 9.35 -14.38 35.25
N GLN C 837 8.82 -13.17 35.49
CA GLN C 837 8.64 -12.65 36.84
C GLN C 837 9.96 -12.52 37.59
N ARG C 838 11.05 -12.29 36.87
CA ARG C 838 12.33 -12.08 37.51
C ARG C 838 12.32 -10.75 38.26
N PRO C 839 13.13 -10.61 39.32
CA PRO C 839 13.10 -9.39 40.11
C PRO C 839 13.44 -8.17 39.28
N VAL C 840 12.46 -7.26 39.12
CA VAL C 840 12.60 -6.08 38.28
C VAL C 840 12.03 -4.89 39.03
N ASP C 841 12.72 -3.76 38.93
CA ASP C 841 12.24 -2.49 39.47
C ASP C 841 12.08 -1.51 38.32
N ILE C 842 10.89 -0.97 38.16
CA ILE C 842 10.53 -0.13 37.02
C ILE C 842 10.01 1.20 37.54
N VAL C 843 10.50 2.30 36.97
CA VAL C 843 10.09 3.64 37.35
C VAL C 843 9.77 4.41 36.08
N PHE C 844 8.54 4.90 35.97
CA PHE C 844 8.12 5.61 34.77
C PHE C 844 8.65 7.04 34.79
N LEU C 845 8.39 7.76 33.71
CA LEU C 845 8.79 9.17 33.59
C LEU C 845 7.91 9.80 32.53
N LEU C 846 7.02 10.70 32.94
CA LEU C 846 6.09 11.37 32.04
C LEU C 846 6.35 12.87 32.14
N ASP C 847 7.06 13.41 31.14
CA ASP C 847 7.38 14.84 31.16
C ASP C 847 6.10 15.66 31.05
N GLY C 848 6.06 16.77 31.79
CA GLY C 848 4.90 17.63 31.84
C GLY C 848 4.79 18.63 30.71
N SER C 849 5.67 18.53 29.71
CA SER C 849 5.68 19.48 28.59
C SER C 849 4.27 19.82 28.16
N GLU C 850 4.02 21.11 27.93
CA GLU C 850 2.68 21.55 27.57
C GLU C 850 2.18 20.89 26.29
N ARG C 851 3.09 20.39 25.46
CA ARG C 851 2.68 19.71 24.23
C ARG C 851 2.06 18.33 24.48
N LEU C 852 1.79 17.92 25.72
CA LEU C 852 1.22 16.60 25.97
C LEU C 852 -0.29 16.61 25.77
N GLY C 853 -1.00 17.42 26.56
CA GLY C 853 -2.44 17.57 26.41
C GLY C 853 -3.22 16.96 27.56
N GLU C 854 -4.18 17.72 28.09
CA GLU C 854 -4.94 17.24 29.25
C GLU C 854 -5.66 15.93 28.94
N GLN C 855 -6.35 15.87 27.79
CA GLN C 855 -6.99 14.61 27.40
C GLN C 855 -5.95 13.53 27.16
N ASN C 856 -4.82 13.90 26.54
CA ASN C 856 -3.75 12.94 26.38
C ASN C 856 -3.14 12.54 27.71
N PHE C 857 -3.13 13.46 28.69
CA PHE C 857 -2.71 13.09 30.03
C PHE C 857 -3.63 12.05 30.63
N HIS C 858 -4.94 12.22 30.44
CA HIS C 858 -5.88 11.21 30.93
C HIS C 858 -5.66 9.87 30.23
N LYS C 859 -5.41 9.91 28.92
CA LYS C 859 -5.12 8.68 28.19
C LYS C 859 -3.88 7.99 28.72
N VAL C 860 -2.83 8.77 29.03
CA VAL C 860 -1.61 8.19 29.58
C VAL C 860 -1.87 7.63 30.97
N ARG C 861 -2.73 8.30 31.75
CA ARG C 861 -3.12 7.74 33.05
C ARG C 861 -3.76 6.38 32.87
N ARG C 862 -4.68 6.27 31.91
CA ARG C 862 -5.33 4.98 31.65
C ARG C 862 -4.31 3.93 31.22
N PHE C 863 -3.36 4.32 30.36
CA PHE C 863 -2.35 3.38 29.89
C PHE C 863 -1.50 2.88 31.06
N VAL C 864 -1.08 3.79 31.94
CA VAL C 864 -0.27 3.38 33.08
C VAL C 864 -1.07 2.49 34.01
N GLU C 865 -2.35 2.81 34.21
CA GLU C 865 -3.21 1.95 35.01
C GLU C 865 -3.24 0.54 34.44
N GLU C 866 -3.45 0.43 33.13
CA GLU C 866 -3.49 -0.89 32.49
C GLU C 866 -2.17 -1.62 32.66
N VAL C 867 -1.05 -0.92 32.46
CA VAL C 867 0.25 -1.57 32.55
C VAL C 867 0.48 -2.09 33.97
N SER C 868 0.23 -1.24 34.98
CA SER C 868 0.41 -1.67 36.35
C SER C 868 -0.54 -2.80 36.72
N ARG C 869 -1.70 -2.87 36.05
CA ARG C 869 -2.63 -3.96 36.32
C ARG C 869 -2.13 -5.28 35.73
N ARG C 870 -1.61 -5.25 34.50
CA ARG C 870 -1.23 -6.49 33.84
C ARG C 870 -0.03 -7.14 34.52
N LEU C 871 1.02 -6.37 34.78
CA LEU C 871 2.21 -6.94 35.41
C LEU C 871 1.90 -7.45 36.80
N THR C 872 2.53 -8.56 37.16
CA THR C 872 2.43 -9.07 38.52
C THR C 872 3.11 -8.10 39.48
N LEU C 873 2.60 -8.04 40.70
CA LEU C 873 3.10 -7.12 41.71
C LEU C 873 3.65 -7.91 42.90
N ALA C 874 4.81 -7.51 43.38
CA ALA C 874 5.44 -8.18 44.52
C ALA C 874 4.74 -7.79 45.82
N ARG C 875 4.89 -8.64 46.82
CA ARG C 875 4.30 -8.36 48.12
C ARG C 875 5.06 -7.27 48.85
N LYS C 876 6.39 -7.34 48.84
CA LYS C 876 7.21 -6.46 49.66
C LYS C 876 8.61 -6.41 49.07
N ASP C 877 9.58 -5.98 49.86
CA ASP C 877 10.96 -5.75 49.46
C ASP C 877 11.87 -6.74 50.19
N ASP C 878 13.18 -6.47 50.15
CA ASP C 878 14.20 -7.43 50.57
C ASP C 878 14.34 -8.56 49.54
N ASP C 879 14.49 -8.16 48.28
CA ASP C 879 14.79 -9.05 47.16
C ASP C 879 13.86 -10.27 47.09
N PRO C 880 12.55 -10.05 47.00
CA PRO C 880 11.65 -11.14 46.60
C PRO C 880 11.45 -11.14 45.09
N LEU C 881 10.80 -12.19 44.61
CA LEU C 881 10.49 -12.28 43.20
C LEU C 881 9.45 -11.22 42.82
N ASN C 882 9.07 -11.21 41.55
CA ASN C 882 8.05 -10.26 41.07
C ASN C 882 8.61 -8.84 41.05
N ALA C 883 7.92 -7.94 40.36
CA ALA C 883 8.43 -6.61 40.09
C ALA C 883 7.54 -5.55 40.73
N ARG C 884 8.12 -4.38 40.97
CA ARG C 884 7.44 -3.23 41.55
C ARG C 884 7.11 -2.24 40.43
N VAL C 885 6.59 -1.06 40.81
CA VAL C 885 6.22 -0.03 39.85
C VAL C 885 6.31 1.33 40.54
N ALA C 886 6.61 2.36 39.75
CA ALA C 886 6.64 3.73 40.23
C ALA C 886 6.40 4.67 39.06
N LEU C 887 5.96 5.89 39.38
CA LEU C 887 5.76 6.93 38.38
C LEU C 887 5.88 8.30 39.04
N LEU C 888 6.30 9.28 38.25
CA LEU C 888 6.35 10.66 38.69
C LEU C 888 6.05 11.58 37.52
N GLN C 889 5.74 12.82 37.83
CA GLN C 889 5.28 13.81 36.85
C GLN C 889 6.02 15.13 37.04
N PHE C 890 7.35 15.06 37.08
CA PHE C 890 8.18 16.24 37.28
C PHE C 890 7.85 17.33 36.28
N GLY C 891 8.21 18.58 36.61
CA GLY C 891 7.96 19.70 35.72
C GLY C 891 9.12 20.68 35.76
N GLY C 892 9.02 21.70 34.90
CA GLY C 892 10.05 22.72 34.81
C GLY C 892 9.82 23.83 35.81
N PRO C 893 8.65 24.46 35.75
CA PRO C 893 8.28 25.44 36.78
C PRO C 893 8.29 24.79 38.16
N ARG C 894 8.75 25.55 39.15
CA ARG C 894 9.01 25.10 40.51
C ARG C 894 10.20 24.14 40.57
N GLU C 895 10.87 23.88 39.44
CA GLU C 895 12.15 23.18 39.41
C GLU C 895 12.09 21.82 40.09
N GLN C 896 10.90 21.27 40.35
CA GLN C 896 10.80 19.95 40.95
C GLN C 896 9.33 19.57 41.04
N GLN C 897 9.10 18.28 41.31
CA GLN C 897 7.80 17.76 41.66
C GLN C 897 8.01 16.43 42.37
N VAL C 898 6.96 15.95 43.03
CA VAL C 898 7.03 14.73 43.81
C VAL C 898 5.89 13.81 43.40
N ALA C 899 6.08 12.52 43.64
CA ALA C 899 5.07 11.52 43.33
C ALA C 899 5.35 10.29 44.19
N PHE C 900 4.41 9.35 44.15
CA PHE C 900 4.52 8.16 44.98
C PHE C 900 5.79 7.39 44.62
N PRO C 901 6.43 6.77 45.60
CA PRO C 901 7.64 5.99 45.33
C PRO C 901 7.29 4.59 44.85
N LEU C 902 8.33 3.83 44.52
CA LEU C 902 8.13 2.45 44.11
C LEU C 902 7.42 1.67 45.20
N THR C 903 6.31 1.03 44.84
CA THR C 903 5.51 0.27 45.80
C THR C 903 4.47 -0.52 45.04
N SER C 904 4.18 -1.72 45.55
CA SER C 904 3.23 -2.63 44.93
C SER C 904 1.82 -2.48 45.48
N ASN C 905 1.59 -1.55 46.41
CA ASN C 905 0.26 -1.33 46.94
C ASN C 905 -0.58 -0.62 45.89
N LEU C 906 -1.23 -1.37 45.01
CA LEU C 906 -1.93 -0.79 43.87
C LEU C 906 -3.01 0.19 44.29
N THR C 907 -3.52 0.09 45.51
CA THR C 907 -4.49 1.07 45.98
C THR C 907 -3.89 2.47 46.01
N VAL C 908 -2.63 2.57 46.44
CA VAL C 908 -1.95 3.87 46.43
C VAL C 908 -1.82 4.36 45.00
N ILE C 909 -1.55 3.46 44.05
CA ILE C 909 -1.46 3.86 42.65
C ILE C 909 -2.80 4.41 42.17
N GLN C 910 -3.88 3.71 42.51
CA GLN C 910 -5.21 4.20 42.14
C GLN C 910 -5.45 5.59 42.70
N GLU C 911 -5.17 5.77 43.99
CA GLU C 911 -5.42 7.08 44.61
C GLU C 911 -4.59 8.17 43.97
N ALA C 912 -3.31 7.90 43.72
CA ALA C 912 -2.45 8.91 43.13
C ALA C 912 -2.92 9.26 41.72
N LEU C 913 -3.29 8.26 40.92
CA LEU C 913 -3.78 8.53 39.57
C LEU C 913 -5.06 9.34 39.61
N ALA C 914 -5.96 9.03 40.54
CA ALA C 914 -7.21 9.76 40.63
C ALA C 914 -6.96 11.24 40.89
N SER C 915 -6.02 11.56 41.78
CA SER C 915 -5.65 12.93 42.09
C SER C 915 -4.56 13.45 41.17
N ALA C 916 -4.15 12.68 40.16
CA ALA C 916 -3.08 13.10 39.28
C ALA C 916 -3.42 14.44 38.63
N ARG C 917 -2.46 15.35 38.65
CA ARG C 917 -2.63 16.69 38.11
C ARG C 917 -1.78 16.84 36.86
N TYR C 918 -2.40 17.24 35.76
CA TYR C 918 -1.69 17.48 34.51
C TYR C 918 -0.95 18.81 34.62
N LEU C 919 0.38 18.77 34.60
CA LEU C 919 1.16 19.97 34.82
C LEU C 919 0.87 21.01 33.73
N ASN C 920 0.80 20.58 32.47
CA ASN C 920 0.75 21.52 31.36
C ASN C 920 1.90 22.51 31.48
N SER C 921 3.04 22.01 31.94
CA SER C 921 4.21 22.83 32.25
C SER C 921 5.43 22.30 31.49
N PHE C 922 6.61 22.74 31.87
CA PHE C 922 7.83 22.40 31.15
C PHE C 922 8.60 21.31 31.86
N SER C 923 9.61 20.79 31.15
CA SER C 923 10.42 19.68 31.66
C SER C 923 11.83 19.83 31.12
N HIS C 924 12.71 20.42 31.91
CA HIS C 924 14.13 20.39 31.59
C HIS C 924 14.62 18.98 31.85
N VAL C 925 14.50 18.11 30.85
CA VAL C 925 14.56 16.66 31.06
C VAL C 925 15.75 16.27 31.93
N GLY C 926 16.86 17.02 31.85
CA GLY C 926 18.01 16.69 32.67
C GLY C 926 17.71 16.81 34.15
N THR C 927 17.13 17.94 34.56
CA THR C 927 16.79 18.13 35.97
C THR C 927 15.77 17.09 36.41
N GLY C 928 14.78 16.82 35.58
CA GLY C 928 13.79 15.81 35.92
C GLY C 928 14.41 14.45 36.12
N ILE C 929 15.29 14.04 35.21
CA ILE C 929 15.86 12.70 35.29
C ILE C 929 16.80 12.60 36.49
N VAL C 930 17.54 13.66 36.80
CA VAL C 930 18.42 13.59 37.97
C VAL C 930 17.59 13.56 39.25
N GLN C 931 16.50 14.33 39.30
CA GLN C 931 15.62 14.24 40.46
C GLN C 931 15.03 12.84 40.58
N ALA C 932 14.63 12.24 39.46
CA ALA C 932 14.06 10.90 39.49
C ALA C 932 15.08 9.88 39.96
N ILE C 933 16.32 9.97 39.46
CA ILE C 933 17.33 9.00 39.86
C ILE C 933 17.66 9.15 41.33
N ASN C 934 17.72 10.40 41.82
CA ASN C 934 17.94 10.60 43.25
C ASN C 934 16.81 10.00 44.07
N GLN C 935 15.56 10.24 43.65
CA GLN C 935 14.42 9.72 44.41
C GLN C 935 14.41 8.20 44.42
N VAL C 936 14.65 7.57 43.27
CA VAL C 936 14.61 6.12 43.21
C VAL C 936 15.81 5.52 43.93
N VAL C 937 16.96 6.19 43.92
CA VAL C 937 18.10 5.72 44.71
C VAL C 937 17.74 5.76 46.19
N GLN C 938 17.10 6.85 46.63
CA GLN C 938 16.67 6.94 48.02
C GLN C 938 15.70 5.81 48.35
N GLY C 939 14.74 5.54 47.46
CA GLY C 939 13.80 4.46 47.71
C GLY C 939 14.49 3.10 47.78
N ALA C 940 15.41 2.84 46.85
CA ALA C 940 16.11 1.57 46.84
C ALA C 940 16.94 1.40 48.11
N ARG C 941 17.60 2.47 48.56
CA ARG C 941 18.33 2.40 49.82
C ARG C 941 17.38 2.11 50.98
N ALA C 942 16.20 2.73 50.96
CA ALA C 942 15.17 2.41 51.94
C ALA C 942 14.70 0.96 51.81
N GLY C 943 14.92 0.34 50.66
CA GLY C 943 14.50 -1.03 50.43
C GLY C 943 15.64 -2.01 50.28
N ALA C 944 16.67 -1.85 51.10
CA ALA C 944 17.81 -2.78 51.10
C ALA C 944 18.47 -2.85 49.73
N ARG C 945 19.25 -3.91 49.49
CA ARG C 945 19.96 -4.03 48.22
C ARG C 945 18.99 -4.32 47.08
N ARG C 946 18.28 -5.45 47.16
CA ARG C 946 17.34 -5.88 46.14
C ARG C 946 17.90 -5.63 44.75
N HIS C 947 19.03 -6.29 44.46
CA HIS C 947 19.77 -6.05 43.24
C HIS C 947 18.85 -5.93 42.03
N ALA C 948 18.12 -7.00 41.72
CA ALA C 948 17.14 -6.99 40.64
C ALA C 948 17.66 -6.24 39.43
N GLU C 949 17.17 -5.03 39.21
CA GLU C 949 17.61 -4.15 38.13
C GLU C 949 16.95 -2.79 38.37
N LEU C 950 17.16 -1.87 37.42
CA LEU C 950 16.52 -0.56 37.51
C LEU C 950 16.31 -0.07 36.07
N SER C 951 15.07 -0.15 35.60
CA SER C 951 14.70 0.23 34.25
C SER C 951 13.79 1.43 34.27
N PHE C 952 14.02 2.36 33.34
CA PHE C 952 13.22 3.57 33.21
C PHE C 952 12.47 3.55 31.88
N VAL C 953 11.22 4.00 31.93
CA VAL C 953 10.38 4.12 30.74
C VAL C 953 10.08 5.60 30.54
N PHE C 954 10.42 6.13 29.37
CA PHE C 954 10.28 7.54 29.07
C PHE C 954 9.03 7.74 28.21
N LEU C 955 8.01 8.35 28.79
CA LEU C 955 6.79 8.71 28.07
C LEU C 955 6.88 10.19 27.69
N THR C 956 7.69 10.48 26.68
CA THR C 956 7.88 11.87 26.27
C THR C 956 8.51 11.91 24.90
N ASP C 957 8.11 12.92 24.11
CA ASP C 957 8.81 13.19 22.86
C ASP C 957 10.26 13.55 23.13
N GLY C 958 10.55 14.12 24.29
CA GLY C 958 11.90 14.50 24.65
C GLY C 958 12.29 15.91 24.23
N VAL C 959 11.47 16.58 23.43
CA VAL C 959 11.77 17.95 23.02
C VAL C 959 11.58 18.86 24.23
N THR C 960 12.67 19.42 24.72
CA THR C 960 12.63 20.29 25.89
C THR C 960 14.05 20.80 26.14
N GLY C 961 14.17 21.72 27.10
CA GLY C 961 15.47 22.26 27.44
C GLY C 961 16.42 21.18 27.91
N ASN C 962 17.67 21.27 27.50
CA ASN C 962 18.68 20.28 27.84
C ASN C 962 19.83 20.92 28.59
N ASP C 963 19.52 21.73 29.61
CA ASP C 963 20.54 22.48 30.31
C ASP C 963 21.60 21.56 30.92
N SER C 964 21.18 20.43 31.49
CA SER C 964 22.07 19.50 32.17
C SER C 964 21.79 18.06 31.73
N LEU C 965 21.64 17.86 30.43
CA LEU C 965 21.31 16.52 29.94
C LEU C 965 22.50 15.58 30.05
N ASP C 966 23.68 16.02 29.63
CA ASP C 966 24.82 15.10 29.55
C ASP C 966 25.26 14.62 30.92
N GLU C 967 25.29 15.50 31.91
CA GLU C 967 25.70 15.10 33.25
C GLU C 967 24.75 14.04 33.81
N ALA C 968 23.45 14.25 33.65
CA ALA C 968 22.48 13.27 34.12
C ALA C 968 22.61 11.96 33.35
N VAL C 969 22.89 12.05 32.05
CA VAL C 969 23.09 10.84 31.27
C VAL C 969 24.28 10.05 31.81
N HIS C 970 25.37 10.75 32.14
CA HIS C 970 26.53 10.07 32.71
C HIS C 970 26.20 9.45 34.05
N SER C 971 25.43 10.17 34.88
CA SER C 971 25.02 9.60 36.16
C SER C 971 24.20 8.33 35.95
N MET C 972 23.28 8.36 34.99
CA MET C 972 22.49 7.17 34.68
C MET C 972 23.38 6.03 34.23
N ARG C 973 24.36 6.31 33.37
CA ARG C 973 25.29 5.29 32.93
C ARG C 973 25.98 4.65 34.13
N LYS C 974 26.48 5.47 35.05
CA LYS C 974 27.19 4.93 36.21
C LYS C 974 26.24 4.25 37.19
N GLN C 975 24.93 4.50 37.08
CA GLN C 975 23.95 3.95 38.01
C GLN C 975 23.27 2.70 37.48
N ASN C 976 23.97 1.92 36.66
CA ASN C 976 23.51 0.61 36.18
C ASN C 976 22.02 0.64 35.86
N VAL C 977 21.66 1.52 34.93
CA VAL C 977 20.28 1.70 34.52
C VAL C 977 20.08 1.11 33.13
N VAL C 978 18.83 0.80 32.81
CA VAL C 978 18.46 0.25 31.51
C VAL C 978 17.25 1.04 31.00
N PRO C 979 17.36 1.72 29.87
CA PRO C 979 16.25 2.57 29.41
C PRO C 979 15.30 1.82 28.47
N THR C 980 14.16 2.45 28.22
CA THR C 980 13.21 1.98 27.21
C THR C 980 12.30 3.15 26.89
N VAL C 981 12.34 3.62 25.65
CA VAL C 981 11.70 4.87 25.25
C VAL C 981 10.61 4.55 24.24
N VAL C 982 9.44 5.17 24.41
CA VAL C 982 8.30 4.97 23.51
C VAL C 982 7.84 6.37 23.07
N ALA C 983 8.36 6.83 21.94
CA ALA C 983 7.96 8.12 21.41
C ALA C 983 6.65 8.01 20.65
N VAL C 984 5.89 9.10 20.64
CA VAL C 984 4.60 9.16 19.98
C VAL C 984 4.55 10.44 19.14
N GLY C 985 4.04 10.32 17.93
CA GLY C 985 3.95 11.45 17.03
C GLY C 985 5.14 11.52 16.08
N SER C 986 4.88 12.01 14.87
CA SER C 986 5.95 12.13 13.88
C SER C 986 7.02 13.10 14.34
N ASP C 987 6.63 14.22 14.94
CA ASP C 987 7.57 15.24 15.37
C ASP C 987 8.39 14.71 16.53
N VAL C 988 9.63 14.33 16.25
CA VAL C 988 10.55 13.84 17.28
C VAL C 988 11.97 14.22 16.87
N ASP C 989 12.80 14.51 17.86
CA ASP C 989 14.20 14.82 17.64
C ASP C 989 15.05 13.57 17.84
N THR C 990 15.90 13.27 16.86
CA THR C 990 16.71 12.07 16.93
C THR C 990 17.81 12.19 17.98
N ASP C 991 18.29 13.40 18.24
CA ASP C 991 19.41 13.57 19.16
C ASP C 991 19.05 13.15 20.58
N VAL C 992 17.93 13.68 21.09
CA VAL C 992 17.54 13.34 22.46
C VAL C 992 17.25 11.86 22.59
N LEU C 993 16.52 11.30 21.61
CA LEU C 993 16.20 9.88 21.67
C LEU C 993 17.46 9.03 21.65
N SER C 994 18.43 9.36 20.79
CA SER C 994 19.67 8.62 20.75
C SER C 994 20.42 8.74 22.09
N LYS C 995 20.47 9.95 22.65
CA LYS C 995 21.18 10.13 23.90
C LYS C 995 20.57 9.31 25.02
N ILE C 996 19.24 9.30 25.12
CA ILE C 996 18.59 8.58 26.21
C ILE C 996 18.54 7.08 25.93
N SER C 997 18.65 6.67 24.68
CA SER C 997 18.67 5.25 24.34
C SER C 997 20.04 4.62 24.54
N LEU C 998 21.08 5.41 24.81
CA LEU C 998 22.39 4.87 25.13
C LEU C 998 22.93 4.01 23.98
N GLY C 999 22.96 4.62 22.80
CA GLY C 999 23.56 3.98 21.65
C GLY C 999 22.90 2.69 21.23
N ASP C 1000 21.57 2.68 21.17
CA ASP C 1000 20.83 1.52 20.68
C ASP C 1000 19.88 1.96 19.57
N PRO C 1001 19.77 1.16 18.50
CA PRO C 1001 18.83 1.52 17.43
C PRO C 1001 17.45 0.90 17.56
N ALA C 1002 17.28 -0.12 18.39
CA ALA C 1002 16.01 -0.81 18.53
C ALA C 1002 15.39 -0.65 19.92
N ALA C 1003 15.98 0.15 20.80
CA ALA C 1003 15.43 0.40 22.11
C ALA C 1003 14.39 1.51 22.12
N VAL C 1004 13.83 1.84 20.96
CA VAL C 1004 12.86 2.92 20.82
C VAL C 1004 11.63 2.39 20.10
N PHE C 1005 10.46 2.65 20.67
CA PHE C 1005 9.18 2.33 20.04
C PHE C 1005 8.56 3.61 19.49
N ARG C 1006 7.83 3.46 18.39
CA ARG C 1006 7.16 4.58 17.74
C ARG C 1006 5.67 4.31 17.69
N GLU C 1007 4.88 5.25 18.21
CA GLU C 1007 3.43 5.16 18.20
C GLU C 1007 2.86 6.29 17.36
N LYS C 1008 1.93 5.94 16.47
CA LYS C 1008 1.38 6.94 15.55
C LYS C 1008 0.68 8.06 16.30
N ASP C 1009 -0.08 7.72 17.34
CA ASP C 1009 -0.84 8.71 18.09
C ASP C 1009 -0.95 8.26 19.54
N TYR C 1010 -1.35 9.20 20.40
CA TYR C 1010 -1.48 8.87 21.81
C TYR C 1010 -2.54 7.79 22.03
N ASP C 1011 -3.64 7.84 21.28
CA ASP C 1011 -4.69 6.83 21.44
C ASP C 1011 -4.15 5.43 21.15
N SER C 1012 -3.14 5.31 20.30
CA SER C 1012 -2.58 3.99 20.00
C SER C 1012 -1.99 3.35 21.25
N LEU C 1013 -1.74 4.12 22.30
CA LEU C 1013 -1.28 3.54 23.55
C LEU C 1013 -2.29 2.54 24.11
N ALA C 1014 -3.54 2.64 23.71
CA ALA C 1014 -4.58 1.69 24.11
C ALA C 1014 -4.71 0.53 23.14
N GLN C 1015 -3.92 0.50 22.08
CA GLN C 1015 -3.97 -0.61 21.13
C GLN C 1015 -3.45 -1.87 21.80
N PRO C 1016 -4.23 -2.96 21.85
CA PRO C 1016 -3.72 -4.17 22.53
C PRO C 1016 -2.41 -4.67 21.98
N GLY C 1017 -2.17 -4.55 20.67
CA GLY C 1017 -0.92 -5.03 20.12
C GLY C 1017 0.29 -4.31 20.69
N PHE C 1018 0.24 -2.97 20.71
CA PHE C 1018 1.36 -2.21 21.24
C PHE C 1018 1.53 -2.46 22.73
N PHE C 1019 0.42 -2.56 23.48
CA PHE C 1019 0.51 -2.84 24.90
C PHE C 1019 1.19 -4.18 25.15
N ASP C 1020 0.80 -5.20 24.39
CA ASP C 1020 1.41 -6.51 24.53
C ASP C 1020 2.90 -6.45 24.19
N ARG C 1021 3.25 -5.74 23.12
CA ARG C 1021 4.65 -5.62 22.76
C ARG C 1021 5.44 -4.93 23.86
N PHE C 1022 4.88 -3.86 24.44
CA PHE C 1022 5.59 -3.12 25.48
C PHE C 1022 5.77 -3.98 26.72
N ILE C 1023 4.73 -4.69 27.15
CA ILE C 1023 4.86 -5.53 28.34
C ILE C 1023 5.85 -6.66 28.05
N ARG C 1024 5.86 -7.17 26.82
CA ARG C 1024 6.83 -8.20 26.47
C ARG C 1024 8.26 -7.67 26.57
N TRP C 1025 8.49 -6.47 26.05
CA TRP C 1025 9.84 -5.91 26.11
C TRP C 1025 10.27 -5.66 27.54
N ILE C 1026 9.44 -4.95 28.31
CA ILE C 1026 9.81 -4.64 29.69
C ILE C 1026 9.93 -5.92 30.51
N CYS C 1027 9.01 -6.86 30.30
CA CYS C 1027 9.12 -8.18 30.90
C CYS C 1027 9.00 -9.25 29.82
N SER D 2193 -23.76 13.46 15.57
CA SER D 2193 -23.21 14.70 15.03
C SER D 2193 -24.01 15.14 13.80
N GLY D 2194 -23.92 16.42 13.47
CA GLY D 2194 -24.58 16.93 12.29
C GLY D 2194 -23.88 16.52 11.01
N TYR D 2195 -24.56 16.71 9.89
CA TYR D 2195 -24.02 16.32 8.61
C TYR D 2195 -22.99 17.34 8.12
N LYS D 2196 -22.33 17.00 7.02
CA LYS D 2196 -21.21 17.80 6.54
C LYS D 2196 -21.67 19.19 6.14
N GLY D 2197 -20.75 20.15 6.24
CA GLY D 2197 -21.05 21.52 5.87
C GLY D 2197 -21.25 21.67 4.38
N SER D 2198 -21.71 22.87 4.00
CA SER D 2198 -22.06 23.12 2.61
C SER D 2198 -20.82 23.29 1.75
N ARG D 2199 -21.03 23.21 0.44
CA ARG D 2199 -19.90 23.33 -0.50
C ARG D 2199 -19.39 24.78 -0.40
N GLY D 2200 -18.09 24.95 -0.53
CA GLY D 2200 -17.46 26.26 -0.46
C GLY D 2200 -17.69 27.07 -1.72
N ASP D 2201 -17.25 28.33 -1.66
CA ASP D 2201 -17.41 29.23 -2.78
C ASP D 2201 -16.47 28.83 -3.91
N SER D 2202 -16.70 29.42 -5.08
CA SER D 2202 -15.88 29.17 -6.26
C SER D 2202 -15.62 30.49 -6.97
N MET D 2203 -14.47 30.53 -7.66
CA MET D 2203 -14.08 31.69 -8.47
C MET D 2203 -14.87 31.83 -9.76
N ASP D 2204 -16.02 31.17 -9.89
CA ASP D 2204 -16.87 31.26 -11.08
C ASP D 2204 -16.25 30.50 -12.25
N GLN D 2205 -17.09 29.76 -12.99
CA GLN D 2205 -16.57 28.95 -14.09
C GLN D 2205 -15.99 29.80 -15.20
N CYS D 2206 -16.50 31.02 -15.39
CA CYS D 2206 -16.18 31.78 -16.60
C CYS D 2206 -14.74 32.28 -16.59
N ALA D 2207 -14.39 33.08 -15.58
CA ALA D 2207 -13.18 33.89 -15.64
C ALA D 2207 -11.97 33.24 -14.98
N LEU D 2208 -12.14 32.14 -14.26
CA LEU D 2208 -10.95 31.39 -13.83
C LEU D 2208 -10.18 30.93 -15.06
N VAL D 2209 -10.90 30.46 -16.07
CA VAL D 2209 -10.26 30.10 -17.33
C VAL D 2209 -9.67 31.34 -18.00
N GLN D 2210 -10.34 32.49 -17.89
CA GLN D 2210 -9.75 33.72 -18.40
C GLN D 2210 -8.36 33.92 -17.81
N SER D 2211 -8.27 33.83 -16.49
CA SER D 2211 -7.01 34.01 -15.79
C SER D 2211 -5.97 33.00 -16.26
N ILE D 2212 -6.29 31.72 -16.15
CA ILE D 2212 -5.34 30.65 -16.45
C ILE D 2212 -4.93 30.74 -17.92
N LYS D 2213 -5.82 31.29 -18.76
CA LYS D 2213 -5.57 31.38 -20.20
C LYS D 2213 -4.60 32.51 -20.51
N ASP D 2214 -4.69 33.63 -19.80
CA ASP D 2214 -3.66 34.65 -19.95
C ASP D 2214 -2.37 34.29 -19.23
N LYS D 2215 -2.21 33.02 -18.83
CA LYS D 2215 -1.21 32.63 -17.86
C LYS D 2215 -0.44 31.37 -18.21
N CYS D 2216 -0.92 30.58 -19.19
CA CYS D 2216 -0.30 29.29 -19.50
C CYS D 2216 0.46 29.45 -20.82
N PRO D 2217 1.79 29.53 -20.80
CA PRO D 2217 2.51 30.08 -21.96
C PRO D 2217 2.13 29.42 -23.28
N CYS D 2218 2.01 30.25 -24.31
CA CYS D 2218 1.76 29.80 -25.69
C CYS D 2218 0.33 29.34 -25.87
N CYS D 2219 -0.46 29.31 -24.79
CA CYS D 2219 -1.87 28.96 -24.90
C CYS D 2219 -2.74 30.18 -25.21
N TYR D 2220 -2.16 31.39 -25.16
CA TYR D 2220 -2.86 32.60 -25.53
C TYR D 2220 -2.34 33.17 -26.86
N GLY D 2221 -1.60 32.38 -27.63
CA GLY D 2221 -1.09 32.80 -28.91
C GLY D 2221 -1.94 32.26 -30.04
N PRO D 2222 -1.48 31.18 -30.68
CA PRO D 2222 -2.29 30.60 -31.76
C PRO D 2222 -3.53 29.92 -31.20
N LEU D 2223 -4.64 30.08 -31.91
CA LEU D 2223 -5.92 29.50 -31.52
C LEU D 2223 -6.25 28.34 -32.44
N GLU D 2224 -6.84 27.30 -31.89
CA GLU D 2224 -7.26 26.13 -32.66
C GLU D 2224 -8.58 25.64 -32.10
N CYS D 2225 -9.60 25.60 -32.94
CA CYS D 2225 -10.90 25.12 -32.49
C CYS D 2225 -10.87 23.59 -32.36
N PRO D 2226 -11.67 23.03 -31.45
CA PRO D 2226 -12.66 23.68 -30.60
C PRO D 2226 -12.01 24.45 -29.46
N VAL D 2227 -12.68 25.48 -28.91
CA VAL D 2227 -12.09 26.27 -27.84
C VAL D 2227 -11.76 25.38 -26.66
N PHE D 2228 -12.66 24.46 -26.33
CA PHE D 2228 -12.43 23.44 -25.31
C PHE D 2228 -12.76 22.08 -25.89
N PRO D 2229 -12.16 21.02 -25.36
CA PRO D 2229 -12.49 19.68 -25.84
C PRO D 2229 -13.99 19.46 -25.82
N THR D 2230 -14.50 18.85 -26.88
CA THR D 2230 -15.93 18.72 -27.07
C THR D 2230 -16.23 17.47 -27.88
N GLU D 2231 -17.46 16.99 -27.75
CA GLU D 2231 -17.98 15.95 -28.60
C GLU D 2231 -18.84 16.58 -29.69
N LEU D 2232 -18.67 16.10 -30.91
CA LEU D 2232 -19.47 16.55 -32.05
C LEU D 2232 -20.13 15.34 -32.69
N ALA D 2233 -21.45 15.39 -32.85
CA ALA D 2233 -22.22 14.26 -33.36
C ALA D 2233 -22.91 14.67 -34.66
N PHE D 2234 -22.39 14.19 -35.78
CA PHE D 2234 -23.07 14.33 -37.06
C PHE D 2234 -24.10 13.22 -37.23
N ALA D 2235 -25.30 13.60 -37.66
CA ALA D 2235 -26.33 12.64 -38.02
C ALA D 2235 -26.85 12.99 -39.40
N LEU D 2236 -26.87 12.01 -40.29
CA LEU D 2236 -27.19 12.22 -41.69
C LEU D 2236 -28.52 11.55 -42.03
N ASP D 2237 -29.29 12.23 -42.88
CA ASP D 2237 -30.61 11.77 -43.27
C ASP D 2237 -30.59 11.20 -44.68
N THR D 2238 -31.11 9.98 -44.83
CA THR D 2238 -31.30 9.34 -46.12
C THR D 2238 -32.78 9.27 -46.46
N SER D 2239 -33.52 10.30 -46.08
CA SER D 2239 -34.96 10.31 -46.29
C SER D 2239 -35.28 10.27 -47.78
N GLU D 2240 -36.38 9.62 -48.11
CA GLU D 2240 -36.81 9.51 -49.50
C GLU D 2240 -36.88 10.89 -50.14
N GLY D 2241 -36.35 11.01 -51.35
CA GLY D 2241 -36.28 12.27 -52.04
C GLY D 2241 -35.02 13.07 -51.80
N VAL D 2242 -34.15 12.61 -50.89
CA VAL D 2242 -32.88 13.29 -50.65
C VAL D 2242 -32.03 13.13 -51.90
N THR D 2243 -31.81 14.24 -52.62
CA THR D 2243 -31.06 14.17 -53.86
C THR D 2243 -29.62 13.79 -53.60
N GLN D 2244 -29.06 12.95 -54.47
CA GLN D 2244 -27.67 12.50 -54.27
C GLN D 2244 -26.71 13.67 -54.35
N ASP D 2245 -26.96 14.62 -55.25
CA ASP D 2245 -26.14 15.83 -55.31
C ASP D 2245 -26.20 16.60 -54.00
N ARG D 2246 -27.40 16.73 -53.42
CA ARG D 2246 -27.52 17.36 -52.11
C ARG D 2246 -26.79 16.55 -51.05
N PHE D 2247 -26.80 15.22 -51.17
CA PHE D 2247 -26.04 14.41 -50.23
C PHE D 2247 -24.55 14.71 -50.35
N SER D 2248 -24.06 14.89 -51.57
CA SER D 2248 -22.66 15.27 -51.76
C SER D 2248 -22.40 16.64 -51.13
N GLN D 2249 -23.35 17.55 -51.27
CA GLN D 2249 -23.20 18.86 -50.64
C GLN D 2249 -23.02 18.74 -49.14
N MET D 2250 -23.91 17.98 -48.49
CA MET D 2250 -23.78 17.81 -47.04
C MET D 2250 -22.51 17.07 -46.68
N ARG D 2251 -22.09 16.12 -47.52
CA ARG D 2251 -20.83 15.42 -47.28
C ARG D 2251 -19.66 16.40 -47.28
N GLU D 2252 -19.64 17.31 -48.25
CA GLU D 2252 -18.57 18.32 -48.28
C GLU D 2252 -18.66 19.23 -47.06
N VAL D 2253 -19.87 19.59 -46.65
CA VAL D 2253 -20.03 20.44 -45.46
C VAL D 2253 -19.41 19.76 -44.24
N VAL D 2254 -19.76 18.50 -44.02
CA VAL D 2254 -19.23 17.79 -42.86
C VAL D 2254 -17.72 17.64 -42.98
N LEU D 2255 -17.22 17.32 -44.18
CA LEU D 2255 -15.79 17.14 -44.36
C LEU D 2255 -15.04 18.42 -44.01
N LYS D 2256 -15.53 19.56 -44.49
CA LYS D 2256 -14.90 20.84 -44.18
C LYS D 2256 -14.95 21.12 -42.69
N ILE D 2257 -16.09 20.85 -42.06
CA ILE D 2257 -16.20 21.07 -40.62
C ILE D 2257 -15.15 20.25 -39.89
N LEU D 2258 -15.00 18.98 -40.26
CA LEU D 2258 -13.97 18.16 -39.64
C LEU D 2258 -12.59 18.76 -39.85
N ASP D 2259 -12.28 19.17 -41.08
CA ASP D 2259 -10.92 19.64 -41.36
C ASP D 2259 -10.60 20.88 -40.53
N ASP D 2260 -11.56 21.80 -40.39
CA ASP D 2260 -11.33 23.01 -39.61
C ASP D 2260 -11.06 22.72 -38.14
N LEU D 2261 -11.49 21.56 -37.64
CA LEU D 2261 -11.37 21.22 -36.22
C LEU D 2261 -10.25 20.20 -36.02
N THR D 2262 -9.60 20.29 -34.86
CA THR D 2262 -8.58 19.34 -34.47
C THR D 2262 -9.25 18.12 -33.83
N ILE D 2263 -8.45 17.19 -33.31
CA ILE D 2263 -8.95 15.96 -32.72
C ILE D 2263 -8.10 15.62 -31.50
N ALA D 2264 -8.71 14.93 -30.53
CA ALA D 2264 -8.01 14.46 -29.35
C ALA D 2264 -7.65 12.99 -29.56
N GLU D 2265 -6.58 12.77 -30.32
CA GLU D 2265 -6.19 11.40 -30.63
C GLU D 2265 -5.86 10.62 -29.37
N SER D 2266 -5.14 11.23 -28.44
CA SER D 2266 -4.73 10.58 -27.21
C SER D 2266 -5.85 10.69 -26.18
N ASN D 2267 -5.55 10.31 -24.94
CA ASN D 2267 -6.50 10.39 -23.84
C ASN D 2267 -6.42 11.71 -23.08
N CYS D 2268 -5.57 12.63 -23.53
CA CYS D 2268 -5.48 13.93 -22.86
C CYS D 2268 -6.77 14.71 -23.06
N PRO D 2269 -7.35 15.30 -22.01
CA PRO D 2269 -8.61 16.02 -22.17
C PRO D 2269 -8.43 17.31 -22.96
N ARG D 2270 -8.19 17.18 -24.26
CA ARG D 2270 -8.00 18.35 -25.12
C ARG D 2270 -8.15 17.89 -26.56
N GLY D 2271 -9.09 18.53 -27.27
CA GLY D 2271 -9.39 18.18 -28.65
C GLY D 2271 -10.80 17.69 -28.80
N ALA D 2272 -11.16 17.38 -30.05
CA ALA D 2272 -12.53 17.08 -30.42
C ALA D 2272 -12.70 15.58 -30.65
N ARG D 2273 -13.78 15.03 -30.10
CA ARG D 2273 -14.21 13.68 -30.43
C ARG D 2273 -15.40 13.77 -31.37
N VAL D 2274 -15.57 12.72 -32.17
CA VAL D 2274 -16.55 12.73 -33.25
C VAL D 2274 -17.44 11.50 -33.16
N ALA D 2275 -18.65 11.62 -33.68
CA ALA D 2275 -19.57 10.49 -33.78
C ALA D 2275 -20.48 10.71 -34.97
N VAL D 2276 -20.45 9.81 -35.94
CA VAL D 2276 -21.21 9.96 -37.18
C VAL D 2276 -22.22 8.83 -37.26
N VAL D 2277 -23.48 9.19 -37.49
CA VAL D 2277 -24.59 8.25 -37.55
C VAL D 2277 -25.49 8.61 -38.73
N THR D 2278 -26.29 7.64 -39.16
CA THR D 2278 -27.32 7.85 -40.15
C THR D 2278 -28.67 7.46 -39.55
N TYR D 2279 -29.70 8.23 -39.89
CA TYR D 2279 -31.00 8.03 -39.28
C TYR D 2279 -32.12 8.11 -40.32
N ASN D 2280 -33.15 7.31 -40.08
CA ASN D 2280 -34.34 7.23 -40.90
C ASN D 2280 -35.48 6.84 -39.96
N ASN D 2281 -36.57 6.30 -40.51
CA ASN D 2281 -37.56 5.63 -39.68
C ASN D 2281 -36.85 4.82 -38.60
N GLU D 2282 -35.73 4.19 -38.95
CA GLU D 2282 -34.83 3.54 -38.02
C GLU D 2282 -33.52 4.32 -37.95
N VAL D 2283 -32.55 3.78 -37.22
CA VAL D 2283 -31.24 4.39 -37.07
C VAL D 2283 -30.17 3.32 -37.24
N THR D 2284 -28.98 3.76 -37.65
CA THR D 2284 -27.84 2.84 -37.83
C THR D 2284 -26.56 3.61 -37.54
N THR D 2285 -25.88 3.25 -36.45
CA THR D 2285 -24.62 3.88 -36.12
C THR D 2285 -23.57 3.53 -37.18
N GLU D 2286 -22.74 4.52 -37.51
CA GLU D 2286 -21.66 4.33 -38.49
C GLU D 2286 -20.29 4.36 -37.81
N ILE D 2287 -19.97 5.43 -37.10
CA ILE D 2287 -18.75 5.49 -36.30
C ILE D 2287 -19.10 6.14 -34.96
N ARG D 2288 -18.67 5.52 -33.88
CA ARG D 2288 -19.00 5.97 -32.54
C ARG D 2288 -17.83 6.73 -31.93
N PHE D 2289 -17.94 7.07 -30.65
CA PHE D 2289 -16.97 7.89 -29.95
C PHE D 2289 -15.62 7.20 -29.76
N ALA D 2290 -15.52 5.89 -30.02
CA ALA D 2290 -14.33 5.13 -29.68
C ALA D 2290 -13.40 4.89 -30.86
N ASP D 2291 -13.95 4.54 -32.03
CA ASP D 2291 -13.09 4.15 -33.15
C ASP D 2291 -12.18 5.29 -33.60
N SER D 2292 -12.71 6.50 -33.68
CA SER D 2292 -11.94 7.63 -34.18
C SER D 2292 -10.70 7.86 -33.32
N LYS D 2293 -9.52 7.80 -33.95
CA LYS D 2293 -8.26 8.01 -33.25
C LYS D 2293 -7.29 8.93 -33.97
N LYS D 2294 -7.45 9.15 -35.27
CA LYS D 2294 -6.57 10.04 -36.01
C LYS D 2294 -7.40 10.85 -37.00
N LYS D 2295 -6.89 12.04 -37.35
CA LYS D 2295 -7.63 12.91 -38.26
C LYS D 2295 -7.75 12.29 -39.64
N SER D 2296 -6.64 11.78 -40.18
CA SER D 2296 -6.67 11.24 -41.54
C SER D 2296 -7.60 10.04 -41.63
N VAL D 2297 -7.57 9.14 -40.65
CA VAL D 2297 -8.43 7.97 -40.69
C VAL D 2297 -9.89 8.38 -40.61
N LEU D 2298 -10.20 9.37 -39.77
CA LEU D 2298 -11.57 9.85 -39.67
C LEU D 2298 -12.04 10.44 -41.00
N LEU D 2299 -11.20 11.27 -41.61
CA LEU D 2299 -11.58 11.87 -42.89
C LEU D 2299 -11.79 10.79 -43.94
N ASP D 2300 -10.90 9.80 -43.99
CA ASP D 2300 -11.05 8.72 -44.97
C ASP D 2300 -12.34 7.94 -44.72
N LYS D 2301 -12.64 7.64 -43.47
CA LYS D 2301 -13.86 6.90 -43.16
C LYS D 2301 -15.09 7.68 -43.59
N ILE D 2302 -15.13 8.97 -43.27
CA ILE D 2302 -16.31 9.77 -43.60
C ILE D 2302 -16.44 9.92 -45.10
N LYS D 2303 -15.33 10.14 -45.80
CA LYS D 2303 -15.39 10.26 -47.26
C LYS D 2303 -15.84 8.96 -47.90
N ASN D 2304 -15.37 7.83 -47.38
CA ASN D 2304 -15.69 6.53 -47.93
C ASN D 2304 -17.00 5.96 -47.38
N LEU D 2305 -17.67 6.68 -46.48
CA LEU D 2305 -18.92 6.20 -45.92
C LEU D 2305 -19.91 5.93 -47.04
N GLN D 2306 -20.53 4.76 -47.00
CA GLN D 2306 -21.51 4.40 -48.03
C GLN D 2306 -22.70 5.35 -47.98
N VAL D 2307 -23.25 5.65 -49.14
CA VAL D 2307 -24.50 6.39 -49.23
C VAL D 2307 -25.64 5.39 -49.35
N SER D 2308 -26.57 5.43 -48.40
CA SER D 2308 -27.65 4.45 -48.32
C SER D 2308 -28.90 5.03 -48.95
N LEU D 2309 -28.97 4.96 -50.28
CA LEU D 2309 -30.20 5.30 -50.98
C LEU D 2309 -31.33 4.40 -50.48
N THR D 2310 -32.46 5.00 -50.17
CA THR D 2310 -33.58 4.26 -49.60
C THR D 2310 -34.87 5.02 -49.91
N SER D 2311 -35.97 4.54 -49.32
CA SER D 2311 -37.27 5.16 -49.54
C SER D 2311 -38.12 5.28 -48.28
N LYS D 2312 -37.59 4.92 -47.11
CA LYS D 2312 -38.35 5.05 -45.88
C LYS D 2312 -38.69 6.51 -45.63
N GLN D 2313 -39.89 6.75 -45.11
CA GLN D 2313 -40.33 8.12 -44.85
C GLN D 2313 -39.79 8.62 -43.53
N GLN D 2314 -39.40 9.88 -43.51
CA GLN D 2314 -38.63 10.43 -42.40
C GLN D 2314 -39.48 10.67 -41.15
N SER D 2315 -38.83 10.54 -39.99
CA SER D 2315 -39.42 10.95 -38.72
C SER D 2315 -38.28 11.41 -37.83
N LEU D 2316 -38.03 12.72 -37.80
CA LEU D 2316 -36.87 13.26 -37.10
C LEU D 2316 -36.92 12.98 -35.60
N GLU D 2317 -38.09 12.69 -35.05
CA GLU D 2317 -38.20 12.46 -33.62
C GLU D 2317 -37.40 11.24 -33.20
N THR D 2318 -37.42 10.19 -34.02
CA THR D 2318 -36.66 8.99 -33.69
C THR D 2318 -35.18 9.31 -33.61
N ALA D 2319 -34.65 10.08 -34.55
CA ALA D 2319 -33.24 10.45 -34.49
C ALA D 2319 -32.96 11.31 -33.27
N MET D 2320 -33.85 12.24 -32.94
CA MET D 2320 -33.68 13.04 -31.74
C MET D 2320 -33.53 12.15 -30.52
N SER D 2321 -34.46 11.22 -30.33
CA SER D 2321 -34.40 10.34 -29.18
C SER D 2321 -33.14 9.48 -29.21
N PHE D 2322 -32.78 8.97 -30.39
CA PHE D 2322 -31.60 8.13 -30.51
C PHE D 2322 -30.36 8.88 -30.05
N VAL D 2323 -30.14 10.08 -30.59
CA VAL D 2323 -28.97 10.85 -30.21
C VAL D 2323 -29.02 11.18 -28.73
N ALA D 2324 -30.23 11.47 -28.22
CA ALA D 2324 -30.35 11.84 -26.82
C ALA D 2324 -29.97 10.71 -25.88
N ARG D 2325 -30.36 9.48 -26.21
CA ARG D 2325 -30.27 8.37 -25.27
C ARG D 2325 -29.33 7.26 -25.73
N ASN D 2326 -28.76 7.33 -26.92
CA ASN D 2326 -27.80 6.33 -27.38
C ASN D 2326 -26.42 6.91 -27.66
N THR D 2327 -26.32 7.94 -28.50
CA THR D 2327 -25.01 8.48 -28.86
C THR D 2327 -24.30 9.05 -27.64
N PHE D 2328 -24.99 9.89 -26.87
CA PHE D 2328 -24.44 10.46 -25.66
C PHE D 2328 -24.58 9.54 -24.46
N LYS D 2329 -24.83 8.25 -24.70
CA LYS D 2329 -24.88 7.29 -23.60
C LYS D 2329 -23.62 7.36 -22.76
N ARG D 2330 -22.47 7.62 -23.40
CA ARG D 2330 -21.22 7.81 -22.70
C ARG D 2330 -20.43 8.91 -23.40
N VAL D 2331 -19.87 9.83 -22.60
CA VAL D 2331 -19.06 10.92 -23.11
C VAL D 2331 -17.84 11.09 -22.22
N ARG D 2332 -16.81 11.73 -22.78
CA ARG D 2332 -15.59 11.94 -22.02
C ARG D 2332 -15.83 12.89 -20.86
N SER D 2333 -15.01 12.75 -19.82
CA SER D 2333 -15.12 13.60 -18.64
C SER D 2333 -14.65 15.01 -18.96
N GLY D 2334 -14.67 15.87 -17.94
CA GLY D 2334 -14.26 17.24 -18.08
C GLY D 2334 -15.22 18.21 -17.43
N PHE D 2335 -14.70 19.06 -16.54
CA PHE D 2335 -15.56 19.99 -15.83
C PHE D 2335 -16.27 20.93 -16.78
N LEU D 2336 -15.65 21.26 -17.91
CA LEU D 2336 -16.26 22.11 -18.94
C LEU D 2336 -16.54 21.31 -20.21
N MET D 2337 -16.94 20.05 -20.03
CA MET D 2337 -17.24 19.20 -21.17
C MET D 2337 -18.32 19.86 -22.02
N ARG D 2338 -18.11 19.89 -23.33
CA ARG D 2338 -19.03 20.53 -24.26
C ARG D 2338 -19.52 19.49 -25.27
N LYS D 2339 -20.82 19.54 -25.56
CA LYS D 2339 -21.44 18.60 -26.48
C LYS D 2339 -22.19 19.37 -27.56
N VAL D 2340 -22.13 18.88 -28.79
CA VAL D 2340 -22.83 19.53 -29.89
C VAL D 2340 -23.28 18.45 -30.88
N ALA D 2341 -24.47 18.65 -31.44
CA ALA D 2341 -25.04 17.74 -32.42
C ALA D 2341 -25.48 18.52 -33.65
N VAL D 2342 -25.22 17.94 -34.82
CA VAL D 2342 -25.63 18.51 -36.10
C VAL D 2342 -26.44 17.47 -36.84
N PHE D 2343 -27.56 17.89 -37.42
CA PHE D 2343 -28.54 16.99 -38.02
C PHE D 2343 -28.81 17.39 -39.47
N PHE D 2344 -29.83 16.77 -40.08
CA PHE D 2344 -30.21 17.10 -41.44
C PHE D 2344 -31.69 16.82 -41.62
N SER D 2345 -32.27 17.40 -42.67
CA SER D 2345 -33.67 17.16 -42.98
C SER D 2345 -33.92 17.60 -44.41
N ASN D 2346 -34.41 16.69 -45.24
CA ASN D 2346 -34.87 17.01 -46.59
C ASN D 2346 -36.37 17.29 -46.62
N LYS D 2347 -36.97 17.60 -45.47
CA LYS D 2347 -38.39 17.89 -45.38
C LYS D 2347 -38.68 18.60 -44.06
N PRO D 2348 -39.46 19.68 -44.06
CA PRO D 2348 -39.73 20.38 -42.78
C PRO D 2348 -40.38 19.46 -41.76
N THR D 2349 -40.00 19.63 -40.51
CA THR D 2349 -40.51 18.80 -39.43
C THR D 2349 -41.97 19.11 -39.15
N ARG D 2350 -42.66 18.12 -38.59
CA ARG D 2350 -44.06 18.30 -38.20
C ARG D 2350 -44.14 19.15 -36.93
N ALA D 2351 -45.38 19.47 -36.54
CA ALA D 2351 -45.66 20.26 -35.35
C ALA D 2351 -46.45 19.38 -34.39
N THR D 2352 -45.74 18.63 -33.56
CA THR D 2352 -46.34 17.64 -32.67
C THR D 2352 -45.75 17.75 -31.28
N PRO D 2353 -46.48 17.32 -30.25
CA PRO D 2353 -45.93 17.35 -28.89
C PRO D 2353 -44.69 16.49 -28.72
N GLN D 2354 -44.60 15.35 -29.41
CA GLN D 2354 -43.46 14.47 -29.24
C GLN D 2354 -42.15 15.19 -29.56
N LEU D 2355 -42.17 16.11 -30.53
CA LEU D 2355 -40.98 16.90 -30.81
C LEU D 2355 -40.59 17.77 -29.62
N ARG D 2356 -41.59 18.38 -28.97
CA ARG D 2356 -41.29 19.18 -27.79
C ARG D 2356 -40.69 18.31 -26.69
N GLU D 2357 -41.26 17.12 -26.48
CA GLU D 2357 -40.72 16.22 -25.48
C GLU D 2357 -39.29 15.81 -25.83
N ALA D 2358 -39.03 15.53 -27.10
CA ALA D 2358 -37.70 15.12 -27.51
C ALA D 2358 -36.69 16.23 -27.28
N VAL D 2359 -37.04 17.46 -27.65
CA VAL D 2359 -36.10 18.56 -27.44
C VAL D 2359 -35.89 18.81 -25.95
N LEU D 2360 -36.94 18.64 -25.14
CA LEU D 2360 -36.77 18.74 -23.69
C LEU D 2360 -35.78 17.70 -23.19
N LYS D 2361 -35.89 16.47 -23.68
CA LYS D 2361 -34.95 15.43 -23.28
C LYS D 2361 -33.54 15.78 -23.72
N LEU D 2362 -33.38 16.27 -24.95
CA LEU D 2362 -32.07 16.71 -25.41
C LEU D 2362 -31.49 17.75 -24.47
N SER D 2363 -32.28 18.76 -24.12
CA SER D 2363 -31.82 19.79 -23.20
C SER D 2363 -31.39 19.19 -21.88
N ASP D 2364 -32.21 18.27 -21.34
CA ASP D 2364 -31.86 17.63 -20.09
C ASP D 2364 -30.56 16.84 -20.21
N ALA D 2365 -30.23 16.39 -21.42
CA ALA D 2365 -29.02 15.60 -21.62
C ALA D 2365 -27.75 16.45 -21.70
N GLY D 2366 -27.87 17.76 -21.73
CA GLY D 2366 -26.71 18.63 -21.82
C GLY D 2366 -26.27 18.95 -23.23
N ILE D 2367 -26.95 18.41 -24.24
CA ILE D 2367 -26.59 18.72 -25.62
C ILE D 2367 -26.87 20.18 -25.93
N THR D 2368 -26.23 20.68 -26.98
CA THR D 2368 -26.46 22.02 -27.51
C THR D 2368 -26.69 21.90 -29.01
N PRO D 2369 -27.86 21.42 -29.42
CA PRO D 2369 -28.06 21.07 -30.82
C PRO D 2369 -28.06 22.29 -31.73
N LEU D 2370 -27.61 22.06 -32.97
CA LEU D 2370 -27.63 23.07 -34.03
C LEU D 2370 -28.19 22.38 -35.28
N PHE D 2371 -29.51 22.41 -35.44
CA PHE D 2371 -30.11 21.77 -36.60
C PHE D 2371 -29.80 22.56 -37.86
N LEU D 2372 -29.91 21.86 -38.99
CA LEU D 2372 -29.70 22.46 -40.30
C LEU D 2372 -30.77 21.93 -41.25
N THR D 2373 -31.40 22.82 -41.99
CA THR D 2373 -32.46 22.41 -42.90
C THR D 2373 -32.62 23.47 -43.99
N SER D 2374 -33.24 23.05 -45.10
CA SER D 2374 -33.31 23.91 -46.27
C SER D 2374 -34.08 25.19 -45.97
N GLN D 2375 -35.19 25.08 -45.25
CA GLN D 2375 -36.11 26.20 -45.08
C GLN D 2375 -36.55 26.30 -43.63
N GLU D 2376 -36.89 27.52 -43.21
CA GLU D 2376 -37.20 27.78 -41.81
C GLU D 2376 -38.63 27.32 -41.48
N ASP D 2377 -38.89 27.24 -40.18
CA ASP D 2377 -40.24 26.92 -39.68
C ASP D 2377 -40.39 27.58 -38.33
N ARG D 2378 -41.19 28.66 -38.26
CA ARG D 2378 -41.40 29.34 -37.00
C ARG D 2378 -41.85 28.37 -35.92
N GLN D 2379 -42.65 27.38 -36.31
CA GLN D 2379 -43.08 26.35 -35.36
C GLN D 2379 -41.88 25.57 -34.84
N LEU D 2380 -40.89 25.30 -35.70
CA LEU D 2380 -39.69 24.63 -35.24
C LEU D 2380 -38.97 25.46 -34.19
N ILE D 2381 -38.84 26.77 -34.45
CA ILE D 2381 -38.16 27.64 -33.49
C ILE D 2381 -38.93 27.66 -32.17
N ASN D 2382 -40.25 27.78 -32.24
CA ASN D 2382 -41.06 27.83 -31.03
C ASN D 2382 -40.94 26.54 -30.23
N ALA D 2383 -41.01 25.39 -30.91
CA ALA D 2383 -40.84 24.12 -30.21
C ALA D 2383 -39.48 24.03 -29.57
N LEU D 2384 -38.43 24.43 -30.29
CA LEU D 2384 -37.09 24.41 -29.73
C LEU D 2384 -36.99 25.36 -28.53
N GLN D 2385 -37.19 26.66 -28.77
CA GLN D 2385 -37.07 27.63 -27.70
C GLN D 2385 -38.04 27.31 -26.57
N ILE D 2386 -37.58 27.51 -25.33
CA ILE D 2386 -38.38 27.24 -24.14
C ILE D 2386 -38.60 28.56 -23.42
N ASN D 2387 -39.87 28.92 -23.23
CA ASN D 2387 -40.29 30.17 -22.59
C ASN D 2387 -39.33 31.31 -22.90
N ASN D 2388 -39.07 31.53 -24.19
CA ASN D 2388 -38.21 32.58 -24.73
C ASN D 2388 -36.73 32.28 -24.52
N THR D 2389 -36.38 31.21 -23.83
CA THR D 2389 -35.00 30.79 -23.67
C THR D 2389 -34.67 29.78 -24.76
N ALA D 2390 -33.80 30.17 -25.68
CA ALA D 2390 -33.49 29.32 -26.82
C ALA D 2390 -32.77 28.06 -26.38
N VAL D 2391 -33.03 26.96 -27.09
CA VAL D 2391 -32.34 25.71 -26.86
C VAL D 2391 -31.41 25.34 -28.00
N GLY D 2392 -31.68 25.82 -29.22
CA GLY D 2392 -30.80 25.60 -30.36
C GLY D 2392 -31.37 26.21 -31.61
N HIS D 2393 -30.53 26.90 -32.38
CA HIS D 2393 -31.03 27.57 -33.57
C HIS D 2393 -31.26 26.57 -34.70
N ALA D 2394 -32.01 27.01 -35.70
CA ALA D 2394 -32.28 26.24 -36.90
C ALA D 2394 -31.80 27.08 -38.09
N LEU D 2395 -30.58 26.83 -38.54
CA LEU D 2395 -29.96 27.64 -39.58
C LEU D 2395 -30.53 27.25 -40.94
N VAL D 2396 -29.91 27.75 -42.00
CA VAL D 2396 -30.34 27.46 -43.37
C VAL D 2396 -29.13 26.97 -44.16
N LEU D 2397 -29.40 26.22 -45.21
CA LEU D 2397 -28.37 25.60 -46.03
C LEU D 2397 -28.69 25.83 -47.50
N PRO D 2398 -27.66 25.95 -48.34
CA PRO D 2398 -27.90 26.33 -49.73
C PRO D 2398 -28.04 25.13 -50.66
N ALA D 2399 -28.77 25.36 -51.76
CA ALA D 2399 -28.88 24.41 -52.85
C ALA D 2399 -27.82 24.66 -53.92
N GLY D 2400 -26.69 25.25 -53.54
CA GLY D 2400 -25.62 25.58 -54.45
C GLY D 2400 -25.07 26.95 -54.13
N GLY D 2401 -24.15 27.42 -54.97
CA GLY D 2401 -23.60 28.74 -54.78
C GLY D 2401 -22.58 28.79 -53.65
N ASP D 2402 -22.42 29.98 -53.09
CA ASP D 2402 -21.42 30.21 -52.05
C ASP D 2402 -21.77 29.42 -50.79
N LEU D 2403 -20.74 29.07 -50.04
CA LEU D 2403 -20.90 28.37 -48.77
C LEU D 2403 -20.18 29.04 -47.62
N THR D 2404 -18.99 29.60 -47.86
CA THR D 2404 -18.15 30.08 -46.77
C THR D 2404 -18.87 31.11 -45.91
N ASP D 2405 -19.80 31.87 -46.51
CA ASP D 2405 -20.48 32.93 -45.78
C ASP D 2405 -21.12 32.40 -44.51
N PHE D 2406 -21.65 31.18 -44.55
CA PHE D 2406 -22.24 30.56 -43.37
C PHE D 2406 -21.33 29.54 -42.71
N LEU D 2407 -20.36 28.99 -43.44
CA LEU D 2407 -19.37 28.13 -42.80
C LEU D 2407 -18.61 28.89 -41.73
N LYS D 2408 -18.22 30.14 -42.02
CA LYS D 2408 -17.54 30.93 -41.01
C LYS D 2408 -18.42 31.13 -39.79
N ASN D 2409 -19.70 31.41 -40.00
CA ASN D 2409 -20.60 31.61 -38.87
C ASN D 2409 -20.68 30.35 -38.02
N VAL D 2410 -20.97 29.21 -38.65
CA VAL D 2410 -21.15 27.98 -37.88
C VAL D 2410 -19.86 27.64 -37.14
N LEU D 2411 -18.70 27.79 -37.78
CA LEU D 2411 -17.47 27.36 -37.14
C LEU D 2411 -17.08 28.31 -36.01
N THR D 2412 -17.15 29.62 -36.23
CA THR D 2412 -16.70 30.57 -35.22
C THR D 2412 -17.70 30.77 -34.09
N CYS D 2413 -18.97 30.44 -34.32
CA CYS D 2413 -20.04 30.96 -33.48
C CYS D 2413 -20.82 29.89 -32.72
N HIS D 2414 -20.91 28.67 -33.24
CA HIS D 2414 -21.65 27.60 -32.58
C HIS D 2414 -20.78 26.43 -32.18
N VAL D 2415 -20.01 25.88 -33.13
CA VAL D 2415 -19.26 24.66 -32.84
C VAL D 2415 -18.13 24.95 -31.85
N CYS D 2416 -17.40 26.04 -32.06
CA CYS D 2416 -16.25 26.39 -31.23
C CYS D 2416 -16.33 27.84 -30.78
N LEU D 2417 -17.51 28.23 -30.29
CA LEU D 2417 -17.64 29.50 -29.61
C LEU D 2417 -16.87 29.47 -28.29
N ASP D 2418 -16.23 30.58 -27.96
CA ASP D 2418 -15.56 30.64 -26.67
C ASP D 2418 -16.60 30.64 -25.56
N ILE D 2419 -16.23 30.04 -24.43
CA ILE D 2419 -17.18 29.91 -23.33
C ILE D 2419 -17.54 31.29 -22.78
N CYS D 2420 -16.57 32.21 -22.77
CA CYS D 2420 -16.76 33.52 -22.15
C CYS D 2420 -16.63 34.69 -23.11
N ASN D 2421 -15.78 34.60 -24.13
CA ASN D 2421 -15.59 35.69 -25.07
C ASN D 2421 -16.48 35.43 -26.28
N ILE D 2422 -17.77 35.72 -26.11
CA ILE D 2422 -18.74 35.49 -27.17
C ILE D 2422 -18.68 36.64 -28.17
N ASP D 2423 -18.91 36.31 -29.44
CA ASP D 2423 -18.94 37.33 -30.48
C ASP D 2423 -20.08 38.31 -30.21
N PRO D 2424 -19.91 39.60 -30.51
CA PRO D 2424 -20.93 40.58 -30.13
C PRO D 2424 -22.34 40.27 -30.63
N SER D 2425 -22.51 40.15 -31.95
CA SER D 2425 -23.84 40.10 -32.55
C SER D 2425 -23.91 39.02 -33.63
N CYS D 2426 -23.46 37.81 -33.30
CA CYS D 2426 -23.56 36.68 -34.21
C CYS D 2426 -24.84 35.91 -33.92
N GLY D 2427 -25.83 36.07 -34.79
CA GLY D 2427 -27.05 35.29 -34.68
C GLY D 2427 -28.09 35.96 -33.81
N PHE D 2428 -29.25 36.30 -34.38
CA PHE D 2428 -30.32 36.90 -33.60
C PHE D 2428 -30.75 35.93 -32.51
N GLY D 2429 -30.87 36.46 -31.28
CA GLY D 2429 -31.25 35.63 -30.14
C GLY D 2429 -30.53 36.02 -28.87
N SER D 2430 -30.36 35.06 -27.96
CA SER D 2430 -29.77 35.32 -26.65
C SER D 2430 -28.55 34.46 -26.36
N TRP D 2431 -28.13 33.60 -27.27
CA TRP D 2431 -26.96 32.75 -27.04
C TRP D 2431 -27.13 31.91 -25.78
N ARG D 2432 -26.06 31.23 -25.35
CA ARG D 2432 -26.11 30.42 -24.15
C ARG D 2432 -24.68 30.07 -23.72
N PRO D 2433 -24.31 30.26 -22.46
CA PRO D 2433 -22.95 29.94 -22.04
C PRO D 2433 -22.62 28.46 -22.21
N SER D 2434 -23.42 27.59 -21.59
CA SER D 2434 -23.27 26.15 -21.72
C SER D 2434 -24.27 25.47 -20.81
N PHE D 2435 -24.61 24.23 -21.15
CA PHE D 2435 -25.52 23.42 -20.35
C PHE D 2435 -26.88 24.09 -20.22
N ARG D 2436 -27.84 23.41 -19.60
CA ARG D 2436 -29.18 23.95 -19.42
C ARG D 2436 -29.93 23.16 -18.36
N GLY E 581 -27.13 16.54 15.03
CA GLY E 581 -26.78 17.91 15.35
C GLY E 581 -26.80 18.81 14.14
N PRO E 582 -26.56 20.11 14.35
CA PRO E 582 -26.56 21.05 13.23
C PRO E 582 -25.38 20.78 12.29
N PRO E 583 -25.51 21.12 11.01
CA PRO E 583 -24.40 20.90 10.09
C PRO E 583 -23.22 21.83 10.37
N GLY E 584 -22.05 21.39 9.93
CA GLY E 584 -20.86 22.18 10.12
C GLY E 584 -20.85 23.43 9.25
N HIS E 585 -20.02 24.38 9.64
CA HIS E 585 -19.92 25.64 8.91
C HIS E 585 -19.28 25.42 7.54
N VAL E 586 -19.53 26.35 6.63
CA VAL E 586 -19.00 26.25 5.28
C VAL E 586 -17.48 26.17 5.33
N GLY E 587 -16.91 25.30 4.50
CA GLY E 587 -15.48 25.11 4.47
C GLY E 587 -14.77 26.29 3.82
N PRO E 588 -13.45 26.23 3.81
CA PRO E 588 -12.66 27.32 3.24
C PRO E 588 -12.98 27.51 1.77
N PRO E 589 -13.02 28.76 1.29
CA PRO E 589 -13.20 28.98 -0.16
C PRO E 589 -12.04 28.41 -0.96
N GLY E 590 -12.12 28.52 -2.28
CA GLY E 590 -11.10 27.97 -3.14
C GLY E 590 -9.78 28.69 -3.01
N PRO E 591 -8.72 28.10 -3.55
CA PRO E 591 -7.39 28.74 -3.45
C PRO E 591 -7.38 30.08 -4.16
N ASP E 592 -6.56 30.99 -3.65
CA ASP E 592 -6.46 32.33 -4.20
C ASP E 592 -5.42 32.35 -5.33
N GLU E 593 -5.07 33.56 -5.79
CA GLU E 593 -4.28 33.69 -7.01
C GLU E 593 -2.90 33.04 -6.88
N CYS E 594 -2.25 33.22 -5.74
CA CYS E 594 -0.83 32.88 -5.66
C CYS E 594 -0.59 31.39 -5.90
N GLU E 595 -1.37 30.53 -5.26
CA GLU E 595 -1.12 29.10 -5.39
C GLU E 595 -1.56 28.58 -6.76
N ILE E 596 -2.56 29.19 -7.38
CA ILE E 596 -2.92 28.79 -8.74
C ILE E 596 -1.81 29.20 -9.72
N LEU E 597 -1.22 30.37 -9.50
CA LEU E 597 0.01 30.73 -10.21
C LEU E 597 1.05 29.63 -10.05
N ASP E 598 1.29 29.20 -8.81
CA ASP E 598 2.30 28.19 -8.56
C ASP E 598 1.98 26.89 -9.30
N ILE E 599 0.73 26.47 -9.28
CA ILE E 599 0.38 25.19 -9.89
C ILE E 599 0.49 25.28 -11.40
N ILE E 600 0.07 26.39 -12.00
CA ILE E 600 0.22 26.51 -13.45
C ILE E 600 1.69 26.51 -13.84
N MET E 601 2.52 27.21 -13.07
CA MET E 601 3.96 27.20 -13.35
C MET E 601 4.59 25.84 -13.09
N LYS E 602 3.99 24.99 -12.26
CA LYS E 602 4.61 23.70 -11.97
C LYS E 602 4.71 22.84 -13.22
N MET E 603 3.68 22.86 -14.08
CA MET E 603 3.67 21.97 -15.24
C MET E 603 3.41 22.69 -16.57
N CYS E 604 2.63 23.76 -16.57
CA CYS E 604 2.47 24.50 -17.83
C CYS E 604 3.79 25.16 -18.21
N SER E 605 4.53 24.51 -19.10
CA SER E 605 5.80 25.06 -19.60
C SER E 605 6.38 24.15 -20.67
N PRO E 815 5.37 37.11 -19.67
CA PRO E 815 4.32 37.04 -18.65
C PRO E 815 4.92 36.94 -17.25
N ASP E 816 4.54 37.86 -16.37
CA ASP E 816 5.16 37.95 -15.06
C ASP E 816 4.55 36.92 -14.09
N TYR E 817 5.42 36.37 -13.24
CA TYR E 817 5.04 35.29 -12.32
C TYR E 817 5.55 35.56 -10.92
N SER E 818 5.95 34.55 -10.13
CA SER E 818 6.12 34.65 -8.65
C SER E 818 4.78 35.03 -8.01
N CYS E 819 4.70 36.13 -7.25
CA CYS E 819 3.49 36.52 -6.53
C CYS E 819 3.52 38.01 -6.23
N PRO E 820 3.39 38.87 -7.23
CA PRO E 820 3.55 40.31 -7.00
C PRO E 820 2.59 40.84 -5.95
N ILE E 821 3.05 41.82 -5.17
CA ILE E 821 2.25 42.46 -4.15
C ILE E 821 2.34 43.97 -4.35
N THR E 822 1.32 44.68 -3.84
CA THR E 822 1.31 46.14 -3.88
C THR E 822 0.62 46.64 -2.63
N PHE E 823 1.37 47.33 -1.77
CA PHE E 823 0.80 47.92 -0.57
C PHE E 823 -0.04 49.13 -0.95
N SER E 824 -1.31 48.91 -1.28
CA SER E 824 -2.14 49.98 -1.83
C SER E 824 -2.09 51.24 -0.97
N SER E 825 -2.19 51.07 0.34
CA SER E 825 -2.13 52.18 1.27
C SER E 825 -1.16 51.86 2.40
N PRO E 826 -0.55 52.88 3.01
CA PRO E 826 0.42 52.62 4.07
C PRO E 826 -0.23 51.93 5.26
N ALA E 827 0.54 51.08 5.92
CA ALA E 827 0.06 50.30 7.07
C ALA E 827 1.28 49.72 7.78
N ASP E 828 1.03 48.87 8.77
CA ASP E 828 2.08 48.22 9.53
C ASP E 828 1.76 46.74 9.66
N ILE E 829 2.80 45.95 9.92
CA ILE E 829 2.64 44.54 10.23
C ILE E 829 3.72 44.16 11.22
N THR E 830 3.33 43.37 12.24
CA THR E 830 4.25 42.89 13.27
C THR E 830 3.98 41.41 13.46
N ILE E 831 4.64 40.57 12.65
CA ILE E 831 4.41 39.14 12.74
C ILE E 831 4.79 38.65 14.13
N LEU E 832 3.85 38.00 14.80
CA LEU E 832 4.03 37.52 16.16
C LEU E 832 4.42 36.05 16.11
N LEU E 833 5.50 35.70 16.82
CA LEU E 833 6.08 34.37 16.74
C LEU E 833 5.96 33.66 18.09
N ASP E 834 5.63 32.37 18.03
CA ASP E 834 5.47 31.58 19.25
C ASP E 834 6.80 31.45 19.97
N GLY E 835 6.71 31.30 21.30
CA GLY E 835 7.89 31.14 22.13
C GLY E 835 7.67 30.15 23.26
N SER E 836 6.55 29.44 23.24
CA SER E 836 6.25 28.45 24.26
C SER E 836 6.74 27.07 23.82
N ALA E 837 6.96 26.20 24.81
CA ALA E 837 7.52 24.89 24.53
C ALA E 837 6.65 24.08 23.56
N SER E 838 5.36 24.39 23.48
CA SER E 838 4.48 23.64 22.59
C SER E 838 5.04 23.54 21.18
N VAL E 839 5.92 24.46 20.79
CA VAL E 839 6.56 24.41 19.48
C VAL E 839 7.82 23.56 19.57
N GLY E 840 8.75 23.95 20.42
CA GLY E 840 10.00 23.24 20.60
C GLY E 840 11.19 24.03 20.07
N SER E 841 12.30 23.33 19.91
CA SER E 841 13.52 23.97 19.43
C SER E 841 13.53 24.06 17.90
N HIS E 842 13.52 22.91 17.22
CA HIS E 842 13.59 22.90 15.78
C HIS E 842 12.36 23.56 15.16
N ASN E 843 11.19 23.29 15.71
CA ASN E 843 9.97 23.92 15.21
C ASN E 843 10.03 25.43 15.41
N PHE E 844 10.56 25.88 16.55
CA PHE E 844 10.76 27.31 16.74
C PHE E 844 11.72 27.85 15.69
N ASP E 845 12.74 27.08 15.33
CA ASP E 845 13.71 27.54 14.33
C ASP E 845 13.06 27.69 12.96
N ILE E 846 12.24 26.72 12.56
CA ILE E 846 11.57 26.85 11.26
C ILE E 846 10.56 27.98 11.30
N THR E 847 9.91 28.21 12.44
CA THR E 847 9.04 29.37 12.57
C THR E 847 9.83 30.65 12.40
N LYS E 848 11.04 30.71 12.97
CA LYS E 848 11.88 31.90 12.81
C LYS E 848 12.26 32.09 11.35
N ARG E 849 12.58 31.01 10.65
CA ARG E 849 12.88 31.12 9.22
C ARG E 849 11.68 31.65 8.45
N PHE E 850 10.49 31.13 8.75
CA PHE E 850 9.29 31.61 8.08
C PHE E 850 9.06 33.08 8.39
N ALA E 851 9.30 33.50 9.63
CA ALA E 851 9.15 34.90 9.99
C ALA E 851 10.12 35.77 9.20
N LYS E 852 11.38 35.34 9.10
CA LYS E 852 12.36 36.10 8.34
C LYS E 852 11.94 36.23 6.89
N ARG E 853 11.46 35.13 6.30
CA ARG E 853 11.01 35.20 4.90
C ARG E 853 9.83 36.13 4.75
N LEU E 854 8.89 36.09 5.70
CA LEU E 854 7.73 36.97 5.64
C LEU E 854 8.16 38.42 5.69
N ALA E 855 9.08 38.75 6.60
CA ALA E 855 9.56 40.11 6.70
C ALA E 855 10.23 40.54 5.40
N GLU E 856 11.07 39.67 4.84
CA GLU E 856 11.74 40.00 3.59
C GLU E 856 10.73 40.27 2.48
N ARG E 857 9.75 39.38 2.33
CA ARG E 857 8.80 39.54 1.24
C ARG E 857 7.96 40.80 1.42
N PHE E 858 7.54 41.10 2.65
CA PHE E 858 6.74 42.29 2.87
C PHE E 858 7.55 43.56 2.61
N LEU E 859 8.76 43.63 3.14
CA LEU E 859 9.56 44.83 2.98
C LEU E 859 9.94 45.05 1.53
N THR E 860 10.34 43.97 0.82
CA THR E 860 10.78 44.13 -0.56
C THR E 860 9.64 44.54 -1.47
N ALA E 861 8.41 44.19 -1.11
CA ALA E 861 7.26 44.55 -1.93
C ALA E 861 7.31 46.02 -2.31
N SER E 862 7.40 46.27 -3.61
CA SER E 862 7.50 47.64 -4.10
C SER E 862 6.44 48.51 -3.47
N ARG E 863 6.88 49.50 -2.68
CA ARG E 863 5.94 50.39 -2.02
C ARG E 863 5.07 51.07 -3.07
N THR E 864 3.75 51.07 -2.83
CA THR E 864 2.86 51.72 -3.77
C THR E 864 3.06 53.23 -3.81
N ASP E 865 3.77 53.80 -2.85
CA ASP E 865 4.04 55.23 -2.88
C ASP E 865 5.35 55.55 -2.18
N PRO E 866 6.27 56.30 -2.81
CA PRO E 866 7.42 56.83 -2.07
C PRO E 866 7.05 57.96 -1.14
N GLY E 867 5.93 58.64 -1.37
CA GLY E 867 5.51 59.70 -0.47
C GLY E 867 5.20 59.22 0.92
N GLN E 868 4.59 58.03 1.04
CA GLN E 868 4.41 57.36 2.32
C GLN E 868 5.34 56.15 2.38
N ASP E 869 5.21 55.38 3.47
CA ASP E 869 6.12 54.30 3.78
C ASP E 869 5.40 52.95 3.74
N VAL E 870 6.20 51.89 3.81
CA VAL E 870 5.72 50.53 4.06
C VAL E 870 6.46 50.02 5.29
N ARG E 871 5.71 49.54 6.28
CA ARG E 871 6.23 49.36 7.62
C ARG E 871 6.07 47.92 8.08
N VAL E 872 7.12 47.39 8.72
CA VAL E 872 7.14 46.02 9.20
C VAL E 872 7.88 45.97 10.54
N ALA E 873 7.61 44.92 11.31
CA ALA E 873 8.25 44.74 12.61
C ALA E 873 8.11 43.27 13.02
N VAL E 874 8.84 42.91 14.07
CA VAL E 874 8.83 41.53 14.57
C VAL E 874 9.03 41.55 16.08
N VAL E 875 8.37 40.61 16.77
CA VAL E 875 8.50 40.45 18.20
C VAL E 875 8.20 38.99 18.53
N GLN E 876 8.80 38.51 19.63
CA GLN E 876 8.58 37.16 20.12
C GLN E 876 7.86 37.22 21.46
N TYR E 877 6.75 36.49 21.57
CA TYR E 877 5.96 36.48 22.79
C TYR E 877 6.12 35.15 23.51
N SER E 878 5.98 35.20 24.82
CA SER E 878 6.13 34.03 25.69
C SER E 878 5.22 34.24 26.89
N GLY E 879 5.49 33.52 27.97
CA GLY E 879 4.74 33.68 29.19
C GLY E 879 4.61 35.13 29.60
N THR E 880 3.72 35.41 30.56
CA THR E 880 3.40 36.77 30.98
C THR E 880 4.65 37.64 31.04
N GLY E 881 4.56 38.82 30.44
CA GLY E 881 5.64 39.79 30.51
C GLY E 881 6.90 39.37 29.79
N GLN E 882 6.78 38.80 28.60
CA GLN E 882 7.94 38.38 27.79
C GLN E 882 7.62 38.70 26.33
N GLN E 883 7.99 39.89 25.88
CA GLN E 883 7.76 40.32 24.51
C GLN E 883 8.98 41.12 24.07
N ARG E 884 9.94 40.44 23.45
CA ARG E 884 11.15 41.11 23.00
C ARG E 884 10.86 41.94 21.76
N PRO E 885 11.49 43.12 21.61
CA PRO E 885 12.41 43.78 22.52
C PRO E 885 11.68 44.60 23.59
N GLU E 886 12.35 45.54 24.24
CA GLU E 886 11.64 46.41 25.16
C GLU E 886 10.57 47.20 24.41
N ARG E 887 9.69 47.84 25.18
CA ARG E 887 8.57 48.55 24.58
C ARG E 887 9.05 49.68 23.69
N ALA E 888 10.07 50.42 24.11
CA ALA E 888 10.51 51.62 23.41
C ALA E 888 11.61 51.35 22.39
N ALA E 889 12.00 50.09 22.19
CA ALA E 889 13.12 49.80 21.31
C ALA E 889 12.72 49.79 19.84
N LEU E 890 11.81 48.89 19.47
CA LEU E 890 11.57 48.61 18.06
C LEU E 890 10.57 49.59 17.47
N GLN E 891 10.93 50.19 16.33
CA GLN E 891 10.04 51.01 15.53
C GLN E 891 9.79 50.30 14.20
N PHE E 892 9.01 50.95 13.33
CA PHE E 892 8.80 50.41 12.00
C PHE E 892 10.12 50.45 11.22
N LEU E 893 10.55 49.28 10.77
CA LEU E 893 11.87 49.13 10.16
C LEU E 893 11.77 49.11 8.64
N GLN E 894 12.77 49.69 7.99
CA GLN E 894 12.84 49.72 6.53
C GLN E 894 14.05 48.97 5.99
N ASN E 895 15.27 49.28 6.47
CA ASN E 895 16.39 48.42 6.15
C ASN E 895 16.09 47.02 6.66
N TYR E 896 16.45 46.02 5.88
CA TYR E 896 16.12 44.66 6.27
C TYR E 896 17.11 44.05 7.25
N THR E 897 18.36 44.54 7.28
CA THR E 897 19.40 43.83 8.01
C THR E 897 19.15 43.85 9.51
N VAL E 898 18.74 45.00 10.07
CA VAL E 898 18.55 45.07 11.51
C VAL E 898 17.40 44.16 11.95
N LEU E 899 16.29 44.20 11.21
CA LEU E 899 15.18 43.30 11.52
C LEU E 899 15.60 41.84 11.38
N ALA E 900 16.37 41.53 10.34
CA ALA E 900 16.83 40.15 10.15
C ALA E 900 17.74 39.71 11.27
N ASN E 901 18.63 40.59 11.72
CA ASN E 901 19.52 40.27 12.83
C ASN E 901 18.73 40.03 14.11
N THR E 902 17.73 40.87 14.38
CA THR E 902 16.88 40.64 15.54
C THR E 902 16.14 39.32 15.42
N VAL E 903 15.65 39.01 14.22
CA VAL E 903 14.93 37.76 14.00
C VAL E 903 15.83 36.57 14.25
N ASP E 904 17.07 36.63 13.77
CA ASP E 904 18.00 35.52 13.92
C ASP E 904 18.66 35.47 15.29
N SER E 905 18.51 36.52 16.10
CA SER E 905 19.15 36.57 17.41
C SER E 905 18.19 36.26 18.55
N MET E 906 16.87 36.30 18.32
CA MET E 906 15.93 36.01 19.39
C MET E 906 16.12 34.59 19.89
N ASP E 907 15.98 34.42 21.20
CA ASP E 907 16.19 33.14 21.86
C ASP E 907 14.87 32.58 22.36
N PHE E 908 14.72 31.26 22.25
CA PHE E 908 13.54 30.60 22.79
C PHE E 908 13.43 30.90 24.28
N PHE E 909 12.24 31.30 24.71
CA PHE E 909 12.06 31.77 26.09
C PHE E 909 11.87 30.63 27.08
N ASN E 910 11.24 29.54 26.67
CA ASN E 910 10.90 28.45 27.60
C ASN E 910 10.05 28.97 28.75
N ASP E 911 9.03 29.77 28.41
CA ASP E 911 8.03 30.21 29.37
C ASP E 911 6.65 29.85 28.86
N ALA E 912 5.73 29.58 29.80
CA ALA E 912 4.43 29.02 29.48
C ALA E 912 3.70 29.85 28.42
N THR E 913 2.70 29.24 27.77
CA THR E 913 1.96 29.90 26.69
C THR E 913 1.02 30.93 27.31
N ASP E 914 1.46 32.19 27.32
CA ASP E 914 0.65 33.31 27.77
C ASP E 914 0.29 34.17 26.59
N VAL E 915 -1.00 34.44 26.42
CA VAL E 915 -1.49 35.26 25.31
C VAL E 915 -2.14 36.55 25.79
N MET E 916 -2.63 36.62 27.03
CA MET E 916 -3.19 37.86 27.54
C MET E 916 -2.18 39.00 27.45
N ASP E 917 -1.06 38.87 28.17
CA ASP E 917 -0.09 39.95 28.22
C ASP E 917 0.52 40.22 26.85
N ALA E 918 0.67 39.19 26.02
CA ALA E 918 1.20 39.41 24.68
C ALA E 918 0.26 40.29 23.86
N LEU E 919 -1.04 39.98 23.89
CA LEU E 919 -2.00 40.80 23.16
C LEU E 919 -2.04 42.21 23.71
N GLY E 920 -2.01 42.36 25.04
CA GLY E 920 -1.97 43.69 25.62
C GLY E 920 -0.74 44.48 25.18
N TYR E 921 0.41 43.82 25.18
CA TYR E 921 1.65 44.46 24.71
C TYR E 921 1.49 44.94 23.28
N VAL E 922 1.00 44.07 22.40
CA VAL E 922 0.89 44.43 20.99
C VAL E 922 -0.05 45.61 20.82
N THR E 923 -1.23 45.53 21.45
CA THR E 923 -2.24 46.57 21.23
C THR E 923 -1.78 47.90 21.82
N ARG E 924 -1.18 47.89 23.02
CA ARG E 924 -0.72 49.14 23.59
C ARG E 924 0.43 49.73 22.79
N PHE E 925 1.32 48.87 22.28
CA PHE E 925 2.42 49.35 21.44
C PHE E 925 1.88 50.04 20.20
N TYR E 926 0.90 49.44 19.54
CA TYR E 926 0.28 50.10 18.39
C TYR E 926 -0.36 51.42 18.82
N ARG E 927 -1.14 51.38 19.89
CA ARG E 927 -1.84 52.59 20.34
C ARG E 927 -0.85 53.73 20.54
N GLU E 928 0.30 53.44 21.13
CA GLU E 928 1.26 54.50 21.38
C GLU E 928 2.02 54.92 20.12
N ALA E 929 2.31 53.97 19.23
CA ALA E 929 3.34 54.18 18.22
C ALA E 929 2.77 54.55 16.85
N SER E 930 1.94 53.69 16.27
CA SER E 930 1.58 53.84 14.86
C SER E 930 0.82 55.15 14.63
N SER E 931 1.13 55.80 13.53
CA SER E 931 0.50 57.08 13.22
C SER E 931 -0.99 56.91 12.99
N ASN E 932 -1.74 57.97 13.26
CA ASN E 932 -3.20 57.88 13.27
C ASN E 932 -3.75 57.47 11.91
N ALA E 933 -3.21 58.06 10.84
CA ALA E 933 -3.79 57.82 9.52
C ALA E 933 -3.71 56.35 9.12
N ALA E 934 -2.56 55.72 9.37
CA ALA E 934 -2.33 54.36 8.90
C ALA E 934 -3.39 53.41 9.44
N LYS E 935 -3.91 52.56 8.55
CA LYS E 935 -4.78 51.46 8.93
C LYS E 935 -3.95 50.19 8.85
N LYS E 936 -3.69 49.56 9.99
CA LYS E 936 -2.63 48.59 10.13
C LYS E 936 -3.18 47.16 9.98
N ARG E 937 -2.27 46.19 10.11
CA ARG E 937 -2.62 44.79 10.05
C ARG E 937 -1.66 44.02 10.95
N LEU E 938 -2.05 42.78 11.29
CA LEU E 938 -1.28 41.98 12.22
C LEU E 938 -1.50 40.50 11.94
N LEU E 939 -0.44 39.71 12.10
CA LEU E 939 -0.52 38.26 12.12
C LEU E 939 -0.28 37.77 13.55
N LEU E 940 -0.55 36.49 13.78
CA LEU E 940 -0.42 35.93 15.13
C LEU E 940 -0.41 34.42 15.05
N PHE E 941 0.60 33.81 15.66
CA PHE E 941 0.64 32.37 15.84
C PHE E 941 0.02 32.02 17.19
N SER E 942 -0.71 30.92 17.23
CA SER E 942 -1.37 30.53 18.48
C SER E 942 -1.86 29.10 18.38
N ASP E 943 -2.07 28.50 19.54
CA ASP E 943 -2.78 27.23 19.67
C ASP E 943 -4.05 27.35 20.50
N GLY E 944 -4.38 28.55 20.96
CA GLY E 944 -5.57 28.76 21.77
C GLY E 944 -5.47 28.24 23.18
N ASN E 945 -4.32 27.67 23.57
CA ASN E 945 -4.14 27.08 24.88
C ASN E 945 -3.23 27.97 25.71
N SER E 946 -3.65 28.27 26.94
CA SER E 946 -2.88 29.16 27.80
C SER E 946 -3.39 29.00 29.22
N GLN E 947 -2.46 28.82 30.17
CA GLN E 947 -2.85 28.65 31.56
C GLN E 947 -3.56 29.89 32.07
N GLY E 948 -4.57 29.67 32.90
CA GLY E 948 -5.35 30.79 33.42
C GLY E 948 -6.02 31.60 32.35
N ALA E 949 -6.61 30.93 31.36
CA ALA E 949 -7.26 31.61 30.24
C ALA E 949 -8.69 31.10 30.09
N THR E 950 -9.59 32.01 29.78
CA THR E 950 -11.01 31.73 29.57
C THR E 950 -11.47 32.46 28.33
N PRO E 951 -12.53 31.96 27.68
CA PRO E 951 -13.01 32.66 26.47
C PRO E 951 -13.36 34.12 26.71
N ALA E 952 -13.87 34.44 27.89
CA ALA E 952 -14.22 35.83 28.19
C ALA E 952 -12.98 36.72 28.14
N ALA E 953 -11.86 36.25 28.69
CA ALA E 953 -10.65 37.06 28.70
C ALA E 953 -10.15 37.33 27.28
N ILE E 954 -10.14 36.30 26.43
CA ILE E 954 -9.71 36.49 25.05
C ILE E 954 -10.65 37.46 24.33
N GLU E 955 -11.96 37.29 24.55
CA GLU E 955 -12.91 38.20 23.90
C GLU E 955 -12.66 39.63 24.32
N LYS E 956 -12.45 39.86 25.63
CA LYS E 956 -12.23 41.22 26.11
C LYS E 956 -10.95 41.80 25.54
N ALA E 957 -9.88 40.99 25.49
CA ALA E 957 -8.61 41.48 24.97
C ALA E 957 -8.73 41.82 23.48
N VAL E 958 -9.37 40.97 22.71
CA VAL E 958 -9.51 41.26 21.28
C VAL E 958 -10.42 42.47 21.08
N GLN E 959 -11.42 42.66 21.95
CA GLN E 959 -12.23 43.86 21.88
C GLN E 959 -11.41 45.10 22.15
N GLU E 960 -10.51 45.02 23.14
CA GLU E 960 -9.61 46.14 23.40
C GLU E 960 -8.74 46.43 22.18
N ALA E 961 -8.23 45.38 21.55
CA ALA E 961 -7.43 45.57 20.34
C ALA E 961 -8.25 46.22 19.24
N GLN E 962 -9.49 45.77 19.05
CA GLN E 962 -10.34 46.37 18.03
C GLN E 962 -10.59 47.83 18.33
N ARG E 963 -10.87 48.15 19.59
CA ARG E 963 -10.97 49.55 20.00
C ARG E 963 -9.71 50.31 19.62
N ALA E 964 -8.54 49.66 19.78
CA ALA E 964 -7.32 50.26 19.27
C ALA E 964 -7.37 50.44 17.76
N GLY E 965 -8.22 49.67 17.07
CA GLY E 965 -8.47 49.87 15.67
C GLY E 965 -7.66 49.02 14.72
N VAL E 966 -7.32 47.79 15.10
CA VAL E 966 -6.49 46.91 14.29
C VAL E 966 -7.27 45.64 14.00
N GLU E 967 -7.41 45.32 12.71
CA GLU E 967 -7.92 44.02 12.31
C GLU E 967 -6.85 42.96 12.54
N ILE E 968 -7.28 41.72 12.72
CA ILE E 968 -6.38 40.64 13.10
C ILE E 968 -6.57 39.46 12.16
N PHE E 969 -5.51 38.68 11.99
CA PHE E 969 -5.53 37.44 11.23
C PHE E 969 -4.83 36.35 12.04
N ALA E 970 -5.29 35.11 11.87
CA ALA E 970 -4.80 33.98 12.64
C ALA E 970 -4.20 32.93 11.72
N VAL E 971 -3.00 32.49 12.06
CA VAL E 971 -2.33 31.40 11.36
C VAL E 971 -1.95 30.37 12.41
N VAL E 972 -2.32 29.11 12.19
CA VAL E 972 -2.10 28.06 13.18
C VAL E 972 -1.54 26.81 12.50
N VAL E 973 -0.82 26.02 13.27
CA VAL E 973 -0.16 24.82 12.81
C VAL E 973 -0.57 23.66 13.70
N GLY E 974 -0.79 22.50 13.10
CA GLY E 974 -1.21 21.33 13.84
C GLY E 974 -2.70 21.37 14.17
N ARG E 975 -3.13 20.35 14.92
CA ARG E 975 -4.54 20.23 15.30
C ARG E 975 -4.72 19.98 16.79
N GLN E 976 -3.65 20.01 17.58
CA GLN E 976 -3.77 19.97 19.04
C GLN E 976 -4.13 21.37 19.56
N VAL E 977 -5.24 21.88 19.04
CA VAL E 977 -5.63 23.27 19.20
C VAL E 977 -7.02 23.33 19.81
N ASN E 978 -7.20 24.19 20.80
CA ASN E 978 -8.52 24.43 21.38
C ASN E 978 -9.34 25.22 20.36
N GLU E 979 -10.19 24.50 19.61
CA GLU E 979 -10.92 25.14 18.52
C GLU E 979 -11.76 26.32 18.98
N PRO E 980 -12.54 26.22 20.06
CA PRO E 980 -13.35 27.38 20.46
C PRO E 980 -12.53 28.62 20.74
N HIS E 981 -11.40 28.49 21.44
CA HIS E 981 -10.61 29.67 21.77
C HIS E 981 -9.99 30.31 20.53
N VAL E 982 -9.48 29.49 19.61
CA VAL E 982 -8.91 30.04 18.38
C VAL E 982 -9.99 30.73 17.57
N ARG E 983 -11.17 30.11 17.46
CA ARG E 983 -12.26 30.75 16.75
C ARG E 983 -12.62 32.08 17.40
N VAL E 984 -12.71 32.12 18.73
CA VAL E 984 -13.05 33.36 19.41
C VAL E 984 -12.02 34.43 19.12
N LEU E 985 -10.73 34.07 19.20
CA LEU E 985 -9.68 35.03 18.90
C LEU E 985 -9.82 35.55 17.48
N VAL E 986 -10.12 34.67 16.53
CA VAL E 986 -10.27 35.08 15.14
C VAL E 986 -11.40 36.08 15.02
N THR E 987 -12.54 35.81 15.65
CA THR E 987 -13.73 36.63 15.49
C THR E 987 -13.95 37.59 16.65
N GLY E 988 -13.95 37.09 17.89
CA GLY E 988 -14.33 37.88 19.03
C GLY E 988 -15.82 37.89 19.32
N LYS E 989 -16.62 37.30 18.44
CA LYS E 989 -18.07 37.15 18.64
C LYS E 989 -18.38 35.66 18.54
N ALA E 990 -18.29 34.97 19.68
CA ALA E 990 -18.43 33.52 19.67
C ALA E 990 -19.79 33.09 19.16
N ALA E 991 -20.86 33.63 19.73
CA ALA E 991 -22.21 33.20 19.37
C ALA E 991 -22.50 33.51 17.91
N GLU E 992 -22.31 34.75 17.50
CA GLU E 992 -22.55 35.17 16.11
C GLU E 992 -21.27 35.10 15.29
N TYR E 993 -20.60 33.96 15.32
CA TYR E 993 -19.41 33.78 14.50
C TYR E 993 -19.78 33.85 13.03
N ASP E 994 -19.01 34.61 12.27
CA ASP E 994 -19.25 34.77 10.85
C ASP E 994 -18.36 33.80 10.09
N VAL E 995 -19.00 32.92 9.30
CA VAL E 995 -18.25 31.90 8.56
C VAL E 995 -17.27 32.56 7.60
N VAL E 996 -17.73 33.59 6.88
CA VAL E 996 -16.85 34.27 5.92
C VAL E 996 -15.66 34.89 6.64
N PHE E 997 -15.91 35.57 7.76
CA PHE E 997 -14.82 36.18 8.50
C PHE E 997 -13.82 35.13 8.95
N GLY E 998 -14.30 34.02 9.50
CA GLY E 998 -13.41 32.98 9.96
C GLY E 998 -12.56 32.40 8.84
N GLU E 999 -13.21 32.02 7.73
CA GLU E 999 -12.48 31.41 6.64
C GLU E 999 -11.47 32.38 6.03
N ARG E 1000 -11.81 33.68 5.98
CA ARG E 1000 -10.86 34.65 5.45
C ARG E 1000 -9.70 34.89 6.41
N HIS E 1001 -9.96 34.85 7.72
CA HIS E 1001 -8.98 35.24 8.72
C HIS E 1001 -8.21 34.06 9.30
N LEU E 1002 -8.45 32.84 8.84
CA LEU E 1002 -7.79 31.66 9.40
C LEU E 1002 -6.92 31.00 8.35
N PHE E 1003 -5.73 30.59 8.77
CA PHE E 1003 -4.85 29.75 7.97
C PHE E 1003 -4.49 28.51 8.77
N ARG E 1004 -4.61 27.35 8.15
CA ARG E 1004 -4.33 26.07 8.78
C ARG E 1004 -3.13 25.42 8.08
N VAL E 1005 -2.15 24.99 8.86
CA VAL E 1005 -1.00 24.27 8.33
C VAL E 1005 -0.84 22.98 9.12
N PRO E 1006 -0.86 21.81 8.47
CA PRO E 1006 -0.79 20.55 9.24
C PRO E 1006 0.52 20.37 9.97
N SER E 1007 1.65 20.49 9.26
CA SER E 1007 2.95 20.18 9.79
C SER E 1007 3.83 21.43 9.80
N TYR E 1008 4.71 21.50 10.80
CA TYR E 1008 5.66 22.61 10.87
C TYR E 1008 6.55 22.64 9.65
N GLN E 1009 7.02 21.48 9.20
CA GLN E 1009 7.88 21.43 8.03
C GLN E 1009 7.15 21.93 6.80
N ALA E 1010 5.89 21.54 6.62
CA ALA E 1010 5.13 21.97 5.46
C ALA E 1010 4.89 23.48 5.46
N LEU E 1011 5.02 24.14 6.61
CA LEU E 1011 4.77 25.57 6.67
C LEU E 1011 5.66 26.32 5.70
N LEU E 1012 6.96 26.04 5.72
CA LEU E 1012 7.89 26.71 4.82
C LEU E 1012 7.81 26.15 3.40
N ARG E 1013 7.44 24.89 3.25
CA ARG E 1013 7.43 24.26 1.93
C ARG E 1013 6.37 24.89 1.05
N GLY E 1014 6.60 24.81 -0.26
CA GLY E 1014 5.63 25.30 -1.21
C GLY E 1014 5.60 26.82 -1.27
N VAL E 1015 4.45 27.33 -1.68
CA VAL E 1015 4.23 28.76 -1.85
C VAL E 1015 3.28 29.30 -0.78
N PHE E 1016 3.17 28.61 0.35
CA PHE E 1016 2.22 29.03 1.38
C PHE E 1016 2.57 30.41 1.91
N TYR E 1017 3.86 30.68 2.12
CA TYR E 1017 4.28 31.96 2.69
C TYR E 1017 3.86 33.11 1.79
N GLN E 1018 4.08 32.97 0.47
CA GLN E 1018 3.73 34.06 -0.43
C GLN E 1018 2.22 34.24 -0.50
N THR E 1019 1.47 33.13 -0.46
CA THR E 1019 0.02 33.23 -0.47
C THR E 1019 -0.47 34.03 0.74
N VAL E 1020 0.02 33.66 1.93
CA VAL E 1020 -0.45 34.34 3.14
C VAL E 1020 -0.01 35.80 3.14
N SER E 1021 1.21 36.08 2.69
CA SER E 1021 1.67 37.46 2.66
C SER E 1021 0.82 38.29 1.70
N ARG E 1022 0.52 37.75 0.52
CA ARG E 1022 -0.32 38.47 -0.42
C ARG E 1022 -1.72 38.70 0.15
N LYS E 1023 -2.26 37.69 0.84
CA LYS E 1023 -3.55 37.88 1.49
C LYS E 1023 -3.48 39.01 2.50
N VAL E 1024 -2.40 39.07 3.27
CA VAL E 1024 -2.20 40.20 4.18
C VAL E 1024 -2.20 41.51 3.40
N ALA E 1025 -1.58 41.50 2.22
CA ALA E 1025 -1.50 42.71 1.42
C ALA E 1025 -2.89 43.18 1.00
N LEU E 1026 -3.68 42.28 0.42
CA LEU E 1026 -5.00 42.67 -0.05
C LEU E 1026 -5.84 43.21 1.10
N ASP E 1027 -6.56 44.29 0.83
CA ASP E 1027 -7.38 44.94 1.85
C ASP E 1027 -8.44 43.98 2.38
N GLY F 587 -26.63 16.21 19.19
CA GLY F 587 -25.22 15.91 19.08
C GLY F 587 -24.38 17.13 18.77
N GLU F 588 -23.10 16.91 18.47
CA GLU F 588 -22.20 18.00 18.14
C GLU F 588 -22.47 18.53 16.73
N PRO F 589 -22.03 19.74 16.42
CA PRO F 589 -22.19 20.25 15.06
C PRO F 589 -21.41 19.41 14.06
N GLY F 590 -21.91 19.38 12.83
CA GLY F 590 -21.28 18.62 11.78
C GLY F 590 -19.89 19.15 11.48
N PRO F 591 -19.07 18.33 10.83
CA PRO F 591 -17.70 18.75 10.53
C PRO F 591 -17.67 19.85 9.49
N PRO F 592 -16.61 20.66 9.45
CA PRO F 592 -16.55 21.75 8.47
C PRO F 592 -16.48 21.21 7.04
N GLY F 593 -16.97 22.03 6.12
CA GLY F 593 -17.00 21.64 4.74
C GLY F 593 -15.62 21.55 4.11
N ASP F 594 -15.56 20.89 2.96
CA ASP F 594 -14.32 20.72 2.21
C ASP F 594 -14.01 21.97 1.40
N PRO F 595 -12.79 22.10 0.89
CA PRO F 595 -12.42 23.31 0.16
C PRO F 595 -13.29 23.51 -1.07
N GLY F 596 -13.49 24.79 -1.42
CA GLY F 596 -14.31 25.11 -2.58
C GLY F 596 -13.77 24.49 -3.87
N LEU F 597 -12.46 24.54 -4.06
CA LEU F 597 -11.81 23.99 -5.26
C LEU F 597 -10.50 23.36 -4.82
N THR F 598 -10.53 22.05 -4.58
CA THR F 598 -9.36 21.35 -4.08
C THR F 598 -8.22 21.42 -5.10
N GLU F 599 -7.06 20.93 -4.68
CA GLU F 599 -5.87 20.97 -5.53
C GLU F 599 -6.12 20.26 -6.85
N CYS F 600 -6.68 19.04 -6.79
CA CYS F 600 -7.01 18.31 -8.00
C CYS F 600 -7.96 19.09 -8.87
N ASP F 601 -8.86 19.87 -8.26
CA ASP F 601 -9.78 20.69 -9.04
C ASP F 601 -9.01 21.66 -9.94
N VAL F 602 -8.10 22.43 -9.36
CA VAL F 602 -7.35 23.40 -10.14
C VAL F 602 -6.45 22.70 -11.14
N MET F 603 -5.88 21.55 -10.76
CA MET F 603 -5.04 20.81 -11.69
C MET F 603 -5.83 20.38 -12.92
N THR F 604 -7.02 19.84 -12.70
CA THR F 604 -7.86 19.46 -13.83
C THR F 604 -8.24 20.67 -14.66
N TYR F 605 -8.53 21.80 -14.01
CA TYR F 605 -8.85 23.01 -14.75
C TYR F 605 -7.72 23.42 -15.68
N VAL F 606 -6.51 23.50 -15.13
CA VAL F 606 -5.37 23.94 -15.94
C VAL F 606 -5.11 22.96 -17.07
N ARG F 607 -5.18 21.66 -16.78
CA ARG F 607 -5.00 20.66 -17.83
C ARG F 607 -6.05 20.83 -18.92
N GLU F 608 -7.30 21.09 -18.52
CA GLU F 608 -8.38 21.26 -19.47
C GLU F 608 -8.14 22.47 -20.36
N THR F 609 -7.66 23.57 -19.78
CA THR F 609 -7.53 24.81 -20.54
C THR F 609 -6.58 24.66 -21.71
N CYS F 610 -5.43 24.04 -21.49
CA CYS F 610 -4.42 23.90 -22.53
C CYS F 610 -3.94 22.46 -22.72
N GLY F 611 -3.85 21.69 -21.64
CA GLY F 611 -3.38 20.32 -21.73
C GLY F 611 -1.86 20.24 -21.86
N THR F 828 -8.79 6.01 -16.84
CA THR F 828 -9.49 7.17 -16.31
C THR F 828 -10.96 6.85 -16.09
N GLU F 829 -11.77 7.90 -15.91
CA GLU F 829 -13.20 7.76 -15.66
C GLU F 829 -13.98 8.46 -16.76
N LEU F 830 -15.10 7.87 -17.15
CA LEU F 830 -15.99 8.43 -18.16
C LEU F 830 -17.34 8.73 -17.52
N TYR F 831 -17.85 9.92 -17.78
CA TYR F 831 -19.13 10.35 -17.22
C TYR F 831 -20.27 9.85 -18.09
N VAL F 832 -21.15 9.06 -17.52
CA VAL F 832 -22.33 8.53 -18.20
C VAL F 832 -23.57 8.99 -17.46
N ALA F 833 -24.52 9.55 -18.20
CA ALA F 833 -25.78 9.96 -17.59
C ALA F 833 -26.43 8.77 -16.91
N GLN F 834 -26.92 8.98 -15.70
CA GLN F 834 -27.49 7.89 -14.93
C GLN F 834 -28.68 7.27 -15.67
N CYS F 835 -29.12 6.13 -15.18
CA CYS F 835 -30.20 5.40 -15.84
C CYS F 835 -31.46 6.26 -15.92
N THR F 836 -32.14 6.18 -17.07
CA THR F 836 -33.39 6.89 -17.25
C THR F 836 -34.45 6.03 -17.92
N GLN F 837 -34.33 4.70 -17.81
CA GLN F 837 -35.30 3.78 -18.41
C GLN F 837 -35.38 3.97 -19.92
N ARG F 838 -34.27 4.35 -20.54
CA ARG F 838 -34.27 4.55 -21.98
C ARG F 838 -34.46 3.21 -22.69
N PRO F 839 -35.07 3.21 -23.87
CA PRO F 839 -35.33 1.94 -24.58
C PRO F 839 -34.04 1.19 -24.86
N VAL F 840 -33.88 0.03 -24.23
CA VAL F 840 -32.64 -0.75 -24.25
C VAL F 840 -32.98 -2.22 -24.45
N ASP F 841 -32.05 -2.95 -25.06
CA ASP F 841 -32.18 -4.39 -25.27
C ASP F 841 -30.80 -5.01 -25.09
N ILE F 842 -30.66 -5.89 -24.10
CA ILE F 842 -29.38 -6.47 -23.75
C ILE F 842 -29.45 -7.98 -23.92
N VAL F 843 -28.40 -8.55 -24.50
CA VAL F 843 -28.31 -9.98 -24.73
C VAL F 843 -26.94 -10.44 -24.22
N PHE F 844 -26.92 -11.13 -23.08
CA PHE F 844 -25.67 -11.56 -22.47
C PHE F 844 -24.95 -12.57 -23.35
N LEU F 845 -23.76 -12.97 -22.93
CA LEU F 845 -23.00 -13.98 -23.67
C LEU F 845 -21.99 -14.57 -22.70
N LEU F 846 -22.17 -15.84 -22.35
CA LEU F 846 -21.30 -16.53 -21.41
C LEU F 846 -20.76 -17.78 -22.08
N ASP F 847 -19.46 -17.78 -22.35
CA ASP F 847 -18.83 -18.89 -23.03
C ASP F 847 -18.89 -20.16 -22.20
N GLY F 848 -18.99 -21.29 -22.89
CA GLY F 848 -19.08 -22.58 -22.24
C GLY F 848 -17.76 -23.23 -21.94
N SER F 849 -16.65 -22.50 -22.10
CA SER F 849 -15.33 -23.09 -21.91
C SER F 849 -15.20 -23.69 -20.52
N GLU F 850 -14.58 -24.87 -20.45
CA GLU F 850 -14.47 -25.58 -19.18
C GLU F 850 -13.66 -24.80 -18.15
N ARG F 851 -12.91 -23.79 -18.57
CA ARG F 851 -12.18 -22.96 -17.62
C ARG F 851 -13.09 -22.06 -16.80
N LEU F 852 -14.41 -22.15 -16.97
CA LEU F 852 -15.32 -21.27 -16.24
C LEU F 852 -15.54 -21.79 -14.82
N GLY F 853 -16.08 -23.00 -14.68
CA GLY F 853 -16.25 -23.61 -13.38
C GLY F 853 -17.68 -23.80 -12.95
N GLU F 854 -18.03 -25.03 -12.55
CA GLU F 854 -19.40 -25.33 -12.15
C GLU F 854 -19.87 -24.37 -11.05
N GLN F 855 -19.10 -24.24 -9.98
CA GLN F 855 -19.43 -23.27 -8.95
C GLN F 855 -19.46 -21.86 -9.52
N ASN F 856 -18.52 -21.55 -10.41
CA ASN F 856 -18.53 -20.24 -11.05
C ASN F 856 -19.77 -20.09 -11.94
N PHE F 857 -20.21 -21.17 -12.58
CA PHE F 857 -21.45 -21.10 -13.35
C PHE F 857 -22.63 -20.77 -12.44
N HIS F 858 -22.70 -21.40 -11.26
CA HIS F 858 -23.77 -21.08 -10.33
C HIS F 858 -23.70 -19.62 -9.89
N LYS F 859 -22.49 -19.14 -9.59
CA LYS F 859 -22.34 -17.74 -9.20
C LYS F 859 -22.78 -16.80 -10.32
N VAL F 860 -22.46 -17.15 -11.57
CA VAL F 860 -22.85 -16.30 -12.69
C VAL F 860 -24.36 -16.32 -12.86
N ARG F 861 -24.99 -17.49 -12.63
CA ARG F 861 -26.45 -17.54 -12.65
C ARG F 861 -27.03 -16.59 -11.60
N ARG F 862 -26.48 -16.63 -10.39
CA ARG F 862 -26.94 -15.73 -9.33
C ARG F 862 -26.79 -14.28 -9.76
N PHE F 863 -25.63 -13.94 -10.33
CA PHE F 863 -25.38 -12.57 -10.76
C PHE F 863 -26.36 -12.13 -11.83
N VAL F 864 -26.63 -13.01 -12.79
CA VAL F 864 -27.52 -12.64 -13.89
C VAL F 864 -28.94 -12.44 -13.37
N GLU F 865 -29.41 -13.31 -12.49
CA GLU F 865 -30.75 -13.13 -11.96
C GLU F 865 -30.83 -11.85 -11.13
N GLU F 866 -29.80 -11.55 -10.36
CA GLU F 866 -29.80 -10.31 -9.60
C GLU F 866 -29.85 -9.09 -10.53
N VAL F 867 -29.07 -9.12 -11.62
CA VAL F 867 -29.06 -8.00 -12.55
C VAL F 867 -30.44 -7.83 -13.18
N SER F 868 -31.05 -8.94 -13.61
CA SER F 868 -32.38 -8.85 -14.18
C SER F 868 -33.37 -8.30 -13.18
N ARG F 869 -33.20 -8.65 -11.89
CA ARG F 869 -34.06 -8.09 -10.86
C ARG F 869 -33.87 -6.58 -10.73
N ARG F 870 -32.63 -6.11 -10.76
CA ARG F 870 -32.37 -4.70 -10.53
C ARG F 870 -32.96 -3.83 -11.63
N LEU F 871 -32.70 -4.20 -12.89
CA LEU F 871 -33.19 -3.40 -14.01
C LEU F 871 -34.71 -3.44 -14.06
N THR F 872 -35.31 -2.31 -14.46
CA THR F 872 -36.72 -2.29 -14.74
C THR F 872 -36.99 -3.12 -15.98
N LEU F 873 -38.14 -3.81 -16.00
CA LEU F 873 -38.51 -4.68 -17.10
C LEU F 873 -39.72 -4.11 -17.82
N ALA F 874 -39.65 -4.08 -19.14
CA ALA F 874 -40.76 -3.58 -19.94
C ALA F 874 -41.93 -4.55 -19.91
N ARG F 875 -43.12 -4.01 -20.17
CA ARG F 875 -44.31 -4.86 -20.23
C ARG F 875 -44.29 -5.72 -21.48
N LYS F 876 -44.01 -5.13 -22.63
CA LYS F 876 -44.16 -5.80 -23.91
C LYS F 876 -43.29 -5.06 -24.94
N ASP F 877 -43.56 -5.29 -26.22
CA ASP F 877 -42.78 -4.79 -27.34
C ASP F 877 -43.62 -3.79 -28.14
N ASP F 878 -43.12 -3.46 -29.35
CA ASP F 878 -43.62 -2.35 -30.14
C ASP F 878 -43.12 -1.04 -29.56
N ASP F 879 -41.84 -1.02 -29.15
CA ASP F 879 -41.15 0.16 -28.66
C ASP F 879 -41.90 0.94 -27.58
N PRO F 880 -42.22 0.32 -26.45
CA PRO F 880 -42.46 1.09 -25.23
C PRO F 880 -41.15 1.55 -24.62
N LEU F 881 -41.25 2.16 -23.44
CA LEU F 881 -40.07 2.52 -22.66
C LEU F 881 -39.54 1.26 -21.99
N ASN F 882 -38.55 1.42 -21.11
CA ASN F 882 -38.01 0.30 -20.35
C ASN F 882 -37.25 -0.65 -21.27
N ALA F 883 -36.55 -1.63 -20.70
CA ALA F 883 -35.63 -2.47 -21.43
C ALA F 883 -35.95 -3.94 -21.23
N ARG F 884 -35.48 -4.76 -22.17
CA ARG F 884 -35.64 -6.21 -22.14
C ARG F 884 -34.30 -6.86 -21.79
N VAL F 885 -34.31 -8.20 -21.75
CA VAL F 885 -33.11 -8.96 -21.39
C VAL F 885 -33.15 -10.32 -22.09
N ALA F 886 -31.97 -10.83 -22.43
CA ALA F 886 -31.84 -12.18 -22.94
C ALA F 886 -30.47 -12.74 -22.55
N LEU F 887 -30.37 -14.06 -22.52
CA LEU F 887 -29.10 -14.74 -22.25
C LEU F 887 -29.04 -16.04 -23.04
N LEU F 888 -27.82 -16.48 -23.34
CA LEU F 888 -27.59 -17.75 -23.98
C LEU F 888 -26.25 -18.30 -23.53
N GLN F 889 -26.06 -19.59 -23.74
CA GLN F 889 -24.89 -20.32 -23.23
C GLN F 889 -24.32 -21.23 -24.30
N PHE F 890 -24.07 -20.66 -25.49
CA PHE F 890 -23.56 -21.44 -26.61
C PHE F 890 -22.31 -22.22 -26.23
N GLY F 891 -22.00 -23.27 -27.00
CA GLY F 891 -20.83 -24.08 -26.73
C GLY F 891 -20.22 -24.63 -28.00
N GLY F 892 -19.11 -25.33 -27.84
CA GLY F 892 -18.40 -25.92 -28.95
C GLY F 892 -19.05 -27.22 -29.40
N PRO F 893 -19.23 -28.16 -28.48
CA PRO F 893 -19.86 -29.44 -28.86
C PRO F 893 -21.26 -29.21 -29.41
N ARG F 894 -21.63 -30.02 -30.40
CA ARG F 894 -22.88 -29.90 -31.14
C ARG F 894 -22.89 -28.67 -32.04
N GLU F 895 -21.81 -27.86 -32.03
CA GLU F 895 -21.69 -26.69 -32.89
C GLU F 895 -22.78 -25.65 -32.67
N GLN F 896 -23.67 -25.87 -31.70
CA GLN F 896 -24.76 -24.94 -31.46
C GLN F 896 -25.35 -25.21 -30.09
N GLN F 897 -25.98 -24.17 -29.53
CA GLN F 897 -26.80 -24.29 -28.33
C GLN F 897 -27.71 -23.09 -28.27
N VAL F 898 -28.85 -23.25 -27.59
CA VAL F 898 -29.90 -22.24 -27.56
C VAL F 898 -30.32 -21.99 -26.12
N ALA F 899 -30.97 -20.85 -25.92
CA ALA F 899 -31.55 -20.50 -24.63
C ALA F 899 -32.79 -19.65 -24.90
N PHE F 900 -33.35 -19.10 -23.83
CA PHE F 900 -34.55 -18.29 -23.97
C PHE F 900 -34.26 -17.03 -24.77
N PRO F 901 -35.24 -16.53 -25.52
CA PRO F 901 -35.01 -15.29 -26.29
C PRO F 901 -35.25 -14.05 -25.46
N LEU F 902 -35.10 -12.87 -26.06
CA LEU F 902 -35.38 -11.63 -25.36
C LEU F 902 -36.83 -11.61 -24.90
N THR F 903 -37.03 -11.31 -23.62
CA THR F 903 -38.37 -11.26 -23.06
C THR F 903 -38.29 -10.67 -21.66
N SER F 904 -39.28 -9.85 -21.31
CA SER F 904 -39.32 -9.19 -20.02
C SER F 904 -40.08 -9.98 -18.96
N ASN F 905 -40.81 -11.02 -19.35
CA ASN F 905 -41.52 -11.86 -18.39
C ASN F 905 -40.49 -12.59 -17.55
N LEU F 906 -40.30 -12.11 -16.31
CA LEU F 906 -39.16 -12.55 -15.51
C LEU F 906 -39.30 -14.00 -15.07
N THR F 907 -40.52 -14.50 -14.92
CA THR F 907 -40.70 -15.88 -14.48
C THR F 907 -40.08 -16.86 -15.48
N VAL F 908 -40.16 -16.53 -16.77
CA VAL F 908 -39.49 -17.35 -17.78
C VAL F 908 -37.98 -17.34 -17.55
N ILE F 909 -37.44 -16.17 -17.20
CA ILE F 909 -36.01 -16.07 -16.93
C ILE F 909 -35.64 -16.98 -15.78
N GLN F 910 -36.42 -16.92 -14.69
CA GLN F 910 -36.13 -17.75 -13.52
C GLN F 910 -36.21 -19.23 -13.88
N GLU F 911 -37.26 -19.62 -14.60
CA GLU F 911 -37.43 -21.04 -14.93
C GLU F 911 -36.28 -21.53 -15.80
N ALA F 912 -35.90 -20.75 -16.81
CA ALA F 912 -34.80 -21.16 -17.69
C ALA F 912 -33.50 -21.23 -16.91
N LEU F 913 -33.24 -20.26 -16.03
CA LEU F 913 -31.99 -20.27 -15.27
C LEU F 913 -31.93 -21.47 -14.33
N ALA F 914 -33.07 -21.82 -13.72
CA ALA F 914 -33.07 -22.90 -12.74
C ALA F 914 -32.53 -24.19 -13.36
N SER F 915 -32.98 -24.52 -14.56
CA SER F 915 -32.53 -25.71 -15.27
C SER F 915 -31.29 -25.44 -16.12
N ALA F 916 -30.63 -24.31 -15.91
CA ALA F 916 -29.46 -23.97 -16.72
C ALA F 916 -28.41 -25.06 -16.63
N ARG F 917 -27.86 -25.44 -17.78
CA ARG F 917 -26.86 -26.50 -17.88
C ARG F 917 -25.50 -25.88 -18.16
N TYR F 918 -24.49 -26.31 -17.40
CA TYR F 918 -23.13 -25.83 -17.58
C TYR F 918 -22.42 -26.74 -18.57
N LEU F 919 -22.09 -26.19 -19.74
CA LEU F 919 -21.49 -27.02 -20.79
C LEU F 919 -20.17 -27.62 -20.35
N ASN F 920 -19.31 -26.82 -19.72
CA ASN F 920 -17.98 -27.27 -19.30
C ASN F 920 -17.24 -27.87 -20.49
N SER F 921 -17.32 -27.21 -21.64
CA SER F 921 -16.76 -27.72 -22.88
C SER F 921 -16.26 -26.57 -23.73
N PHE F 922 -15.41 -26.90 -24.70
CA PHE F 922 -14.84 -25.89 -25.57
C PHE F 922 -15.94 -25.10 -26.27
N SER F 923 -15.60 -23.89 -26.71
CA SER F 923 -16.53 -23.03 -27.41
C SER F 923 -15.77 -21.96 -28.15
N HIS F 924 -15.90 -21.94 -29.48
CA HIS F 924 -15.27 -20.91 -30.30
C HIS F 924 -16.14 -19.66 -30.28
N VAL F 925 -15.56 -18.52 -29.90
CA VAL F 925 -16.36 -17.33 -29.64
C VAL F 925 -17.03 -16.84 -30.92
N GLY F 926 -16.36 -16.98 -32.05
CA GLY F 926 -16.92 -16.44 -33.29
C GLY F 926 -18.25 -17.08 -33.66
N THR F 927 -18.30 -18.41 -33.63
CA THR F 927 -19.54 -19.10 -33.94
C THR F 927 -20.63 -18.72 -32.95
N GLY F 928 -20.28 -18.63 -31.68
CA GLY F 928 -21.26 -18.23 -30.69
C GLY F 928 -21.84 -16.86 -30.97
N ILE F 929 -20.97 -15.90 -31.27
CA ILE F 929 -21.44 -14.53 -31.48
C ILE F 929 -22.28 -14.44 -32.74
N VAL F 930 -21.89 -15.16 -33.80
CA VAL F 930 -22.69 -15.09 -35.03
C VAL F 930 -24.05 -15.74 -34.81
N GLN F 931 -24.10 -16.87 -34.10
CA GLN F 931 -25.38 -17.47 -33.79
C GLN F 931 -26.22 -16.56 -32.92
N ALA F 932 -25.59 -15.89 -31.94
CA ALA F 932 -26.31 -14.98 -31.07
C ALA F 932 -26.90 -13.81 -31.85
N ILE F 933 -26.11 -13.22 -32.75
CA ILE F 933 -26.61 -12.08 -33.51
C ILE F 933 -27.73 -12.52 -34.43
N ASN F 934 -27.61 -13.72 -35.02
CA ASN F 934 -28.70 -14.24 -35.84
C ASN F 934 -29.98 -14.40 -35.01
N GLN F 935 -29.85 -15.01 -33.82
CA GLN F 935 -31.02 -15.24 -32.98
C GLN F 935 -31.67 -13.93 -32.54
N VAL F 936 -30.85 -12.96 -32.14
CA VAL F 936 -31.42 -11.70 -31.67
C VAL F 936 -31.98 -10.90 -32.83
N VAL F 937 -31.40 -11.00 -34.03
CA VAL F 937 -32.00 -10.37 -35.20
C VAL F 937 -33.36 -10.97 -35.47
N GLN F 938 -33.46 -12.30 -35.40
CA GLN F 938 -34.76 -12.95 -35.58
C GLN F 938 -35.75 -12.46 -34.54
N GLY F 939 -35.34 -12.38 -33.29
CA GLY F 939 -36.24 -11.89 -32.25
C GLY F 939 -36.68 -10.47 -32.48
N ALA F 940 -35.74 -9.59 -32.85
CA ALA F 940 -36.07 -8.19 -33.10
C ALA F 940 -37.04 -8.06 -34.27
N ARG F 941 -36.82 -8.83 -35.34
CA ARG F 941 -37.76 -8.82 -36.45
C ARG F 941 -39.14 -9.31 -36.00
N ALA F 942 -39.16 -10.32 -35.13
CA ALA F 942 -40.42 -10.74 -34.54
C ALA F 942 -41.02 -9.66 -33.64
N GLY F 943 -40.21 -8.70 -33.20
CA GLY F 943 -40.67 -7.67 -32.29
C GLY F 943 -40.65 -6.27 -32.88
N ALA F 944 -41.08 -6.15 -34.15
CA ALA F 944 -41.19 -4.85 -34.80
C ALA F 944 -39.84 -4.14 -34.86
N ARG F 945 -39.86 -2.84 -35.17
CA ARG F 945 -38.61 -2.10 -35.32
C ARG F 945 -37.91 -1.91 -33.98
N ARG F 946 -38.59 -1.28 -33.02
CA ARG F 946 -38.05 -1.03 -31.69
C ARG F 946 -36.59 -0.59 -31.78
N HIS F 947 -36.40 0.57 -32.41
CA HIS F 947 -35.05 1.09 -32.64
C HIS F 947 -34.17 0.92 -31.40
N ALA F 948 -34.56 1.57 -30.30
CA ALA F 948 -33.87 1.41 -29.02
C ALA F 948 -32.36 1.31 -29.21
N GLU F 949 -31.80 0.13 -29.02
CA GLU F 949 -30.39 -0.14 -29.29
C GLU F 949 -30.20 -1.65 -29.18
N LEU F 950 -28.94 -2.09 -29.25
CA LEU F 950 -28.62 -3.50 -29.07
C LEU F 950 -27.23 -3.59 -28.46
N SER F 951 -27.19 -3.77 -27.13
CA SER F 951 -25.95 -3.83 -26.37
C SER F 951 -25.67 -5.27 -25.96
N PHE F 952 -24.45 -5.73 -26.20
CA PHE F 952 -24.02 -7.07 -25.84
C PHE F 952 -23.00 -6.99 -24.71
N VAL F 953 -23.22 -7.75 -23.65
CA VAL F 953 -22.32 -7.81 -22.51
C VAL F 953 -21.62 -9.16 -22.55
N PHE F 954 -20.30 -9.14 -22.73
CA PHE F 954 -19.51 -10.36 -22.83
C PHE F 954 -19.03 -10.73 -21.44
N LEU F 955 -19.65 -11.74 -20.85
CA LEU F 955 -19.25 -12.26 -19.54
C LEU F 955 -18.36 -13.49 -19.79
N THR F 956 -17.10 -13.22 -20.09
CA THR F 956 -16.15 -14.29 -20.36
C THR F 956 -14.76 -13.70 -20.49
N ASP F 957 -13.75 -14.52 -20.20
CA ASP F 957 -12.38 -14.14 -20.50
C ASP F 957 -12.19 -13.97 -22.00
N GLY F 958 -12.86 -14.82 -22.79
CA GLY F 958 -12.79 -14.75 -24.23
C GLY F 958 -11.72 -15.63 -24.86
N VAL F 959 -10.82 -16.21 -24.07
CA VAL F 959 -9.79 -17.08 -24.61
C VAL F 959 -10.47 -18.34 -25.13
N THR F 960 -10.46 -18.53 -26.45
CA THR F 960 -11.08 -19.70 -27.06
C THR F 960 -10.75 -19.69 -28.55
N GLY F 961 -11.31 -20.67 -29.26
CA GLY F 961 -11.06 -20.77 -30.69
C GLY F 961 -11.57 -19.55 -31.42
N ASN F 962 -10.75 -19.08 -32.36
CA ASN F 962 -11.02 -17.90 -33.18
C ASN F 962 -11.07 -18.26 -34.66
N ASP F 963 -11.79 -19.35 -34.97
CA ASP F 963 -11.86 -19.81 -36.35
C ASP F 963 -12.49 -18.75 -37.25
N SER F 964 -13.53 -18.07 -36.77
CA SER F 964 -14.21 -17.04 -37.55
C SER F 964 -14.48 -15.81 -36.70
N LEU F 965 -13.51 -15.43 -35.87
CA LEU F 965 -13.71 -14.29 -34.98
C LEU F 965 -13.88 -12.99 -35.77
N ASP F 966 -12.95 -12.72 -36.68
CA ASP F 966 -12.91 -11.39 -37.31
C ASP F 966 -14.16 -11.13 -38.13
N GLU F 967 -14.63 -12.14 -38.88
CA GLU F 967 -15.83 -11.95 -39.70
C GLU F 967 -17.03 -11.63 -38.83
N ALA F 968 -17.19 -12.35 -37.72
CA ALA F 968 -18.31 -12.07 -36.82
C ALA F 968 -18.18 -10.70 -36.19
N VAL F 969 -16.97 -10.28 -35.83
CA VAL F 969 -16.78 -8.94 -35.29
C VAL F 969 -17.19 -7.90 -36.32
N HIS F 970 -16.82 -8.10 -37.58
CA HIS F 970 -17.22 -7.18 -38.62
C HIS F 970 -18.73 -7.14 -38.79
N SER F 971 -19.38 -8.30 -38.77
CA SER F 971 -20.83 -8.35 -38.90
C SER F 971 -21.49 -7.59 -37.75
N MET F 972 -21.02 -7.81 -36.52
CA MET F 972 -21.56 -7.09 -35.38
C MET F 972 -21.35 -5.60 -35.53
N ARG F 973 -20.17 -5.18 -35.99
CA ARG F 973 -19.88 -3.78 -36.20
C ARG F 973 -20.89 -3.16 -37.17
N LYS F 974 -21.17 -3.87 -38.28
CA LYS F 974 -22.14 -3.35 -39.24
C LYS F 974 -23.56 -3.36 -38.67
N GLN F 975 -23.83 -4.14 -37.63
CA GLN F 975 -25.17 -4.32 -37.10
C GLN F 975 -25.47 -3.38 -35.93
N ASN F 976 -24.81 -2.22 -35.87
CA ASN F 976 -25.10 -1.17 -34.90
C ASN F 976 -25.24 -1.75 -33.49
N VAL F 977 -24.15 -2.31 -33.00
CA VAL F 977 -24.10 -2.93 -31.69
C VAL F 977 -23.18 -2.12 -30.79
N VAL F 978 -23.43 -2.21 -29.48
CA VAL F 978 -22.64 -1.52 -28.47
C VAL F 978 -22.01 -2.57 -27.57
N PRO F 979 -20.74 -2.90 -27.78
CA PRO F 979 -20.11 -3.95 -26.98
C PRO F 979 -19.87 -3.51 -25.54
N THR F 980 -19.64 -4.51 -24.69
CA THR F 980 -19.28 -4.28 -23.30
C THR F 980 -18.76 -5.59 -22.71
N VAL F 981 -17.63 -5.54 -22.01
CA VAL F 981 -16.93 -6.74 -21.57
C VAL F 981 -16.66 -6.66 -20.08
N VAL F 982 -16.83 -7.80 -19.40
CA VAL F 982 -16.55 -7.92 -17.98
C VAL F 982 -15.63 -9.13 -17.83
N ALA F 983 -14.32 -8.89 -17.88
CA ALA F 983 -13.35 -9.97 -17.77
C ALA F 983 -13.11 -10.33 -16.30
N VAL F 984 -12.80 -11.59 -16.07
CA VAL F 984 -12.57 -12.11 -14.72
C VAL F 984 -11.22 -12.81 -14.71
N GLY F 985 -10.42 -12.53 -13.70
CA GLY F 985 -9.12 -13.17 -13.56
C GLY F 985 -8.02 -12.38 -14.26
N SER F 986 -6.80 -12.53 -13.74
CA SER F 986 -5.66 -11.85 -14.33
C SER F 986 -5.36 -12.38 -15.72
N ASP F 987 -5.48 -13.69 -15.92
CA ASP F 987 -5.16 -14.33 -17.20
C ASP F 987 -6.19 -13.91 -18.23
N VAL F 988 -5.83 -12.98 -19.11
CA VAL F 988 -6.70 -12.53 -20.18
C VAL F 988 -5.84 -12.12 -21.36
N ASP F 989 -6.33 -12.37 -22.57
CA ASP F 989 -5.64 -11.97 -23.78
C ASP F 989 -6.14 -10.60 -24.24
N THR F 990 -5.20 -9.67 -24.43
CA THR F 990 -5.58 -8.32 -24.81
C THR F 990 -6.18 -8.26 -26.21
N ASP F 991 -5.77 -9.17 -27.10
CA ASP F 991 -6.21 -9.12 -28.49
C ASP F 991 -7.71 -9.31 -28.60
N VAL F 992 -8.25 -10.33 -27.94
CA VAL F 992 -9.68 -10.59 -28.04
C VAL F 992 -10.48 -9.45 -27.44
N LEU F 993 -10.04 -8.96 -26.27
CA LEU F 993 -10.74 -7.85 -25.65
C LEU F 993 -10.75 -6.63 -26.57
N SER F 994 -9.60 -6.31 -27.16
CA SER F 994 -9.54 -5.17 -28.06
C SER F 994 -10.46 -5.36 -29.25
N LYS F 995 -10.47 -6.56 -29.84
CA LYS F 995 -11.31 -6.79 -31.01
C LYS F 995 -12.79 -6.64 -30.66
N ILE F 996 -13.21 -7.22 -29.54
CA ILE F 996 -14.62 -7.12 -29.17
C ILE F 996 -14.96 -5.71 -28.70
N SER F 997 -14.03 -5.05 -28.02
CA SER F 997 -14.29 -3.69 -27.54
C SER F 997 -14.43 -2.68 -28.66
N LEU F 998 -14.08 -3.05 -29.90
CA LEU F 998 -14.16 -2.13 -31.04
C LEU F 998 -13.36 -0.86 -30.76
N GLY F 999 -12.08 -1.07 -30.46
CA GLY F 999 -11.17 0.05 -30.29
C GLY F 999 -11.53 0.99 -29.17
N ASP F 1000 -11.86 0.46 -28.00
CA ASP F 1000 -12.11 1.29 -26.83
C ASP F 1000 -11.21 0.86 -25.68
N PRO F 1001 -10.63 1.80 -24.93
CA PRO F 1001 -9.77 1.40 -23.80
C PRO F 1001 -10.55 1.22 -22.49
N ALA F 1002 -11.71 1.85 -22.38
CA ALA F 1002 -12.47 1.87 -21.15
C ALA F 1002 -13.78 1.09 -21.24
N ALA F 1003 -13.98 0.35 -22.32
CA ALA F 1003 -15.18 -0.46 -22.50
C ALA F 1003 -15.03 -1.85 -21.90
N VAL F 1004 -14.11 -2.04 -20.96
CA VAL F 1004 -13.87 -3.33 -20.33
C VAL F 1004 -13.74 -3.12 -18.83
N PHE F 1005 -14.43 -3.97 -18.06
CA PHE F 1005 -14.28 -4.03 -16.62
C PHE F 1005 -13.50 -5.28 -16.25
N ARG F 1006 -12.81 -5.22 -15.11
CA ARG F 1006 -11.99 -6.32 -14.64
C ARG F 1006 -12.40 -6.69 -13.22
N GLU F 1007 -12.60 -7.98 -12.97
CA GLU F 1007 -12.93 -8.48 -11.63
C GLU F 1007 -11.99 -9.61 -11.28
N LYS F 1008 -11.36 -9.52 -10.11
CA LYS F 1008 -10.30 -10.47 -9.76
C LYS F 1008 -10.84 -11.89 -9.67
N ASP F 1009 -12.00 -12.08 -9.05
CA ASP F 1009 -12.59 -13.40 -8.90
C ASP F 1009 -14.06 -13.34 -9.30
N TYR F 1010 -14.57 -14.47 -9.80
CA TYR F 1010 -15.96 -14.52 -10.20
C TYR F 1010 -16.89 -14.18 -9.04
N ASP F 1011 -16.50 -14.53 -7.82
CA ASP F 1011 -17.33 -14.19 -6.67
C ASP F 1011 -17.54 -12.69 -6.55
N SER F 1012 -16.57 -11.89 -7.01
CA SER F 1012 -16.71 -10.44 -6.94
C SER F 1012 -17.88 -9.94 -7.78
N LEU F 1013 -18.41 -10.78 -8.68
CA LEU F 1013 -19.62 -10.39 -9.41
C LEU F 1013 -20.75 -10.07 -8.46
N ALA F 1014 -20.72 -10.65 -7.25
CA ALA F 1014 -21.69 -10.33 -6.21
C ALA F 1014 -21.28 -9.13 -5.36
N GLN F 1015 -20.09 -8.59 -5.57
CA GLN F 1015 -19.65 -7.42 -4.81
C GLN F 1015 -20.58 -6.25 -5.12
N PRO F 1016 -21.16 -5.60 -4.10
CA PRO F 1016 -22.09 -4.50 -4.39
C PRO F 1016 -21.46 -3.39 -5.23
N GLY F 1017 -20.18 -3.08 -5.02
CA GLY F 1017 -19.57 -2.00 -5.77
C GLY F 1017 -19.53 -2.27 -7.27
N PHE F 1018 -19.06 -3.46 -7.64
CA PHE F 1018 -19.00 -3.79 -9.06
C PHE F 1018 -20.39 -3.89 -9.67
N PHE F 1019 -21.34 -4.45 -8.92
CA PHE F 1019 -22.71 -4.54 -9.42
C PHE F 1019 -23.28 -3.15 -9.69
N ASP F 1020 -23.08 -2.23 -8.75
CA ASP F 1020 -23.55 -0.87 -8.95
C ASP F 1020 -22.88 -0.22 -10.14
N ARG F 1021 -21.57 -0.41 -10.29
CA ARG F 1021 -20.86 0.17 -11.43
C ARG F 1021 -21.41 -0.39 -12.74
N PHE F 1022 -21.64 -1.70 -12.79
CA PHE F 1022 -22.12 -2.33 -14.03
C PHE F 1022 -23.52 -1.87 -14.37
N ILE F 1023 -24.42 -1.83 -13.39
CA ILE F 1023 -25.78 -1.38 -13.66
C ILE F 1023 -25.78 0.08 -14.08
N ARG F 1024 -24.88 0.89 -13.50
CA ARG F 1024 -24.77 2.28 -13.92
C ARG F 1024 -24.30 2.37 -15.36
N TRP F 1025 -23.28 1.58 -15.73
CA TRP F 1025 -22.74 1.65 -17.08
C TRP F 1025 -23.78 1.23 -18.11
N ILE F 1026 -24.43 0.09 -17.89
CA ILE F 1026 -25.42 -0.38 -18.85
C ILE F 1026 -26.58 0.61 -18.92
N CYS F 1027 -27.01 1.13 -17.78
CA CYS F 1027 -28.03 2.16 -17.74
C CYS F 1027 -27.67 3.22 -16.71
C1 NAG G . 20.15 -35.70 -35.09
C2 NAG G . 20.68 -34.35 -34.63
C3 NAG G . 21.37 -33.65 -35.80
C4 NAG G . 22.42 -34.56 -36.43
C5 NAG G . 21.87 -35.97 -36.70
C6 NAG G . 22.96 -36.97 -37.04
C7 NAG G . 19.77 -32.22 -33.78
C8 NAG G . 18.57 -31.53 -33.24
N2 NAG G . 19.62 -33.52 -34.10
O3 NAG G . 22.00 -32.46 -35.34
O4 NAG G . 22.93 -33.94 -37.61
O5 NAG G . 21.22 -36.48 -35.54
O6 NAG G . 22.91 -38.07 -36.14
O7 NAG G . 20.85 -31.64 -33.94
H3 NAG G . 20.70 -33.42 -36.48
H4 NAG G . 23.17 -34.64 -35.80
H5 NAG G . 21.21 -35.94 -37.42
H61 NAG G . 23.83 -36.53 -36.97
H62 NAG G . 22.83 -37.28 -37.95
H81 NAG G . 18.20 -30.94 -33.92
H82 NAG G . 18.81 -31.01 -32.45
H83 NAG G . 17.89 -32.19 -32.98
HN2 NAG G . 18.79 -33.90 -33.96
HO3 NAG G . 21.76 -31.78 -35.86
C1 NAG G . 22.57 -34.54 -38.87
C2 NAG G . 21.97 -33.47 -39.80
C3 NAG G . 21.66 -34.08 -41.17
C4 NAG G . 22.92 -34.73 -41.75
C5 NAG G . 23.46 -35.75 -40.76
C6 NAG G . 24.77 -36.37 -41.22
C7 NAG G . 20.46 -31.59 -39.33
C8 NAG G . 21.43 -30.73 -40.08
N2 NAG G . 20.76 -32.90 -39.22
O3 NAG G . 21.19 -33.06 -42.05
O4 NAG G . 22.61 -35.38 -42.98
O5 NAG G . 23.73 -35.12 -39.50
O6 NAG G . 25.20 -35.80 -42.44
O7 NAG G . 19.43 -31.13 -38.84
H3 NAG G . 20.97 -34.76 -41.07
H4 NAG G . 23.59 -34.04 -41.91
H5 NAG G . 22.80 -36.46 -40.63
H61 NAG G . 25.44 -36.23 -40.54
H62 NAG G . 24.63 -37.33 -41.35
H81 NAG G . 21.49 -31.01 -41.01
H82 NAG G . 22.31 -30.82 -39.67
H83 NAG G . 21.14 -29.80 -40.03
HN2 NAG G . 20.19 -33.44 -38.78
HO3 NAG G . 21.89 -32.66 -42.44
HO4 NAG G . 22.25 -34.79 -43.54
HO6 NAG G . 26.07 -35.62 -42.39
C1 FUC G . 24.03 -38.03 -35.23
C2 FUC G . 23.58 -37.40 -33.87
C3 FUC G . 22.65 -38.32 -33.07
C4 FUC G . 23.26 -39.70 -32.93
C5 FUC G . 23.62 -40.25 -34.31
C6 FUC G . 24.31 -41.59 -34.26
O2 FUC G . 22.98 -36.12 -34.04
O3 FUC G . 22.49 -37.79 -31.76
O4 FUC G . 24.42 -39.61 -32.15
O5 FUC G . 24.51 -39.35 -35.02
H5 FUC G . 22.68 -40.32 -34.88
H61 FUC G . 24.53 -41.95 -35.27
H62 FUC G . 23.69 -42.32 -33.75
H63 FUC G . 25.26 -41.50 -33.71
C1 NAG H . -2.19 -0.27 51.05
C2 NAG H . -2.81 1.13 50.98
C3 NAG H . -4.17 1.15 51.67
C4 NAG H . -5.07 0.08 51.06
C5 NAG H . -4.39 -1.28 51.23
C6 NAG H . -5.18 -2.42 50.63
C7 NAG H . -2.18 3.43 51.56
C8 NAG H . -1.15 4.30 52.24
N2 NAG H . -1.93 2.12 51.58
O3 NAG H . -4.78 2.43 51.51
O4 NAG H . -6.37 0.05 51.64
O5 NAG H . -3.13 -1.25 50.54
O6 NAG H . -4.35 -3.54 50.35
O7 NAG H . -3.18 3.89 51.04
H3 NAG H . -4.02 0.97 52.61
H4 NAG H . -5.16 0.25 50.10
H5 NAG H . -4.24 -1.45 52.17
H61 NAG H . -5.60 -2.12 49.79
H62 NAG H . -5.88 -2.69 51.25
H81 NAG H . -1.12 4.08 53.19
H82 NAG H . -1.41 5.24 52.12
H83 NAG H . -0.28 4.14 51.83
HN2 NAG H . -1.16 1.83 51.98
HO3 NAG H . -5.02 2.54 50.66
HO6 NAG H . -3.50 -3.33 50.55
C1 NAG H . -6.41 0.49 53.01
C2 NAG H . -7.89 0.65 53.39
C3 NAG H . -8.03 1.05 54.85
C4 NAG H . -7.29 0.07 55.73
C5 NAG H . -5.83 -0.06 55.27
C6 NAG H . -5.07 -1.11 56.04
C7 NAG H . -9.83 1.62 52.24
C8 NAG H . -10.33 2.70 51.34
N2 NAG H . -8.53 1.64 52.53
O3 NAG H . -9.40 1.08 55.20
O4 NAG H . -7.31 0.52 57.09
O5 NAG H . -5.80 -0.46 53.89
O6 NAG H . -5.60 -1.30 57.34
O7 NAG H . -10.59 0.77 52.71
H3 NAG H . -7.64 1.94 54.97
H4 NAG H . -7.71 -0.81 55.68
H5 NAG H . -5.39 0.80 55.38
H61 NAG H . -4.13 -0.83 56.12
H62 NAG H . -5.10 -1.95 55.56
H81 NAG H . -11.29 2.60 51.19
H82 NAG H . -9.87 2.65 50.48
H83 NAG H . -10.16 3.58 51.75
HN2 NAG H . -8.01 2.30 52.15
HO3 NAG H . -9.49 1.09 56.08
HO4 NAG H . -8.10 0.33 57.45
HO6 NAG H . -5.45 -0.58 57.83
C1 NAG I . 20.80 20.99 23.43
C2 NAG I . 19.80 20.92 22.29
C3 NAG I . 20.36 21.65 21.07
C4 NAG I . 20.73 23.08 21.44
C5 NAG I . 21.64 23.11 22.67
C6 NAG I . 21.88 24.50 23.19
C7 NAG I . 18.24 19.10 21.74
C8 NAG I . 17.16 20.13 21.87
N2 NAG I . 19.49 19.53 21.96
O3 NAG I . 19.39 21.63 20.03
O4 NAG I . 21.40 23.70 20.36
O5 NAG I . 21.05 22.36 23.75
O6 NAG I . 22.13 24.50 24.58
O7 NAG I . 17.99 17.93 21.46
H3 NAG I . 21.17 21.18 20.76
H4 NAG I . 19.90 23.57 21.63
H5 NAG I . 22.49 22.70 22.44
H61 NAG I . 21.10 25.06 23.00
H62 NAG I . 22.65 24.87 22.73
H81 NAG I . 17.31 20.85 21.22
H82 NAG I . 17.17 20.51 22.77
H83 NAG I . 16.29 19.72 21.70
HN2 NAG I . 20.17 18.93 21.88
HO3 NAG I . 19.59 20.98 19.45
HO6 NAG I . 21.37 24.37 25.02
C1 NAG I . 20.50 24.02 19.27
C2 NAG I . 21.18 25.00 18.31
C3 NAG I . 20.28 25.28 17.11
C4 NAG I . 19.85 23.98 16.44
C5 NAG I . 19.21 23.06 17.47
C6 NAG I . 18.85 21.71 16.91
C7 NAG I . 20.67 27.11 19.45
C8 NAG I . 21.25 28.34 20.11
N2 NAG I . 21.55 26.23 18.98
O3 NAG I . 20.98 26.10 16.17
O4 NAG I . 18.92 24.24 15.41
O5 NAG I . 20.12 22.83 18.56
O6 NAG I . 18.57 21.78 15.52
O7 NAG I . 19.46 26.94 19.35
H3 NAG I . 19.48 25.75 17.40
H4 NAG I . 20.63 23.54 16.07
H5 NAG I . 18.40 23.48 17.82
H61 NAG I . 18.07 21.35 17.38
H62 NAG I . 19.61 21.09 17.05
H81 NAG I . 21.61 28.93 19.42
H82 NAG I . 21.96 28.07 20.71
H83 NAG I . 20.54 28.80 20.61
HN2 NAG I . 22.44 26.42 19.07
HO3 NAG I . 20.51 26.15 15.42
HO4 NAG I . 19.15 23.80 14.67
HO6 NAG I . 18.22 21.01 15.25
C1 NAG J . 20.69 48.39 6.65
C2 NAG J . 20.84 47.85 5.27
C3 NAG J . 22.28 48.08 4.83
C4 NAG J . 22.72 49.53 5.07
C5 NAG J . 22.11 50.21 6.30
C6 NAG J . 21.96 51.71 6.09
C7 NAG J . 19.90 45.87 4.16
C8 NAG J . 19.52 46.79 3.03
N2 NAG J . 20.53 46.42 5.20
O3 NAG J . 22.40 47.77 3.44
O4 NAG J . 24.14 49.46 5.27
O5 NAG J . 20.78 49.75 6.62
O6 NAG J . 20.61 52.05 5.82
O7 NAG J . 19.64 44.67 4.13
H3 NAG J . 22.86 47.48 5.33
H4 NAG J . 22.55 50.06 4.27
H5 NAG J . 22.68 50.06 7.07
H61 NAG J . 22.52 52.00 5.34
H62 NAG J . 22.24 52.17 6.91
H81 NAG J . 19.02 46.29 2.36
H82 NAG J . 20.34 47.15 2.62
H83 NAG J . 18.97 47.52 3.38
HN2 NAG J . 20.77 45.91 5.90
HO3 NAG J . 23.25 47.55 3.26
C1 NAG J . 24.80 50.72 5.46
C2 NAG J . 26.15 50.41 6.11
C3 NAG J . 26.96 51.70 6.29
C4 NAG J . 27.09 52.42 4.95
C5 NAG J . 25.71 52.64 4.34
C6 NAG J . 25.77 53.24 2.96
C7 NAG J . 26.60 48.61 7.71
C8 NAG J . 27.52 48.04 6.67
N2 NAG J . 25.97 49.74 7.39
O3 NAG J . 28.25 51.38 6.80
O4 NAG J . 27.74 53.67 5.14
O5 NAG J . 25.02 51.39 4.22
O6 NAG J . 26.53 52.42 2.07
O7 NAG J . 26.43 48.06 8.81
H3 NAG J . 26.50 52.28 6.92
H4 NAG J . 27.62 51.87 4.34
H5 NAG J . 25.20 53.23 4.92
H61 NAG J . 26.19 54.13 3.01
H62 NAG J . 24.87 53.34 2.61
H81 NAG J . 27.92 47.21 7.01
H82 NAG J . 28.23 48.68 6.47
H83 NAG J . 27.01 47.85 5.86
HN2 NAG J . 25.41 50.11 8.00
HO3 NAG J . 28.53 52.05 7.31
HO4 NAG J . 28.37 53.77 4.54
HO6 NAG J . 26.19 51.61 2.07
C1 FUC J . 20.47 52.49 4.44
C2 FUC J . 19.67 51.42 3.66
C3 FUC J . 18.25 51.32 4.18
C4 FUC J . 17.59 52.69 4.12
C5 FUC J . 18.43 53.72 4.87
C6 FUC J . 17.91 55.14 4.73
O2 FUC J . 20.30 50.15 3.69
O3 FUC J . 17.50 50.45 3.35
O4 FUC J . 17.45 53.09 2.77
O5 FUC J . 19.79 53.73 4.40
H5 FUC J . 18.44 53.41 5.93
H61 FUC J . 18.54 55.82 5.30
H62 FUC J . 16.89 55.20 5.08
H63 FUC J . 17.94 55.44 3.67
C1 NAG K . -6.16 -16.82 -33.16
C2 NAG K . -5.66 -16.89 -34.61
C3 NAG K . -4.16 -17.18 -34.63
C4 NAG K . -3.39 -16.20 -33.76
C5 NAG K . -3.99 -16.16 -32.35
C6 NAG K . -3.38 -15.09 -31.48
C7 NAG K . -6.27 -19.19 -35.22
C8 NAG K . -7.10 -20.04 -36.12
N2 NAG K . -6.39 -17.86 -35.39
O3 NAG K . -3.70 -17.09 -35.97
O4 NAG K . -2.01 -16.55 -33.75
O5 NAG K . -5.39 -15.86 -32.43
O6 NAG K . -4.36 -14.20 -30.97
O7 NAG K . -5.54 -19.68 -34.37
H3 NAG K . -3.99 -18.08 -34.30
H4 NAG K . -3.48 -15.31 -34.15
H5 NAG K . -3.90 -17.03 -31.91
H61 NAG K . -2.73 -14.59 -32.00
H62 NAG K . -2.92 -15.51 -30.73
H81 NAG K . -7.03 -20.97 -35.84
H82 NAG K . -6.78 -19.96 -37.04
H83 NAG K . -8.03 -19.75 -36.07
HN2 NAG K . -6.95 -17.56 -36.03
HO3 NAG K . -3.86 -17.85 -36.40
HO6 NAG K . -4.06 -13.82 -30.22
C1 NAG K . -1.51 -17.17 -32.53
C2 NAG K . -0.56 -18.32 -32.88
C3 NAG K . 0.01 -18.93 -31.60
C4 NAG K . 0.64 -17.86 -30.74
C5 NAG K . -0.34 -16.74 -30.48
C6 NAG K . 0.25 -15.58 -29.72
C7 NAG K . -0.63 -20.44 -34.13
C8 NAG K . -1.49 -21.38 -34.94
N2 NAG K . -1.24 -19.34 -33.68
O3 NAG K . 0.99 -19.92 -31.95
O4 NAG K . 1.06 -18.42 -29.50
O5 NAG K . -0.82 -16.21 -31.73
O6 NAG K . 0.54 -15.94 -28.37
O7 NAG K . 0.55 -20.67 -33.92
H3 NAG K . -0.71 -19.36 -31.11
H4 NAG K . 1.43 -17.50 -31.20
H5 NAG K . -1.10 -17.09 -29.98
H61 NAG K . -0.38 -14.84 -29.72
H62 NAG K . 1.08 -15.30 -30.16
H81 NAG K . -0.95 -22.14 -35.22
H82 NAG K . -1.85 -20.92 -35.71
H83 NAG K . -2.23 -21.70 -34.37
HN2 NAG K . -2.13 -19.23 -33.87
HO3 NAG K . 1.11 -20.46 -31.25
HO4 NAG K . 0.60 -18.05 -28.84
HO6 NAG K . 0.72 -15.21 -27.90
C1 NAG L . -44.98 -15.30 -17.84
C2 NAG L . -44.35 -16.62 -18.31
C3 NAG L . -44.91 -17.80 -17.53
C4 NAG L . -44.77 -17.56 -16.03
C5 NAG L . -45.47 -16.25 -15.68
C6 NAG L . -45.37 -15.89 -14.21
C7 NAG L . -45.71 -16.91 -20.35
C8 NAG L . -46.92 -16.81 -19.48
N2 NAG L . -44.53 -16.82 -19.74
O3 NAG L . -44.22 -18.99 -17.88
O4 NAG L . -45.27 -18.66 -15.30
O5 NAG L . -44.85 -15.18 -16.40
O6 NAG L . -45.86 -14.59 -13.96
O7 NAG L . -45.79 -17.08 -21.57
C1 NAG L . -46.69 -18.61 -15.02
C2 NAG L . -47.38 -19.71 -15.84
C3 NAG L . -48.87 -19.78 -15.49
C4 NAG L . -49.05 -19.89 -13.97
C5 NAG L . -48.28 -18.80 -13.26
C6 NAG L . -48.31 -18.95 -11.75
C7 NAG L . -47.33 -20.44 -18.18
C8 NAG L . -47.12 -20.03 -19.60
N2 NAG L . -47.21 -19.48 -17.27
O3 NAG L . -49.41 -20.92 -16.14
O4 NAG L . -50.42 -19.76 -13.60
O5 NAG L . -46.89 -18.85 -13.65
O6 NAG L . -48.71 -20.26 -11.38
O7 NAG L . -47.60 -21.60 -17.87
C1 BMA L . -51.34 -19.94 -14.71
C2 BMA L . -52.63 -20.58 -14.14
C3 BMA L . -53.70 -20.65 -15.23
C4 BMA L . -53.86 -19.29 -15.94
C5 BMA L . -52.50 -18.82 -16.47
C6 BMA L . -52.58 -17.49 -17.17
O2 BMA L . -53.17 -19.78 -13.08
O3 BMA L . -54.95 -21.08 -14.70
O4 BMA L . -54.77 -19.43 -17.02
O5 BMA L . -51.62 -18.69 -15.35
O6 BMA L . -51.34 -17.26 -17.82
C1 NAG M . 18.19 -35.15 32.13
C2 NAG M . 17.77 -33.70 32.33
C3 NAG M . 17.27 -33.11 31.01
C4 NAG M . 18.31 -33.31 29.91
C5 NAG M . 18.71 -34.78 29.82
C6 NAG M . 19.82 -35.02 28.83
C7 NAG M . 15.60 -34.25 33.32
C8 NAG M . 14.67 -34.01 34.48
N2 NAG M . 16.76 -33.58 33.36
O3 NAG M . 17.00 -31.73 31.19
O4 NAG M . 17.77 -32.89 28.66
O5 NAG M . 19.18 -35.23 31.09
O6 NAG M . 20.20 -33.82 28.16
O7 NAG M . 15.31 -35.01 32.41
H3 NAG M . 16.44 -33.56 30.75
H4 NAG M . 19.10 -32.77 30.12
H5 NAG M . 17.92 -35.30 29.56
H61 NAG M . 19.51 -35.67 28.16
H62 NAG M . 20.59 -35.40 29.30
H81 NAG M . 13.85 -34.54 34.36
H82 NAG M . 14.43 -33.06 34.52
H83 NAG M . 15.10 -34.26 35.31
HN2 NAG M . 16.92 -33.03 34.06
HO3 NAG M . 16.40 -31.46 30.59
HO4 NAG M . 18.42 -32.90 28.04
HO6 NAG M . 20.90 -33.99 27.65
C1 NAG N . -38.28 28.15 -18.55
C2 NAG N . -37.99 26.69 -18.89
C3 NAG N . -36.90 26.14 -17.98
C4 NAG N . -35.67 27.04 -18.00
C5 NAG N . -36.07 28.49 -17.70
C6 NAG N . -34.92 29.46 -17.81
C7 NAG N . -40.11 25.82 -19.77
C8 NAG N . -41.29 24.92 -19.50
N2 NAG N . -39.19 25.88 -18.80
O3 NAG N . -36.55 24.83 -18.39
O4 NAG N . -34.73 26.61 -17.04
O5 NAG N . -37.08 28.92 -18.63
O6 NAG N . -34.07 29.14 -18.90
O7 NAG N . -40.01 26.46 -20.80
H3 NAG N . -37.24 26.10 -17.06
H4 NAG N . -35.27 27.01 -18.89
H5 NAG N . -36.44 28.53 -16.80
H61 NAG N . -34.41 29.44 -16.99
H62 NAG N . -35.28 30.36 -17.94
H81 NAG N . -41.89 24.96 -20.26
H82 NAG N . -41.74 25.23 -18.70
H83 NAG N . -40.97 24.00 -19.37
HN2 NAG N . -39.31 25.37 -18.05
HO3 NAG N . -35.86 24.54 -17.91
HO4 NAG N . -33.97 27.06 -17.14
HO6 NAG N . -33.56 29.83 -19.09
#